data_9PDH
#
_entry.id   9PDH
#
_cell.length_a   89.315
_cell.length_b   169.411
_cell.length_c   127.368
_cell.angle_alpha   90.000
_cell.angle_beta   90.000
_cell.angle_gamma   90.000
#
_symmetry.space_group_name_H-M   'P 21 21 21'
#
loop_
_entity.id
_entity.type
_entity.pdbx_description
1 polymer Adenosylhomocysteinase
2 non-polymer NICOTINAMIDE-ADENINE-DINUCLEOTIDE
3 non-polymer ADENOSINE
4 water water
#
_entity_poly.entity_id   1
_entity_poly.type   'polypeptide(L)'
_entity_poly.pdbx_seq_one_letter_code
;GHMSKPSYKVADISLAEWGRKAIIIAENEMPGLMACRKKYGPSKPLKGARITGCLHMTVQTAVLIETLVELGAQVQWSSC
NIFSTQDNAAAAIAATGVPVYAWKGETDEEYMWCIEQTLVFPDGQPLNMILDDGGDLTNLVHEKFPQYLKNIKGLSEETT
TGVHNLYKMFKEGRLGVPAINVNDSVTKSKFDNLYGCRESLIDGIKRATDVMIAGKVCCVAGYGDVGKGCAQALKGFGGR
VIVTEVDPINALQAAMEGYEVTTMEEASKEASIFVTTTGCRDIITSVHLQQMPDDAIVCNIGHFDIEIDVDWLNANAKEK
VNVKPQVDRYTMQSGKHIILLAEGRLVNLGCAHGHPSFVMSNSFTNQVLAQIELWTKSDKYAVGVHVLPKILDEEVASLH
LEKLGVKLTKLTEKQATYLGVSQTGPFKPDHYRY
;
_entity_poly.pdbx_strand_id   A,B,C,D
#
loop_
_chem_comp.id
_chem_comp.type
_chem_comp.name
_chem_comp.formula
ADN non-polymer ADENOSINE 'C10 H13 N5 O4'
NAD non-polymer NICOTINAMIDE-ADENINE-DINUCLEOTIDE 'C21 H27 N7 O14 P2'
#
# COMPACT_ATOMS: atom_id res chain seq x y z
N SER A 4 37.41 -33.42 -12.49
CA SER A 4 38.24 -32.34 -11.98
C SER A 4 39.49 -32.18 -12.82
N LYS A 5 39.53 -32.86 -13.97
CA LYS A 5 40.62 -32.63 -14.91
C LYS A 5 40.68 -31.18 -15.38
N PRO A 6 39.56 -30.50 -15.68
CA PRO A 6 39.66 -29.13 -16.20
C PRO A 6 39.98 -28.07 -15.16
N SER A 7 39.97 -28.39 -13.86
CA SER A 7 40.33 -27.40 -12.85
C SER A 7 39.26 -26.32 -12.69
N TYR A 8 38.61 -25.93 -13.79
CA TYR A 8 37.51 -24.99 -13.78
C TYR A 8 36.96 -24.86 -15.19
N LYS A 9 35.66 -24.67 -15.33
CA LYS A 9 35.04 -24.44 -16.62
C LYS A 9 34.02 -23.31 -16.47
N VAL A 10 34.32 -22.17 -17.08
CA VAL A 10 33.48 -20.98 -17.06
C VAL A 10 33.30 -20.48 -18.49
N ALA A 11 32.15 -19.84 -18.72
CA ALA A 11 31.81 -19.38 -20.07
C ALA A 11 32.91 -18.49 -20.65
N ASP A 12 33.18 -17.36 -19.99
CA ASP A 12 34.14 -16.39 -20.50
C ASP A 12 34.93 -15.83 -19.32
N ILE A 13 36.10 -16.42 -19.06
CA ILE A 13 36.97 -15.92 -18.00
C ILE A 13 37.37 -14.47 -18.25
N SER A 14 37.29 -14.02 -19.50
CA SER A 14 37.63 -12.65 -19.87
C SER A 14 36.71 -11.62 -19.22
N LEU A 15 35.63 -12.04 -18.57
CA LEU A 15 34.69 -11.15 -17.92
C LEU A 15 34.93 -11.04 -16.43
N ALA A 16 36.08 -11.53 -15.94
CA ALA A 16 36.33 -11.61 -14.51
C ALA A 16 36.50 -10.23 -13.89
N GLU A 17 37.22 -9.33 -14.58
CA GLU A 17 37.43 -8.01 -14.02
C GLU A 17 36.12 -7.30 -13.76
N TRP A 18 35.17 -7.42 -14.69
CA TRP A 18 33.84 -6.87 -14.48
C TRP A 18 33.17 -7.50 -13.27
N GLY A 19 33.23 -8.83 -13.16
CA GLY A 19 32.64 -9.49 -12.01
C GLY A 19 33.21 -8.99 -10.69
N ARG A 20 34.54 -8.87 -10.63
CA ARG A 20 35.19 -8.41 -9.41
C ARG A 20 34.69 -7.02 -9.01
N LYS A 21 34.61 -6.10 -9.98
CA LYS A 21 34.08 -4.78 -9.68
C LYS A 21 32.66 -4.87 -9.13
N ALA A 22 31.88 -5.83 -9.61
CA ALA A 22 30.51 -5.98 -9.15
C ALA A 22 30.43 -6.70 -7.81
N ILE A 23 31.37 -7.61 -7.54
CA ILE A 23 31.42 -8.26 -6.24
C ILE A 23 31.84 -7.27 -5.16
N ILE A 24 32.63 -6.26 -5.53
CA ILE A 24 33.06 -5.25 -4.56
C ILE A 24 31.87 -4.42 -4.10
N ILE A 25 30.97 -4.06 -5.01
CA ILE A 25 29.77 -3.34 -4.62
C ILE A 25 28.85 -4.24 -3.82
N ALA A 26 28.84 -5.54 -4.11
CA ALA A 26 28.01 -6.47 -3.37
C ALA A 26 28.48 -6.61 -1.92
N GLU A 27 29.81 -6.60 -1.71
CA GLU A 27 30.33 -6.73 -0.36
C GLU A 27 29.84 -5.59 0.53
N ASN A 28 29.76 -4.38 -0.03
CA ASN A 28 29.27 -3.26 0.77
C ASN A 28 27.79 -3.39 1.09
N GLU A 29 27.07 -4.23 0.36
CA GLU A 29 25.66 -4.49 0.62
C GLU A 29 25.44 -5.78 1.40
N MET A 30 26.49 -6.40 1.94
CA MET A 30 26.39 -7.71 2.60
C MET A 30 27.18 -7.69 3.90
N PRO A 31 26.70 -6.96 4.90
CA PRO A 31 27.49 -6.80 6.13
C PRO A 31 27.62 -8.08 6.94
N GLY A 32 26.63 -8.98 6.89
CA GLY A 32 26.73 -10.19 7.69
C GLY A 32 27.89 -11.07 7.26
N LEU A 33 28.05 -11.26 5.95
CA LEU A 33 29.19 -12.03 5.46
C LEU A 33 30.50 -11.32 5.79
N MET A 34 30.54 -9.99 5.64
CA MET A 34 31.74 -9.25 5.98
C MET A 34 32.07 -9.37 7.46
N ALA A 35 31.05 -9.28 8.32
CA ALA A 35 31.28 -9.45 9.75
C ALA A 35 31.76 -10.86 10.08
N CYS A 36 31.32 -11.86 9.31
CA CYS A 36 31.84 -13.20 9.51
C CYS A 36 33.32 -13.27 9.20
N ARG A 37 33.76 -12.61 8.12
CA ARG A 37 35.18 -12.51 7.82
C ARG A 37 35.93 -11.79 8.94
N LYS A 38 35.32 -10.74 9.52
CA LYS A 38 35.96 -10.00 10.58
C LYS A 38 36.13 -10.87 11.83
N LYS A 39 35.04 -11.54 12.23
CA LYS A 39 35.03 -12.31 13.47
C LYS A 39 35.85 -13.59 13.34
N TYR A 40 35.52 -14.41 12.33
CA TYR A 40 36.12 -15.73 12.19
C TYR A 40 37.36 -15.74 11.32
N GLY A 41 37.69 -14.61 10.68
CA GLY A 41 38.88 -14.50 9.88
C GLY A 41 40.12 -15.09 10.53
N PRO A 42 40.57 -14.47 11.63
CA PRO A 42 41.84 -14.92 12.23
C PRO A 42 41.80 -16.36 12.72
N SER A 43 40.68 -16.78 13.31
CA SER A 43 40.60 -18.12 13.85
C SER A 43 40.67 -19.19 12.75
N LYS A 44 40.30 -18.84 11.53
CA LYS A 44 40.20 -19.79 10.43
C LYS A 44 39.48 -21.06 10.90
N PRO A 45 38.21 -20.94 11.28
CA PRO A 45 37.53 -22.07 11.93
C PRO A 45 37.22 -23.22 10.99
N LEU A 46 36.91 -22.95 9.72
CA LEU A 46 36.69 -23.99 8.74
C LEU A 46 37.98 -24.47 8.09
N LYS A 47 39.11 -24.30 8.76
CA LYS A 47 40.37 -24.82 8.24
C LYS A 47 40.29 -26.33 8.11
N GLY A 48 40.87 -26.84 7.02
CA GLY A 48 40.74 -28.24 6.68
C GLY A 48 39.41 -28.63 6.07
N ALA A 49 38.51 -27.68 5.81
CA ALA A 49 37.20 -27.96 5.25
C ALA A 49 37.27 -27.92 3.72
N ARG A 50 36.90 -29.04 3.09
CA ARG A 50 36.71 -29.10 1.63
C ARG A 50 35.21 -29.05 1.41
N ILE A 51 34.70 -27.89 1.03
CA ILE A 51 33.27 -27.66 0.85
C ILE A 51 32.94 -27.68 -0.64
N THR A 52 31.94 -28.48 -0.99
CA THR A 52 31.34 -28.44 -2.31
C THR A 52 30.02 -27.70 -2.23
N GLY A 53 29.78 -26.80 -3.18
CA GLY A 53 28.58 -25.99 -3.20
C GLY A 53 27.82 -26.17 -4.49
N CYS A 54 26.48 -26.06 -4.38
CA CYS A 54 25.60 -26.16 -5.54
C CYS A 54 24.51 -25.09 -5.41
N LEU A 55 24.93 -23.84 -5.63
CA LEU A 55 24.04 -22.69 -5.61
C LEU A 55 24.30 -21.86 -6.85
N HIS A 56 23.24 -21.23 -7.36
CA HIS A 56 23.36 -20.30 -8.48
C HIS A 56 24.67 -19.53 -8.38
N MET A 57 25.47 -19.54 -9.46
CA MET A 57 26.78 -18.90 -9.45
C MET A 57 26.60 -17.42 -9.73
N THR A 58 26.31 -16.67 -8.66
CA THR A 58 25.97 -15.26 -8.74
C THR A 58 27.05 -14.41 -8.07
N VAL A 59 26.90 -13.08 -8.21
CA VAL A 59 27.80 -12.19 -7.48
C VAL A 59 27.59 -12.34 -5.99
N GLN A 60 26.35 -12.63 -5.57
CA GLN A 60 26.06 -12.87 -4.16
C GLN A 60 26.67 -14.19 -3.68
N THR A 61 26.49 -15.26 -4.48
CA THR A 61 27.12 -16.53 -4.13
C THR A 61 28.64 -16.39 -4.05
N ALA A 62 29.22 -15.46 -4.82
CA ALA A 62 30.67 -15.27 -4.84
C ALA A 62 31.17 -14.65 -3.54
N VAL A 63 30.41 -13.71 -2.97
CA VAL A 63 30.81 -13.16 -1.67
C VAL A 63 30.75 -14.25 -0.60
N LEU A 64 29.77 -15.16 -0.72
CA LEU A 64 29.71 -16.31 0.19
C LEU A 64 30.91 -17.23 -0.03
N ILE A 65 31.26 -17.49 -1.29
CA ILE A 65 32.40 -18.36 -1.59
C ILE A 65 33.67 -17.81 -0.94
N GLU A 66 33.95 -16.52 -1.15
CA GLU A 66 35.21 -15.97 -0.67
C GLU A 66 35.20 -15.74 0.83
N THR A 67 34.02 -15.59 1.44
CA THR A 67 33.94 -15.54 2.88
C THR A 67 34.29 -16.89 3.50
N LEU A 68 33.74 -17.97 2.96
CA LEU A 68 34.15 -19.30 3.41
C LEU A 68 35.64 -19.52 3.22
N VAL A 69 36.21 -18.96 2.15
CA VAL A 69 37.64 -19.12 1.91
C VAL A 69 38.45 -18.33 2.93
N GLU A 70 37.98 -17.12 3.27
CA GLU A 70 38.60 -16.37 4.36
C GLU A 70 38.63 -17.15 5.66
N LEU A 71 37.74 -18.13 5.82
CA LEU A 71 37.58 -18.86 7.07
C LEU A 71 38.32 -20.20 7.07
N GLY A 72 39.29 -20.35 6.17
CA GLY A 72 40.15 -21.52 6.12
C GLY A 72 39.72 -22.60 5.17
N ALA A 73 38.48 -22.54 4.68
CA ALA A 73 37.96 -23.61 3.83
C ALA A 73 38.53 -23.54 2.42
N GLN A 74 38.69 -24.70 1.80
CA GLN A 74 38.85 -24.81 0.36
C GLN A 74 37.51 -25.25 -0.22
N VAL A 75 37.03 -24.52 -1.23
CA VAL A 75 35.71 -24.74 -1.77
C VAL A 75 35.79 -24.93 -3.28
N GLN A 76 34.80 -25.67 -3.79
CA GLN A 76 34.56 -25.87 -5.22
C GLN A 76 33.06 -25.71 -5.44
N TRP A 77 32.67 -25.02 -6.52
CA TRP A 77 31.28 -24.63 -6.67
C TRP A 77 30.71 -24.98 -8.03
N SER A 78 29.43 -25.37 -8.02
CA SER A 78 28.61 -25.59 -9.20
C SER A 78 27.27 -24.90 -9.00
N SER A 79 26.57 -24.65 -10.09
CA SER A 79 25.28 -24.00 -10.00
C SER A 79 24.16 -25.04 -9.90
N CYS A 80 23.04 -24.63 -9.29
CA CYS A 80 21.88 -25.49 -9.16
C CYS A 80 20.83 -25.25 -10.23
N ASN A 81 21.04 -24.27 -11.11
CA ASN A 81 20.13 -24.04 -12.22
C ASN A 81 20.94 -23.76 -13.47
N ILE A 82 20.40 -24.16 -14.62
CA ILE A 82 21.14 -24.07 -15.87
C ILE A 82 21.23 -22.65 -16.39
N PHE A 83 20.30 -21.76 -15.99
CA PHE A 83 20.30 -20.39 -16.46
C PHE A 83 20.66 -19.38 -15.37
N SER A 84 20.87 -19.83 -14.12
CA SER A 84 21.03 -18.92 -13.00
C SER A 84 22.41 -18.30 -12.92
N THR A 85 23.43 -19.02 -13.39
CA THR A 85 24.79 -18.53 -13.28
C THR A 85 24.94 -17.17 -13.95
N GLN A 86 25.59 -16.24 -13.26
CA GLN A 86 26.01 -14.98 -13.84
C GLN A 86 27.46 -15.13 -14.29
N ASP A 87 27.69 -15.00 -15.59
CA ASP A 87 28.97 -15.43 -16.15
C ASP A 87 30.12 -14.55 -15.68
N ASN A 88 29.87 -13.27 -15.41
CA ASN A 88 30.95 -12.41 -14.96
C ASN A 88 31.44 -12.83 -13.59
N ALA A 89 30.53 -13.29 -12.73
CA ALA A 89 30.91 -13.69 -11.37
C ALA A 89 31.65 -15.03 -11.37
N ALA A 90 31.19 -15.99 -12.17
CA ALA A 90 31.91 -17.25 -12.29
C ALA A 90 33.35 -17.00 -12.74
N ALA A 91 33.55 -16.04 -13.65
CA ALA A 91 34.89 -15.75 -14.15
C ALA A 91 35.77 -15.14 -13.07
N ALA A 92 35.22 -14.23 -12.26
CA ALA A 92 36.01 -13.63 -11.19
C ALA A 92 36.49 -14.67 -10.20
N ILE A 93 35.60 -15.59 -9.82
CA ILE A 93 35.98 -16.63 -8.86
C ILE A 93 36.91 -17.65 -9.51
N ALA A 94 36.68 -17.97 -10.78
CA ALA A 94 37.55 -18.92 -11.47
C ALA A 94 38.99 -18.40 -11.54
N ALA A 95 39.16 -17.10 -11.82
CA ALA A 95 40.49 -16.51 -11.88
C ALA A 95 41.16 -16.52 -10.51
N THR A 96 40.37 -16.50 -9.44
CA THR A 96 40.91 -16.47 -8.09
C THR A 96 41.50 -17.80 -7.65
N GLY A 97 41.24 -18.89 -8.39
CA GLY A 97 41.76 -20.20 -8.07
C GLY A 97 40.71 -21.17 -7.55
N VAL A 98 39.67 -20.64 -6.91
CA VAL A 98 38.58 -21.54 -6.50
C VAL A 98 37.96 -22.18 -7.72
N PRO A 99 37.86 -23.50 -7.78
CA PRO A 99 37.36 -24.16 -9.00
C PRO A 99 35.86 -23.95 -9.16
N VAL A 100 35.48 -23.34 -10.27
CA VAL A 100 34.09 -23.00 -10.57
C VAL A 100 33.69 -23.70 -11.85
N TYR A 101 32.56 -24.40 -11.83
CA TYR A 101 32.10 -25.24 -12.95
C TYR A 101 30.65 -24.85 -13.29
N ALA A 102 30.47 -23.70 -13.94
CA ALA A 102 29.12 -23.18 -14.15
C ALA A 102 29.11 -22.14 -15.27
N TRP A 103 28.07 -22.20 -16.10
CA TRP A 103 27.84 -21.19 -17.14
C TRP A 103 26.34 -21.05 -17.38
N LYS A 104 25.92 -19.81 -17.69
CA LYS A 104 24.53 -19.59 -18.05
C LYS A 104 24.18 -20.41 -19.29
N GLY A 105 22.97 -20.94 -19.32
CA GLY A 105 22.52 -21.73 -20.46
C GLY A 105 23.23 -23.06 -20.59
N GLU A 106 23.46 -23.76 -19.49
CA GLU A 106 24.00 -25.10 -19.57
C GLU A 106 22.95 -26.06 -20.15
N THR A 107 23.42 -27.25 -20.51
CA THR A 107 22.54 -28.36 -20.84
C THR A 107 22.39 -29.25 -19.61
N ASP A 108 21.30 -30.01 -19.57
CA ASP A 108 21.09 -30.90 -18.43
C ASP A 108 22.29 -31.82 -18.25
N GLU A 109 22.85 -32.33 -19.35
CA GLU A 109 24.02 -33.19 -19.25
C GLU A 109 25.23 -32.44 -18.71
N GLU A 110 25.52 -31.26 -19.27
CA GLU A 110 26.60 -30.44 -18.74
C GLU A 110 26.36 -30.07 -17.29
N TYR A 111 25.10 -29.80 -16.94
CA TYR A 111 24.77 -29.42 -15.57
C TYR A 111 25.18 -30.50 -14.58
N MET A 112 24.90 -31.77 -14.90
CA MET A 112 25.28 -32.86 -14.01
C MET A 112 26.80 -33.03 -13.97
N TRP A 113 27.46 -32.95 -15.13
CA TRP A 113 28.92 -33.06 -15.18
C TRP A 113 29.58 -31.96 -14.36
N CYS A 114 29.00 -30.75 -14.33
CA CYS A 114 29.56 -29.67 -13.53
C CYS A 114 29.61 -30.04 -12.06
N ILE A 115 28.48 -30.50 -11.51
CA ILE A 115 28.42 -30.88 -10.11
C ILE A 115 29.37 -32.03 -9.81
N GLU A 116 29.56 -32.93 -10.79
CA GLU A 116 30.39 -34.09 -10.54
C GLU A 116 31.88 -33.74 -10.42
N GLN A 117 32.30 -32.63 -11.02
CA GLN A 117 33.69 -32.18 -10.87
C GLN A 117 33.96 -31.65 -9.48
N THR A 118 32.93 -31.11 -8.80
CA THR A 118 33.12 -30.44 -7.52
C THR A 118 33.36 -31.42 -6.39
N LEU A 119 33.11 -32.71 -6.60
CA LEU A 119 33.15 -33.68 -5.51
C LEU A 119 34.57 -33.95 -5.04
N VAL A 120 35.48 -34.22 -5.96
CA VAL A 120 36.87 -34.53 -5.64
C VAL A 120 37.72 -33.29 -5.93
N PHE A 121 38.45 -32.84 -4.92
CA PHE A 121 39.19 -31.59 -4.99
C PHE A 121 40.50 -31.83 -5.75
N PRO A 122 41.25 -30.77 -6.04
CA PRO A 122 42.41 -30.93 -6.94
C PRO A 122 43.48 -31.85 -6.41
N ASP A 123 43.57 -32.04 -5.09
CA ASP A 123 44.56 -32.94 -4.52
C ASP A 123 44.11 -34.40 -4.53
N GLY A 124 42.96 -34.69 -5.14
CA GLY A 124 42.45 -36.05 -5.22
C GLY A 124 41.64 -36.52 -4.04
N GLN A 125 41.29 -35.63 -3.10
CA GLN A 125 40.53 -35.97 -1.91
C GLN A 125 39.06 -35.59 -2.08
N PRO A 126 38.14 -36.38 -1.53
CA PRO A 126 36.72 -36.04 -1.64
C PRO A 126 36.30 -35.06 -0.56
N LEU A 127 35.12 -34.47 -0.79
CA LEU A 127 34.63 -33.37 0.02
C LEU A 127 34.23 -33.84 1.41
N ASN A 128 34.40 -32.96 2.40
CA ASN A 128 33.95 -33.22 3.75
C ASN A 128 32.72 -32.41 4.16
N MET A 129 32.26 -31.49 3.32
CA MET A 129 31.11 -30.63 3.65
C MET A 129 30.31 -30.36 2.37
N ILE A 130 28.99 -30.39 2.50
CA ILE A 130 28.07 -30.09 1.41
C ILE A 130 27.33 -28.79 1.74
N LEU A 131 27.23 -27.91 0.74
CA LEU A 131 26.36 -26.74 0.80
C LEU A 131 25.50 -26.74 -0.45
N ASP A 132 24.18 -26.71 -0.27
CA ASP A 132 23.27 -27.11 -1.34
C ASP A 132 22.04 -26.23 -1.40
N ASP A 133 21.49 -26.14 -2.62
CA ASP A 133 20.33 -25.33 -2.98
C ASP A 133 19.55 -26.18 -3.98
N GLY A 134 18.56 -26.90 -3.48
CA GLY A 134 17.73 -27.79 -4.30
C GLY A 134 17.92 -29.26 -4.04
N GLY A 135 18.94 -29.66 -3.28
CA GLY A 135 19.19 -31.05 -3.00
C GLY A 135 19.86 -31.85 -4.11
N ASP A 136 20.06 -31.26 -5.28
CA ASP A 136 20.64 -31.99 -6.40
C ASP A 136 22.00 -32.59 -6.04
N LEU A 137 22.91 -31.76 -5.53
CA LEU A 137 24.21 -32.26 -5.09
C LEU A 137 24.05 -33.27 -3.96
N THR A 138 23.20 -32.96 -2.98
CA THR A 138 22.97 -33.89 -1.88
C THR A 138 22.58 -35.27 -2.41
N ASN A 139 21.60 -35.32 -3.31
CA ASN A 139 21.14 -36.61 -3.80
C ASN A 139 22.19 -37.29 -4.68
N LEU A 140 22.99 -36.52 -5.42
CA LEU A 140 24.07 -37.13 -6.19
C LEU A 140 25.02 -37.88 -5.26
N VAL A 141 25.40 -37.26 -4.15
CA VAL A 141 26.37 -37.91 -3.27
C VAL A 141 25.77 -39.14 -2.60
N HIS A 142 24.49 -39.09 -2.26
CA HIS A 142 23.87 -40.26 -1.65
C HIS A 142 23.62 -41.35 -2.69
N GLU A 143 22.94 -41.02 -3.79
CA GLU A 143 22.53 -42.02 -4.75
C GLU A 143 23.70 -42.54 -5.58
N LYS A 144 24.52 -41.64 -6.10
CA LYS A 144 25.81 -41.99 -6.66
C LYS A 144 26.89 -41.63 -5.64
N PHE A 145 28.06 -42.26 -5.80
CA PHE A 145 29.23 -41.98 -4.97
C PHE A 145 28.87 -41.98 -3.48
N PRO A 146 28.22 -43.01 -2.97
CA PRO A 146 27.81 -42.99 -1.55
C PRO A 146 28.93 -43.33 -0.57
N GLN A 147 30.13 -43.64 -1.06
CA GLN A 147 31.23 -43.96 -0.15
C GLN A 147 31.78 -42.72 0.55
N TYR A 148 31.54 -41.53 -0.01
CA TYR A 148 32.01 -40.28 0.60
C TYR A 148 31.19 -39.89 1.83
N LEU A 149 29.99 -40.43 2.00
CA LEU A 149 29.07 -39.93 3.03
C LEU A 149 29.66 -40.02 4.44
N LYS A 150 30.56 -40.98 4.67
CA LYS A 150 31.16 -41.12 6.01
C LYS A 150 32.28 -40.13 6.28
N ASN A 151 32.89 -39.56 5.26
CA ASN A 151 33.90 -38.52 5.46
C ASN A 151 33.35 -37.13 5.17
N ILE A 152 32.03 -36.98 5.27
CA ILE A 152 31.34 -35.70 5.15
C ILE A 152 30.70 -35.39 6.49
N LYS A 153 31.11 -34.28 7.11
CA LYS A 153 30.64 -33.96 8.45
C LYS A 153 29.22 -33.37 8.46
N GLY A 154 28.77 -32.76 7.37
CA GLY A 154 27.41 -32.26 7.34
C GLY A 154 27.08 -31.54 6.05
N LEU A 155 25.81 -31.11 5.96
CA LEU A 155 25.28 -30.39 4.80
C LEU A 155 24.30 -29.31 5.25
N SER A 156 24.30 -28.20 4.50
CA SER A 156 23.40 -27.07 4.71
C SER A 156 22.57 -26.81 3.46
N GLU A 157 21.26 -26.62 3.63
CA GLU A 157 20.35 -26.47 2.50
C GLU A 157 19.54 -25.19 2.62
N GLU A 158 19.37 -24.53 1.46
CA GLU A 158 18.85 -23.18 1.35
C GLU A 158 17.37 -23.11 1.02
N THR A 159 16.79 -24.20 0.54
CA THR A 159 15.60 -24.13 -0.27
C THR A 159 14.48 -24.94 0.38
N THR A 160 13.26 -24.42 0.28
CA THR A 160 12.11 -25.13 0.80
C THR A 160 11.97 -26.49 0.13
N THR A 161 12.12 -26.54 -1.19
CA THR A 161 12.18 -27.81 -1.90
C THR A 161 13.27 -28.71 -1.33
N GLY A 162 14.49 -28.18 -1.19
CA GLY A 162 15.58 -28.98 -0.68
C GLY A 162 15.27 -29.63 0.66
N VAL A 163 14.58 -28.90 1.54
CA VAL A 163 14.38 -29.42 2.89
C VAL A 163 13.20 -30.38 2.94
N HIS A 164 12.13 -30.12 2.17
CA HIS A 164 11.08 -31.13 2.05
C HIS A 164 11.69 -32.48 1.70
N ASN A 165 12.57 -32.48 0.70
CA ASN A 165 13.31 -33.69 0.33
C ASN A 165 14.19 -34.18 1.48
N LEU A 166 14.85 -33.25 2.18
CA LEU A 166 15.71 -33.62 3.30
C LEU A 166 14.91 -34.22 4.45
N TYR A 167 13.76 -33.62 4.77
CA TYR A 167 12.89 -34.20 5.79
C TYR A 167 12.36 -35.56 5.34
N LYS A 168 12.08 -35.72 4.04
CA LYS A 168 11.60 -36.98 3.51
C LYS A 168 12.69 -38.05 3.55
N MET A 169 13.94 -37.65 3.34
CA MET A 169 15.05 -38.59 3.40
C MET A 169 15.20 -39.18 4.79
N PHE A 170 14.98 -38.37 5.84
CA PHE A 170 15.14 -38.88 7.19
C PHE A 170 14.07 -39.90 7.54
N LYS A 171 12.82 -39.67 7.10
CA LYS A 171 11.79 -40.69 7.25
C LYS A 171 12.21 -42.00 6.60
N GLU A 172 12.71 -41.92 5.36
CA GLU A 172 13.10 -43.10 4.60
C GLU A 172 14.40 -43.72 5.08
N GLY A 173 15.03 -43.16 6.11
CA GLY A 173 16.29 -43.68 6.59
C GLY A 173 17.46 -43.46 5.68
N ARG A 174 17.34 -42.57 4.70
CA ARG A 174 18.37 -42.41 3.69
C ARG A 174 19.33 -41.27 3.98
N LEU A 175 18.98 -40.34 4.86
CA LEU A 175 19.87 -39.23 5.21
C LEU A 175 21.12 -39.76 5.93
N GLY A 176 22.30 -39.51 5.37
CA GLY A 176 23.54 -40.06 5.89
C GLY A 176 24.42 -39.07 6.64
N VAL A 177 23.99 -37.85 6.83
CA VAL A 177 24.78 -36.79 7.41
C VAL A 177 23.88 -35.87 8.22
N PRO A 178 24.37 -35.25 9.29
CA PRO A 178 23.57 -34.25 9.98
C PRO A 178 23.38 -33.03 9.10
N ALA A 179 22.13 -32.66 8.88
CA ALA A 179 21.74 -31.63 7.94
C ALA A 179 21.10 -30.46 8.66
N ILE A 180 21.62 -29.27 8.41
CA ILE A 180 21.04 -28.03 8.92
C ILE A 180 20.16 -27.42 7.84
N ASN A 181 18.90 -27.17 8.21
CA ASN A 181 17.88 -26.60 7.33
C ASN A 181 18.01 -25.09 7.43
N VAL A 182 18.86 -24.51 6.58
CA VAL A 182 19.07 -23.07 6.58
C VAL A 182 17.83 -22.32 6.14
N ASN A 183 17.02 -22.94 5.27
CA ASN A 183 15.86 -22.24 4.73
C ASN A 183 14.90 -21.80 5.83
N ASP A 184 14.67 -22.66 6.81
CA ASP A 184 13.62 -22.39 7.77
C ASP A 184 14.11 -21.61 8.99
N SER A 185 15.34 -21.10 8.95
CA SER A 185 15.70 -19.99 9.81
C SER A 185 14.83 -18.79 9.46
N VAL A 186 14.43 -18.02 10.48
CA VAL A 186 13.50 -16.93 10.23
C VAL A 186 14.14 -15.87 9.36
N THR A 187 15.45 -15.63 9.54
CA THR A 187 16.14 -14.58 8.79
C THR A 187 16.39 -14.96 7.33
N LYS A 188 16.02 -16.18 6.91
CA LYS A 188 16.01 -16.58 5.53
C LYS A 188 14.60 -16.61 4.96
N SER A 189 13.71 -17.36 5.62
CA SER A 189 12.38 -17.62 5.09
C SER A 189 11.54 -16.35 5.02
N LYS A 190 11.55 -15.54 6.07
CA LYS A 190 10.68 -14.38 6.13
C LYS A 190 11.28 -13.15 5.45
N PHE A 191 12.50 -13.26 4.94
CA PHE A 191 13.17 -12.15 4.27
C PHE A 191 13.52 -12.49 2.83
N ASP A 192 14.24 -13.59 2.59
CA ASP A 192 14.65 -13.96 1.24
C ASP A 192 13.47 -14.41 0.38
N ASN A 193 12.69 -15.39 0.85
CA ASN A 193 11.55 -15.87 0.08
C ASN A 193 10.53 -14.77 -0.14
N LEU A 194 10.38 -13.85 0.81
CA LEU A 194 9.37 -12.82 0.74
C LEU A 194 9.91 -11.55 0.08
N TYR A 195 10.64 -10.75 0.85
CA TYR A 195 11.12 -9.46 0.39
C TYR A 195 11.98 -9.60 -0.87
N GLY A 196 12.76 -10.68 -0.98
CA GLY A 196 13.62 -10.84 -2.14
C GLY A 196 12.85 -11.18 -3.40
N CYS A 197 11.89 -12.09 -3.31
CA CYS A 197 11.08 -12.42 -4.48
C CYS A 197 10.19 -11.25 -4.89
N ARG A 198 9.88 -10.34 -3.98
CA ARG A 198 9.12 -9.14 -4.33
C ARG A 198 9.90 -8.28 -5.33
N GLU A 199 11.22 -8.21 -5.16
CA GLU A 199 12.01 -7.40 -6.06
C GLU A 199 12.57 -8.19 -7.24
N SER A 200 12.86 -9.48 -7.07
CA SER A 200 13.50 -10.24 -8.14
C SER A 200 12.52 -10.73 -9.19
N LEU A 201 11.26 -11.01 -8.83
CA LEU A 201 10.30 -11.48 -9.83
C LEU A 201 9.98 -10.39 -10.85
N ILE A 202 9.64 -9.20 -10.37
CA ILE A 202 9.31 -8.10 -11.28
C ILE A 202 10.51 -7.75 -12.16
N ASP A 203 11.72 -7.90 -11.62
CA ASP A 203 12.92 -7.61 -12.40
C ASP A 203 13.01 -8.53 -13.62
N GLY A 204 12.86 -9.84 -13.41
CA GLY A 204 13.04 -10.78 -14.49
C GLY A 204 11.98 -10.64 -15.56
N ILE A 205 10.72 -10.48 -15.16
CA ILE A 205 9.66 -10.23 -16.13
C ILE A 205 9.96 -8.97 -16.94
N LYS A 206 10.42 -7.91 -16.27
CA LYS A 206 10.67 -6.65 -16.95
C LYS A 206 11.81 -6.78 -17.95
N ARG A 207 12.94 -7.37 -17.54
CA ARG A 207 14.06 -7.51 -18.47
C ARG A 207 13.67 -8.39 -19.64
N ALA A 208 12.80 -9.38 -19.43
CA ALA A 208 12.42 -10.28 -20.51
C ALA A 208 11.38 -9.66 -21.43
N THR A 209 10.40 -8.97 -20.86
CA THR A 209 9.18 -8.57 -21.57
C THR A 209 8.99 -7.07 -21.68
N ASP A 210 9.36 -6.32 -20.64
CA ASP A 210 9.13 -4.87 -20.55
C ASP A 210 7.64 -4.52 -20.54
N VAL A 211 6.81 -5.45 -20.00
CA VAL A 211 5.37 -5.31 -19.98
C VAL A 211 4.92 -4.40 -18.84
N MET A 212 3.76 -3.77 -19.01
CA MET A 212 3.17 -2.93 -17.97
C MET A 212 2.48 -3.81 -16.95
N ILE A 213 2.82 -3.60 -15.67
CA ILE A 213 2.11 -4.32 -14.62
C ILE A 213 0.78 -3.66 -14.30
N ALA A 214 0.69 -2.33 -14.45
CA ALA A 214 -0.53 -1.61 -14.17
C ALA A 214 -1.65 -2.02 -15.12
N GLY A 215 -2.86 -2.16 -14.58
CA GLY A 215 -4.04 -2.51 -15.36
C GLY A 215 -4.19 -3.97 -15.67
N LYS A 216 -3.10 -4.73 -15.64
CA LYS A 216 -3.16 -6.14 -16.02
C LYS A 216 -3.77 -6.98 -14.91
N VAL A 217 -4.38 -8.09 -15.32
CA VAL A 217 -4.80 -9.13 -14.39
C VAL A 217 -3.69 -10.16 -14.31
N CYS A 218 -3.33 -10.53 -13.08
CA CYS A 218 -2.23 -11.44 -12.83
C CYS A 218 -2.69 -12.51 -11.86
N CYS A 219 -2.10 -13.70 -11.97
CA CYS A 219 -2.43 -14.81 -11.09
C CYS A 219 -1.16 -15.34 -10.46
N VAL A 220 -1.18 -15.50 -9.13
CA VAL A 220 -0.12 -16.15 -8.39
C VAL A 220 -0.65 -17.46 -7.87
N ALA A 221 0.01 -18.56 -8.25
CA ALA A 221 -0.32 -19.89 -7.75
C ALA A 221 0.54 -20.17 -6.54
N GLY A 222 -0.08 -20.20 -5.37
CA GLY A 222 0.59 -20.34 -4.09
C GLY A 222 0.57 -19.02 -3.34
N TYR A 223 0.44 -19.12 -2.02
CA TYR A 223 0.51 -17.93 -1.17
C TYR A 223 1.38 -18.21 0.06
N GLY A 224 2.52 -18.86 -0.16
CA GLY A 224 3.53 -18.96 0.87
C GLY A 224 4.44 -17.75 0.88
N ASP A 225 5.68 -17.95 1.33
CA ASP A 225 6.61 -16.84 1.41
C ASP A 225 6.85 -16.22 0.04
N VAL A 226 6.99 -17.05 -0.99
CA VAL A 226 7.23 -16.53 -2.33
C VAL A 226 5.99 -15.84 -2.87
N GLY A 227 4.84 -16.51 -2.79
CA GLY A 227 3.63 -15.98 -3.38
C GLY A 227 3.12 -14.72 -2.71
N LYS A 228 3.32 -14.62 -1.39
CA LYS A 228 2.98 -13.37 -0.71
C LYS A 228 3.77 -12.21 -1.30
N GLY A 229 5.09 -12.36 -1.40
CA GLY A 229 5.91 -11.29 -1.97
C GLY A 229 5.68 -11.10 -3.45
N CYS A 230 5.52 -12.19 -4.20
CA CYS A 230 5.23 -12.05 -5.62
C CYS A 230 3.92 -11.29 -5.84
N ALA A 231 2.92 -11.55 -5.01
CA ALA A 231 1.62 -10.91 -5.20
C ALA A 231 1.65 -9.44 -4.77
N GLN A 232 2.25 -9.15 -3.61
CA GLN A 232 2.39 -7.76 -3.20
C GLN A 232 3.11 -6.95 -4.27
N ALA A 233 4.17 -7.52 -4.85
CA ALA A 233 4.94 -6.83 -5.88
C ALA A 233 4.04 -6.34 -7.01
N LEU A 234 3.22 -7.24 -7.56
CA LEU A 234 2.42 -6.88 -8.72
C LEU A 234 1.28 -5.94 -8.35
N LYS A 235 0.70 -6.12 -7.17
CA LYS A 235 -0.40 -5.25 -6.75
C LYS A 235 0.09 -3.82 -6.55
N GLY A 236 1.31 -3.65 -6.07
CA GLY A 236 1.85 -2.32 -5.84
C GLY A 236 2.19 -1.55 -7.11
N PHE A 237 2.41 -2.25 -8.22
CA PHE A 237 2.61 -1.61 -9.51
C PHE A 237 1.31 -1.46 -10.28
N GLY A 238 0.16 -1.61 -9.61
CA GLY A 238 -1.13 -1.40 -10.22
C GLY A 238 -1.81 -2.64 -10.76
N GLY A 239 -1.28 -3.83 -10.51
CA GLY A 239 -1.90 -5.03 -11.02
C GLY A 239 -2.95 -5.60 -10.08
N ARG A 240 -3.89 -6.35 -10.66
CA ARG A 240 -4.90 -7.06 -9.90
C ARG A 240 -4.49 -8.53 -9.83
N VAL A 241 -4.20 -9.01 -8.62
CA VAL A 241 -3.67 -10.35 -8.41
C VAL A 241 -4.77 -11.28 -7.96
N ILE A 242 -4.87 -12.42 -8.64
CA ILE A 242 -5.70 -13.55 -8.24
C ILE A 242 -4.77 -14.63 -7.71
N VAL A 243 -5.16 -15.26 -6.60
CA VAL A 243 -4.32 -16.21 -5.90
C VAL A 243 -4.98 -17.59 -5.92
N THR A 244 -4.16 -18.62 -6.06
CA THR A 244 -4.60 -20.01 -5.97
C THR A 244 -3.94 -20.68 -4.76
N GLU A 245 -4.67 -21.58 -4.11
CA GLU A 245 -4.19 -22.16 -2.87
C GLU A 245 -4.85 -23.50 -2.61
N VAL A 246 -4.04 -24.47 -2.19
CA VAL A 246 -4.56 -25.74 -1.68
C VAL A 246 -4.65 -25.75 -0.17
N ASP A 247 -4.03 -24.78 0.52
CA ASP A 247 -4.08 -24.71 1.97
C ASP A 247 -5.09 -23.66 2.41
N PRO A 248 -6.05 -24.02 3.27
CA PRO A 248 -7.02 -23.02 3.74
C PRO A 248 -6.40 -21.87 4.52
N ILE A 249 -5.30 -22.10 5.23
CA ILE A 249 -4.74 -21.07 6.09
C ILE A 249 -4.13 -19.95 5.24
N ASN A 250 -3.28 -20.32 4.29
CA ASN A 250 -2.72 -19.32 3.39
C ASN A 250 -3.81 -18.63 2.58
N ALA A 251 -4.87 -19.38 2.22
CA ALA A 251 -5.95 -18.80 1.44
C ALA A 251 -6.72 -17.74 2.23
N LEU A 252 -7.03 -18.03 3.50
CA LEU A 252 -7.64 -17.00 4.34
C LEU A 252 -6.74 -15.77 4.42
N GLN A 253 -5.43 -15.99 4.60
CA GLN A 253 -4.48 -14.89 4.61
C GLN A 253 -4.61 -14.05 3.35
N ALA A 254 -4.51 -14.69 2.18
CA ALA A 254 -4.57 -13.95 0.93
C ALA A 254 -5.88 -13.18 0.81
N ALA A 255 -6.96 -13.73 1.34
CA ALA A 255 -8.26 -13.07 1.26
C ALA A 255 -8.29 -11.84 2.15
N MET A 256 -7.78 -11.95 3.38
CA MET A 256 -7.74 -10.81 4.29
C MET A 256 -6.84 -9.70 3.76
N GLU A 257 -6.08 -9.94 2.69
CA GLU A 257 -5.24 -8.94 2.08
C GLU A 257 -5.82 -8.38 0.79
N GLY A 258 -7.08 -8.70 0.50
CA GLY A 258 -7.77 -8.16 -0.67
C GLY A 258 -7.63 -8.97 -1.93
N TYR A 259 -6.79 -10.00 -1.95
CA TYR A 259 -6.62 -10.82 -3.15
C TYR A 259 -7.80 -11.77 -3.33
N GLU A 260 -8.28 -11.88 -4.56
CA GLU A 260 -9.26 -12.90 -4.89
C GLU A 260 -8.57 -14.26 -4.98
N VAL A 261 -9.11 -15.25 -4.27
CA VAL A 261 -8.59 -16.61 -4.29
C VAL A 261 -9.58 -17.46 -5.07
N THR A 262 -9.13 -18.02 -6.19
CA THR A 262 -9.94 -18.94 -6.97
C THR A 262 -9.03 -19.94 -7.66
N THR A 263 -9.66 -20.83 -8.42
CA THR A 263 -8.98 -21.90 -9.11
C THR A 263 -8.22 -21.39 -10.33
N MET A 264 -7.19 -22.15 -10.72
CA MET A 264 -6.48 -21.84 -11.95
C MET A 264 -7.40 -21.95 -13.15
N GLU A 265 -8.44 -22.79 -13.07
CA GLU A 265 -9.35 -22.96 -14.18
C GLU A 265 -10.12 -21.67 -14.46
N GLU A 266 -10.43 -20.88 -13.43
CA GLU A 266 -11.09 -19.60 -13.65
C GLU A 266 -10.09 -18.50 -13.97
N ALA A 267 -8.97 -18.45 -13.25
CA ALA A 267 -8.02 -17.36 -13.43
C ALA A 267 -7.30 -17.45 -14.76
N SER A 268 -7.00 -18.66 -15.23
CA SER A 268 -6.34 -18.82 -16.52
C SER A 268 -7.13 -18.17 -17.64
N LYS A 269 -8.40 -17.83 -17.42
CA LYS A 269 -9.19 -17.20 -18.45
C LYS A 269 -9.09 -15.68 -18.39
N GLU A 270 -8.99 -15.09 -17.19
CA GLU A 270 -8.98 -13.65 -17.04
C GLU A 270 -7.59 -13.04 -17.10
N ALA A 271 -6.59 -13.65 -16.46
CA ALA A 271 -5.31 -13.00 -16.24
C ALA A 271 -4.35 -13.18 -17.40
N SER A 272 -3.49 -12.17 -17.61
CA SER A 272 -2.48 -12.18 -18.67
C SER A 272 -1.07 -12.47 -18.16
N ILE A 273 -0.86 -12.52 -16.85
CA ILE A 273 0.45 -12.77 -16.26
C ILE A 273 0.30 -13.88 -15.24
N PHE A 274 1.16 -14.90 -15.33
CA PHE A 274 1.04 -16.12 -14.54
C PHE A 274 2.40 -16.47 -13.95
N VAL A 275 2.47 -16.57 -12.62
CA VAL A 275 3.71 -16.92 -11.93
C VAL A 275 3.42 -18.01 -10.91
N THR A 276 4.18 -19.10 -10.98
CA THR A 276 3.98 -20.30 -10.19
C THR A 276 4.92 -20.31 -9.00
N THR A 277 4.37 -20.46 -7.79
CA THR A 277 5.15 -20.29 -6.57
C THR A 277 4.98 -21.45 -5.59
N THR A 278 4.49 -22.60 -6.04
CA THR A 278 4.07 -23.63 -5.11
C THR A 278 5.15 -24.64 -4.77
N GLY A 279 6.05 -24.94 -5.70
CA GLY A 279 6.94 -26.07 -5.51
C GLY A 279 6.31 -27.40 -5.83
N CYS A 280 5.19 -27.39 -6.55
CA CYS A 280 4.37 -28.56 -6.80
C CYS A 280 4.15 -28.75 -8.30
N ARG A 281 3.95 -29.99 -8.70
CA ARG A 281 3.83 -30.32 -10.11
C ARG A 281 2.44 -29.94 -10.64
N ASP A 282 2.38 -29.65 -11.94
CA ASP A 282 1.14 -29.54 -12.69
C ASP A 282 0.27 -28.37 -12.22
N ILE A 283 0.88 -27.20 -12.07
CA ILE A 283 0.11 -26.02 -11.69
C ILE A 283 -0.57 -25.40 -12.90
N ILE A 284 0.18 -25.17 -13.97
CA ILE A 284 -0.36 -24.69 -15.23
C ILE A 284 -0.29 -25.84 -16.23
N THR A 285 -1.45 -26.22 -16.76
CA THR A 285 -1.60 -27.36 -17.66
C THR A 285 -2.10 -26.88 -19.02
N SER A 286 -2.23 -27.83 -19.94
CA SER A 286 -2.71 -27.54 -21.27
C SER A 286 -4.11 -26.91 -21.23
N VAL A 287 -4.96 -27.43 -20.35
CA VAL A 287 -6.30 -26.87 -20.17
C VAL A 287 -6.22 -25.37 -19.91
N HIS A 288 -5.44 -24.99 -18.90
CA HIS A 288 -5.31 -23.59 -18.53
C HIS A 288 -4.68 -22.78 -19.66
N LEU A 289 -3.63 -23.32 -20.29
CA LEU A 289 -2.90 -22.56 -21.30
C LEU A 289 -3.79 -22.18 -22.47
N GLN A 290 -4.67 -23.10 -22.90
CA GLN A 290 -5.54 -22.80 -24.04
C GLN A 290 -6.51 -21.68 -23.74
N GLN A 291 -6.97 -21.57 -22.49
CA GLN A 291 -7.91 -20.53 -22.11
C GLN A 291 -7.25 -19.18 -21.88
N MET A 292 -5.92 -19.12 -21.91
CA MET A 292 -5.25 -17.90 -21.49
C MET A 292 -5.35 -16.82 -22.56
N PRO A 293 -5.50 -15.56 -22.16
CA PRO A 293 -5.60 -14.47 -23.14
C PRO A 293 -4.37 -14.44 -24.05
N ASP A 294 -4.58 -13.85 -25.23
CA ASP A 294 -3.52 -13.73 -26.23
C ASP A 294 -2.32 -12.99 -25.64
N ASP A 295 -1.13 -13.54 -25.90
CA ASP A 295 0.14 -12.96 -25.42
C ASP A 295 0.19 -12.90 -23.88
N ALA A 296 -0.25 -13.97 -23.24
CA ALA A 296 -0.05 -14.11 -21.80
C ALA A 296 1.43 -14.39 -21.52
N ILE A 297 1.90 -13.87 -20.39
CA ILE A 297 3.26 -14.12 -19.91
C ILE A 297 3.17 -15.08 -18.73
N VAL A 298 3.85 -16.21 -18.84
CA VAL A 298 3.78 -17.29 -17.86
C VAL A 298 5.19 -17.58 -17.36
N CYS A 299 5.37 -17.58 -16.04
CA CYS A 299 6.67 -17.75 -15.44
C CYS A 299 6.56 -18.58 -14.16
N ASN A 300 7.72 -19.08 -13.72
CA ASN A 300 7.82 -19.91 -12.53
C ASN A 300 8.97 -19.41 -11.66
N ILE A 301 8.70 -19.25 -10.37
CA ILE A 301 9.67 -18.86 -9.37
C ILE A 301 9.94 -19.98 -8.39
N GLY A 302 9.49 -21.19 -8.69
CA GLY A 302 9.84 -22.35 -7.90
C GLY A 302 11.16 -22.94 -8.31
N HIS A 303 11.78 -23.68 -7.38
CA HIS A 303 13.14 -24.14 -7.61
C HIS A 303 13.25 -25.00 -8.85
N PHE A 304 12.23 -25.80 -9.16
CA PHE A 304 12.27 -26.74 -10.27
C PHE A 304 11.22 -26.38 -11.32
N ASP A 305 11.43 -26.85 -12.54
CA ASP A 305 10.58 -26.49 -13.69
C ASP A 305 9.50 -27.52 -13.90
N ILE A 306 8.73 -27.78 -12.84
CA ILE A 306 7.68 -28.78 -12.86
C ILE A 306 6.29 -28.17 -12.72
N GLU A 307 6.19 -26.89 -12.34
CA GLU A 307 4.89 -26.27 -12.12
C GLU A 307 4.17 -25.93 -13.43
N ILE A 308 4.90 -25.89 -14.54
CA ILE A 308 4.36 -25.62 -15.87
C ILE A 308 4.71 -26.78 -16.78
N ASP A 309 3.83 -27.08 -17.74
CA ASP A 309 4.05 -28.20 -18.66
C ASP A 309 4.60 -27.65 -19.98
N VAL A 310 5.92 -27.46 -20.00
CA VAL A 310 6.57 -26.97 -21.21
C VAL A 310 6.56 -28.03 -22.31
N ASP A 311 6.64 -29.32 -21.93
CA ASP A 311 6.64 -30.37 -22.93
C ASP A 311 5.39 -30.30 -23.80
N TRP A 312 4.23 -30.04 -23.20
CA TRP A 312 3.01 -29.91 -23.99
C TRP A 312 3.03 -28.65 -24.85
N LEU A 313 3.53 -27.54 -24.29
CA LEU A 313 3.58 -26.31 -25.06
C LEU A 313 4.43 -26.47 -26.31
N ASN A 314 5.59 -27.12 -26.17
CA ASN A 314 6.44 -27.38 -27.33
C ASN A 314 5.76 -28.33 -28.30
N ALA A 315 5.13 -29.39 -27.79
CA ALA A 315 4.60 -30.44 -28.66
C ALA A 315 3.36 -30.01 -29.41
N ASN A 316 2.53 -29.14 -28.84
CA ASN A 316 1.22 -28.87 -29.41
C ASN A 316 1.04 -27.45 -29.94
N ALA A 317 2.09 -26.63 -29.91
CA ALA A 317 2.02 -25.28 -30.45
C ALA A 317 2.37 -25.27 -31.94
N LYS A 318 1.75 -24.34 -32.66
CA LYS A 318 1.98 -24.20 -34.10
C LYS A 318 3.40 -23.70 -34.38
N GLU A 319 3.78 -22.61 -33.73
CA GLU A 319 5.08 -21.98 -33.90
C GLU A 319 5.71 -21.70 -32.54
N LYS A 320 7.04 -21.73 -32.51
CA LYS A 320 7.82 -21.24 -31.38
C LYS A 320 8.86 -20.27 -31.92
N VAL A 321 8.80 -19.03 -31.44
CA VAL A 321 9.68 -17.97 -31.90
C VAL A 321 10.49 -17.48 -30.71
N ASN A 322 11.81 -17.45 -30.86
CA ASN A 322 12.69 -16.94 -29.82
C ASN A 322 12.92 -15.46 -30.07
N VAL A 323 12.43 -14.62 -29.16
CA VAL A 323 12.69 -13.19 -29.20
C VAL A 323 14.12 -12.91 -28.74
N LYS A 324 14.40 -13.27 -27.50
CA LYS A 324 15.64 -13.05 -26.79
C LYS A 324 15.99 -14.34 -26.09
N PRO A 325 17.20 -14.44 -25.51
CA PRO A 325 17.50 -15.63 -24.69
C PRO A 325 16.53 -15.72 -23.53
N GLN A 326 16.02 -16.94 -23.30
CA GLN A 326 15.09 -17.22 -22.22
C GLN A 326 13.74 -16.52 -22.38
N VAL A 327 13.39 -16.14 -23.62
CA VAL A 327 12.09 -15.56 -23.93
C VAL A 327 11.57 -16.27 -25.19
N ASP A 328 10.42 -16.93 -25.07
CA ASP A 328 9.85 -17.70 -26.16
C ASP A 328 8.38 -17.30 -26.35
N ARG A 329 8.00 -17.00 -27.59
CA ARG A 329 6.61 -16.70 -27.92
C ARG A 329 6.04 -17.86 -28.71
N TYR A 330 5.05 -18.52 -28.13
CA TYR A 330 4.38 -19.66 -28.74
C TYR A 330 3.10 -19.19 -29.40
N THR A 331 2.95 -19.52 -30.69
CA THR A 331 1.71 -19.29 -31.41
C THR A 331 0.89 -20.56 -31.36
N MET A 332 -0.30 -20.48 -30.74
CA MET A 332 -1.12 -21.65 -30.56
C MET A 332 -1.98 -21.89 -31.79
N GLN A 333 -2.49 -23.13 -31.89
CA GLN A 333 -3.37 -23.46 -33.01
C GLN A 333 -4.58 -22.54 -33.07
N SER A 334 -4.99 -22.00 -31.91
CA SER A 334 -6.04 -20.99 -31.84
C SER A 334 -5.68 -19.69 -32.54
N GLY A 335 -4.39 -19.46 -32.79
CA GLY A 335 -3.88 -18.15 -33.19
C GLY A 335 -3.40 -17.29 -32.04
N LYS A 336 -3.84 -17.59 -30.82
CA LYS A 336 -3.38 -16.86 -29.65
C LYS A 336 -1.91 -17.17 -29.37
N HIS A 337 -1.27 -16.25 -28.65
CA HIS A 337 0.14 -16.34 -28.32
C HIS A 337 0.33 -16.47 -26.82
N ILE A 338 1.35 -17.23 -26.43
CA ILE A 338 1.77 -17.39 -25.05
C ILE A 338 3.25 -17.12 -24.98
N ILE A 339 3.68 -16.32 -24.01
CA ILE A 339 5.09 -15.98 -23.80
C ILE A 339 5.56 -16.72 -22.56
N LEU A 340 6.50 -17.65 -22.76
CA LEU A 340 7.09 -18.41 -21.66
C LEU A 340 8.47 -17.83 -21.33
N LEU A 341 8.72 -17.63 -20.05
CA LEU A 341 9.96 -17.02 -19.58
C LEU A 341 10.93 -18.10 -19.07
N ALA A 342 12.15 -18.08 -19.62
CA ALA A 342 13.23 -18.94 -19.19
C ALA A 342 12.88 -20.42 -19.27
N GLU A 343 12.06 -20.80 -20.26
CA GLU A 343 11.63 -22.19 -20.44
C GLU A 343 11.06 -22.80 -19.17
N GLY A 344 10.35 -21.95 -18.39
CA GLY A 344 9.67 -22.43 -17.20
C GLY A 344 10.50 -22.46 -15.93
N ARG A 345 11.82 -22.30 -16.03
CA ARG A 345 12.67 -22.34 -14.85
C ARG A 345 12.64 -20.98 -14.15
N LEU A 346 13.40 -20.86 -13.05
CA LEU A 346 13.30 -19.70 -12.17
C LEU A 346 13.54 -18.40 -12.94
N VAL A 347 12.52 -17.53 -12.95
CA VAL A 347 12.55 -16.36 -13.83
C VAL A 347 13.40 -15.22 -13.26
N ASN A 348 13.48 -15.07 -11.93
CA ASN A 348 14.34 -14.04 -11.36
C ASN A 348 15.80 -14.29 -11.70
N LEU A 349 16.23 -15.54 -11.56
CA LEU A 349 17.61 -15.89 -11.86
C LEU A 349 17.82 -16.14 -13.34
N GLY A 350 16.77 -16.54 -14.06
CA GLY A 350 16.87 -16.81 -15.48
C GLY A 350 16.82 -15.59 -16.37
N CYS A 351 15.98 -14.60 -16.03
CA CYS A 351 15.82 -13.41 -16.85
C CYS A 351 16.28 -12.14 -16.16
N ALA A 352 16.81 -12.24 -14.94
CA ALA A 352 17.43 -11.12 -14.24
C ALA A 352 18.60 -11.65 -13.44
N HIS A 353 18.94 -11.00 -12.32
CA HIS A 353 20.10 -11.42 -11.53
C HIS A 353 19.73 -11.88 -10.13
N GLY A 354 18.49 -12.31 -9.93
CA GLY A 354 18.09 -12.89 -8.65
C GLY A 354 17.84 -11.86 -7.56
N HIS A 355 17.81 -12.37 -6.32
CA HIS A 355 17.58 -11.51 -5.17
C HIS A 355 18.72 -10.49 -5.04
N PRO A 356 18.41 -9.28 -4.57
CA PRO A 356 19.48 -8.30 -4.33
C PRO A 356 20.41 -8.75 -3.21
N SER A 357 21.60 -8.13 -3.17
CA SER A 357 22.66 -8.63 -2.32
C SER A 357 22.33 -8.51 -0.84
N PHE A 358 21.58 -7.48 -0.45
CA PHE A 358 21.38 -7.25 0.99
C PHE A 358 20.57 -8.38 1.61
N VAL A 359 19.49 -8.81 0.96
CA VAL A 359 18.72 -9.91 1.49
C VAL A 359 19.52 -11.20 1.43
N MET A 360 20.37 -11.36 0.42
CA MET A 360 21.17 -12.57 0.33
C MET A 360 22.21 -12.65 1.43
N SER A 361 22.63 -11.53 1.99
CA SER A 361 23.51 -11.59 3.15
C SER A 361 22.84 -12.30 4.32
N ASN A 362 21.56 -11.98 4.56
CA ASN A 362 20.82 -12.69 5.59
C ASN A 362 20.87 -14.19 5.36
N SER A 363 20.60 -14.61 4.12
CA SER A 363 20.56 -16.04 3.83
C SER A 363 21.95 -16.66 3.96
N PHE A 364 22.97 -16.02 3.39
CA PHE A 364 24.29 -16.62 3.35
C PHE A 364 25.04 -16.51 4.67
N THR A 365 24.65 -15.57 5.54
CA THR A 365 25.21 -15.54 6.88
C THR A 365 24.72 -16.71 7.71
N ASN A 366 23.45 -17.10 7.56
CA ASN A 366 22.97 -18.35 8.12
C ASN A 366 23.76 -19.53 7.59
N GLN A 367 24.09 -19.51 6.29
CA GLN A 367 24.80 -20.62 5.68
C GLN A 367 26.19 -20.78 6.28
N VAL A 368 26.91 -19.67 6.46
CA VAL A 368 28.26 -19.74 7.00
C VAL A 368 28.24 -20.18 8.45
N LEU A 369 27.31 -19.66 9.25
CA LEU A 369 27.18 -20.11 10.63
C LEU A 369 26.88 -21.60 10.69
N ALA A 370 25.97 -22.06 9.84
CA ALA A 370 25.63 -23.49 9.81
C ALA A 370 26.85 -24.34 9.45
N GLN A 371 27.66 -23.87 8.50
CA GLN A 371 28.82 -24.65 8.10
C GLN A 371 29.84 -24.75 9.23
N ILE A 372 30.10 -23.64 9.93
CA ILE A 372 30.96 -23.68 11.11
C ILE A 372 30.41 -24.67 12.13
N GLU A 373 29.13 -24.52 12.49
CA GLU A 373 28.56 -25.38 13.53
C GLU A 373 28.77 -26.85 13.19
N LEU A 374 28.52 -27.24 11.93
CA LEU A 374 28.69 -28.63 11.54
C LEU A 374 30.16 -29.02 11.46
N TRP A 375 31.05 -28.08 11.11
CA TRP A 375 32.47 -28.40 11.02
C TRP A 375 33.20 -28.29 12.36
N THR A 376 32.79 -27.38 13.22
CA THR A 376 33.39 -27.20 14.53
C THR A 376 32.64 -28.04 15.59
N LYS A 377 31.36 -27.74 15.80
CA LYS A 377 30.55 -28.43 16.79
C LYS A 377 29.85 -29.64 16.17
N SER A 378 30.67 -30.52 15.59
CA SER A 378 30.15 -31.68 14.88
C SER A 378 29.37 -32.62 15.81
N ASP A 379 29.71 -32.63 17.10
CA ASP A 379 29.07 -33.53 18.06
C ASP A 379 27.72 -33.02 18.54
N LYS A 380 27.51 -31.70 18.48
CA LYS A 380 26.21 -31.08 18.76
C LYS A 380 25.14 -31.53 17.78
N TYR A 381 25.49 -32.33 16.77
CA TYR A 381 24.59 -32.62 15.64
C TYR A 381 24.69 -34.10 15.28
N ALA A 382 23.54 -34.78 15.30
CA ALA A 382 23.40 -36.15 14.83
C ALA A 382 22.70 -36.14 13.48
N VAL A 383 22.94 -37.20 12.67
CA VAL A 383 22.30 -37.21 11.37
C VAL A 383 20.82 -37.01 11.56
N GLY A 384 20.26 -36.16 10.71
CA GLY A 384 18.91 -35.64 10.89
C GLY A 384 18.89 -34.18 10.47
N VAL A 385 17.70 -33.69 10.14
CA VAL A 385 17.54 -32.34 9.64
C VAL A 385 17.26 -31.41 10.81
N HIS A 386 18.15 -30.43 11.01
CA HIS A 386 18.16 -29.53 12.13
C HIS A 386 18.07 -28.09 11.65
N VAL A 387 17.82 -27.18 12.60
CA VAL A 387 17.78 -25.75 12.33
C VAL A 387 18.74 -25.04 13.28
N LEU A 388 19.11 -23.82 12.90
CA LEU A 388 20.06 -23.09 13.71
C LEU A 388 19.38 -22.53 14.96
N PRO A 389 20.13 -22.30 16.04
CA PRO A 389 19.52 -21.81 17.27
C PRO A 389 18.99 -20.40 17.09
N LYS A 390 18.00 -20.06 17.92
CA LYS A 390 17.37 -18.75 17.83
C LYS A 390 18.35 -17.64 18.16
N ILE A 391 19.30 -17.89 19.06
CA ILE A 391 20.32 -16.89 19.36
C ILE A 391 21.16 -16.60 18.12
N LEU A 392 21.42 -17.63 17.29
CA LEU A 392 22.13 -17.39 16.04
C LEU A 392 21.25 -16.68 15.02
N ASP A 393 19.98 -17.11 14.89
CA ASP A 393 19.04 -16.41 14.03
C ASP A 393 18.95 -14.93 14.38
N GLU A 394 18.72 -14.62 15.66
CA GLU A 394 18.65 -13.23 16.08
C GLU A 394 19.93 -12.48 15.72
N GLU A 395 21.08 -13.16 15.82
CA GLU A 395 22.34 -12.51 15.48
C GLU A 395 22.39 -12.14 14.01
N VAL A 396 22.03 -13.11 13.13
CA VAL A 396 21.99 -12.81 11.70
C VAL A 396 21.29 -11.50 11.45
N ALA A 397 20.13 -11.31 12.09
CA ALA A 397 19.38 -10.08 11.92
C ALA A 397 20.14 -8.89 12.49
N SER A 398 20.72 -9.06 13.68
CA SER A 398 21.38 -7.93 14.34
C SER A 398 22.54 -7.40 13.52
N LEU A 399 23.20 -8.27 12.74
CA LEU A 399 24.36 -7.87 11.94
C LEU A 399 23.99 -7.02 10.74
N HIS A 400 22.69 -6.83 10.46
CA HIS A 400 22.27 -6.06 9.30
C HIS A 400 21.56 -4.76 9.67
N LEU A 401 21.31 -4.50 10.96
CA LEU A 401 20.53 -3.33 11.35
C LEU A 401 21.32 -2.04 11.17
N GLU A 402 22.64 -2.08 11.38
CA GLU A 402 23.45 -0.88 11.27
C GLU A 402 23.42 -0.34 9.83
N LYS A 403 23.61 -1.21 8.85
CA LYS A 403 23.56 -0.79 7.45
C LYS A 403 22.25 -0.06 7.15
N LEU A 404 21.14 -0.56 7.68
CA LEU A 404 19.84 0.06 7.43
C LEU A 404 19.55 1.23 8.36
N GLY A 405 20.42 1.54 9.31
CA GLY A 405 20.21 2.66 10.19
C GLY A 405 19.30 2.39 11.37
N VAL A 406 19.00 1.13 11.65
CA VAL A 406 18.05 0.77 12.70
C VAL A 406 18.67 0.98 14.07
N LYS A 407 17.94 1.69 14.94
CA LYS A 407 18.37 1.94 16.31
C LYS A 407 17.49 1.09 17.23
N LEU A 408 18.03 -0.04 17.67
CA LEU A 408 17.24 -1.01 18.41
C LEU A 408 17.14 -0.64 19.88
N THR A 409 15.96 -0.89 20.45
CA THR A 409 15.70 -0.64 21.87
C THR A 409 16.36 -1.71 22.74
N LYS A 410 17.07 -1.28 23.77
CA LYS A 410 17.69 -2.18 24.73
C LYS A 410 16.86 -2.22 26.00
N LEU A 411 16.51 -3.43 26.43
CA LEU A 411 15.62 -3.61 27.56
C LEU A 411 16.34 -3.36 28.88
N THR A 412 15.62 -2.75 29.82
CA THR A 412 16.10 -2.68 31.18
C THR A 412 16.01 -4.06 31.85
N GLU A 413 16.70 -4.19 32.98
CA GLU A 413 16.68 -5.46 33.71
C GLU A 413 15.27 -5.75 34.24
N LYS A 414 14.57 -4.72 34.72
CA LYS A 414 13.20 -4.89 35.17
C LYS A 414 12.29 -5.38 34.05
N GLN A 415 12.35 -4.70 32.89
CA GLN A 415 11.62 -5.15 31.72
C GLN A 415 11.97 -6.59 31.36
N ALA A 416 13.27 -6.89 31.31
CA ALA A 416 13.71 -8.19 30.83
C ALA A 416 13.28 -9.32 31.78
N THR A 417 13.42 -9.10 33.09
CA THR A 417 12.94 -10.08 34.05
C THR A 417 11.42 -10.21 33.97
N TYR A 418 10.72 -9.09 33.75
CA TYR A 418 9.27 -9.10 33.61
C TYR A 418 8.84 -9.94 32.41
N LEU A 419 9.52 -9.79 31.28
CA LEU A 419 9.24 -10.61 30.10
C LEU A 419 9.82 -12.00 30.19
N GLY A 420 10.53 -12.32 31.28
CA GLY A 420 11.19 -13.61 31.41
C GLY A 420 12.25 -13.88 30.36
N VAL A 421 13.03 -12.87 30.02
CA VAL A 421 13.99 -12.95 28.92
C VAL A 421 15.29 -12.31 29.32
N SER A 422 16.38 -12.76 28.70
CA SER A 422 17.67 -12.11 28.85
C SER A 422 17.69 -10.82 28.03
N GLN A 423 18.60 -9.92 28.41
CA GLN A 423 18.77 -8.69 27.66
C GLN A 423 19.51 -8.90 26.34
N THR A 424 20.13 -10.06 26.14
CA THR A 424 20.78 -10.39 24.87
C THR A 424 20.04 -11.51 24.14
N GLY A 425 18.83 -11.86 24.57
CA GLY A 425 18.05 -12.87 23.91
C GLY A 425 18.32 -14.26 24.46
N PRO A 426 17.78 -15.28 23.79
CA PRO A 426 16.73 -15.22 22.75
C PRO A 426 15.46 -14.59 23.30
N PHE A 427 14.76 -13.78 22.48
CA PHE A 427 13.63 -12.99 22.94
C PHE A 427 12.27 -13.61 22.65
N LYS A 428 12.22 -14.73 21.95
CA LYS A 428 10.94 -15.28 21.51
C LYS A 428 10.88 -16.79 21.78
N PRO A 429 9.70 -17.32 22.06
CA PRO A 429 9.55 -18.77 22.11
C PRO A 429 9.85 -19.38 20.75
N ASP A 430 10.35 -20.62 20.79
N ASP A 430 10.34 -20.62 20.78
CA ASP A 430 10.79 -21.26 19.54
CA ASP A 430 10.77 -21.26 19.54
C ASP A 430 9.63 -21.52 18.59
C ASP A 430 9.61 -21.50 18.58
N HIS A 431 8.37 -21.42 19.07
CA HIS A 431 7.20 -21.60 18.25
C HIS A 431 6.66 -20.28 17.72
N TYR A 432 7.31 -19.16 18.06
CA TYR A 432 6.96 -17.86 17.50
C TYR A 432 7.13 -17.90 15.99
N ARG A 433 6.08 -17.50 15.28
CA ARG A 433 6.11 -17.53 13.82
C ARG A 433 6.56 -16.20 13.22
N TYR A 434 6.79 -15.18 14.04
CA TYR A 434 7.14 -13.84 13.57
C TYR A 434 6.19 -13.38 12.47
N MET B 3 31.20 10.64 -47.68
CA MET B 3 31.09 12.05 -48.04
C MET B 3 29.79 12.30 -48.79
N SER B 4 28.67 11.97 -48.13
CA SER B 4 27.33 12.02 -48.69
C SER B 4 26.30 11.58 -47.64
N LYS B 5 25.08 12.10 -47.74
CA LYS B 5 24.08 11.84 -46.69
C LYS B 5 23.87 10.35 -46.50
N PRO B 6 23.97 9.83 -45.28
CA PRO B 6 24.00 8.37 -45.09
C PRO B 6 22.68 7.65 -45.30
N SER B 7 21.55 8.35 -45.37
CA SER B 7 20.24 7.72 -45.44
C SER B 7 19.78 7.27 -44.06
N TYR B 8 20.57 6.42 -43.40
CA TYR B 8 20.32 5.99 -42.05
C TYR B 8 21.65 5.67 -41.38
N LYS B 9 21.78 6.03 -40.11
CA LYS B 9 22.93 5.64 -39.30
C LYS B 9 22.41 5.04 -37.99
N VAL B 10 22.53 3.73 -37.86
CA VAL B 10 22.21 3.02 -36.64
C VAL B 10 23.40 2.12 -36.28
N ALA B 11 23.35 1.56 -35.08
CA ALA B 11 24.38 0.66 -34.60
C ALA B 11 23.89 -0.77 -34.76
N ASP B 12 24.48 -1.48 -35.74
CA ASP B 12 24.15 -2.87 -36.01
C ASP B 12 22.78 -2.97 -36.66
N ILE B 13 22.74 -2.99 -38.00
CA ILE B 13 21.50 -3.24 -38.72
C ILE B 13 21.07 -4.70 -38.59
N SER B 14 21.94 -5.55 -38.04
CA SER B 14 21.62 -6.96 -37.80
C SER B 14 20.47 -7.12 -36.81
N LEU B 15 20.31 -6.18 -35.90
CA LEU B 15 19.31 -6.30 -34.84
C LEU B 15 17.90 -6.09 -35.33
N ALA B 16 17.71 -5.98 -36.65
CA ALA B 16 16.39 -5.66 -37.19
C ALA B 16 15.36 -6.72 -36.80
N GLU B 17 15.70 -8.00 -36.98
CA GLU B 17 14.76 -9.07 -36.71
C GLU B 17 14.33 -9.07 -35.25
N TRP B 18 15.29 -8.87 -34.34
CA TRP B 18 14.98 -8.81 -32.92
C TRP B 18 14.04 -7.65 -32.61
N GLY B 19 14.30 -6.48 -33.18
CA GLY B 19 13.42 -5.35 -32.95
C GLY B 19 12.03 -5.57 -33.53
N ARG B 20 11.95 -6.17 -34.73
CA ARG B 20 10.66 -6.40 -35.36
C ARG B 20 9.81 -7.39 -34.56
N LYS B 21 10.45 -8.40 -33.95
CA LYS B 21 9.67 -9.31 -33.11
C LYS B 21 9.24 -8.63 -31.83
N ALA B 22 10.06 -7.73 -31.29
CA ALA B 22 9.65 -6.94 -30.13
C ALA B 22 8.63 -5.87 -30.47
N ILE B 23 8.60 -5.43 -31.73
CA ILE B 23 7.60 -4.46 -32.18
C ILE B 23 6.21 -5.09 -32.25
N ILE B 24 6.15 -6.37 -32.64
CA ILE B 24 4.88 -7.08 -32.73
C ILE B 24 4.26 -7.24 -31.34
N ILE B 25 5.08 -7.49 -30.33
CA ILE B 25 4.59 -7.60 -28.97
C ILE B 25 4.07 -6.24 -28.49
N ALA B 26 4.79 -5.16 -28.82
CA ALA B 26 4.40 -3.83 -28.36
C ALA B 26 3.09 -3.38 -29.01
N GLU B 27 2.92 -3.67 -30.30
CA GLU B 27 1.66 -3.36 -30.96
C GLU B 27 0.48 -3.94 -30.18
N ASN B 28 0.59 -5.19 -29.75
CA ASN B 28 -0.48 -5.84 -29.00
C ASN B 28 -0.64 -5.27 -27.61
N GLU B 29 0.32 -4.48 -27.15
CA GLU B 29 0.23 -3.75 -25.89
C GLU B 29 -0.10 -2.28 -26.08
N MET B 30 -0.37 -1.84 -27.31
CA MET B 30 -0.62 -0.43 -27.62
C MET B 30 -1.92 -0.33 -28.40
N PRO B 31 -3.05 -0.52 -27.72
CA PRO B 31 -4.33 -0.59 -28.45
C PRO B 31 -4.72 0.72 -29.12
N GLY B 32 -4.31 1.86 -28.59
CA GLY B 32 -4.73 3.13 -29.17
C GLY B 32 -4.10 3.37 -30.53
N LEU B 33 -2.80 3.12 -30.66
CA LEU B 33 -2.12 3.36 -31.93
C LEU B 33 -2.65 2.45 -33.02
N MET B 34 -2.99 1.21 -32.67
CA MET B 34 -3.50 0.28 -33.68
C MET B 34 -4.88 0.68 -34.17
N ALA B 35 -5.73 1.17 -33.26
CA ALA B 35 -7.03 1.70 -33.67
C ALA B 35 -6.87 2.97 -34.50
N CYS B 36 -5.80 3.73 -34.26
CA CYS B 36 -5.51 4.86 -35.13
C CYS B 36 -5.21 4.40 -36.55
N ARG B 37 -4.39 3.36 -36.70
CA ARG B 37 -4.12 2.82 -38.03
C ARG B 37 -5.40 2.32 -38.69
N LYS B 38 -6.26 1.63 -37.94
CA LYS B 38 -7.49 1.11 -38.52
C LYS B 38 -8.45 2.25 -38.87
N LYS B 39 -8.61 3.21 -37.96
CA LYS B 39 -9.47 4.34 -38.27
C LYS B 39 -8.88 5.19 -39.37
N TYR B 40 -7.73 5.84 -39.08
CA TYR B 40 -7.23 6.91 -39.92
C TYR B 40 -6.43 6.43 -41.12
N GLY B 41 -6.10 5.14 -41.18
CA GLY B 41 -5.31 4.59 -42.27
C GLY B 41 -5.92 4.81 -43.64
N PRO B 42 -7.18 4.37 -43.82
CA PRO B 42 -7.80 4.51 -45.15
C PRO B 42 -7.88 5.95 -45.65
N SER B 43 -8.11 6.92 -44.78
CA SER B 43 -8.27 8.30 -45.21
C SER B 43 -6.95 9.06 -45.34
N LYS B 44 -5.85 8.47 -44.86
CA LYS B 44 -4.49 9.00 -44.99
C LYS B 44 -4.45 10.50 -44.73
N PRO B 45 -4.65 10.94 -43.49
CA PRO B 45 -4.72 12.38 -43.22
C PRO B 45 -3.35 13.04 -43.15
N LEU B 46 -2.30 12.28 -42.87
CA LEU B 46 -0.94 12.82 -42.82
C LEU B 46 -0.26 12.79 -44.18
N LYS B 47 -1.01 12.54 -45.26
CA LYS B 47 -0.46 12.60 -46.60
C LYS B 47 0.05 14.00 -46.89
N GLY B 48 1.30 14.07 -47.36
CA GLY B 48 1.98 15.33 -47.61
C GLY B 48 2.82 15.83 -46.46
N ALA B 49 2.50 15.41 -45.23
CA ALA B 49 3.29 15.82 -44.08
C ALA B 49 4.67 15.18 -44.15
N ARG B 50 5.70 16.00 -43.90
CA ARG B 50 7.06 15.52 -43.71
C ARG B 50 7.37 15.77 -42.23
N ILE B 51 7.12 14.74 -41.42
CA ILE B 51 7.21 14.86 -39.96
C ILE B 51 8.61 14.49 -39.51
N THR B 52 9.28 15.45 -38.87
CA THR B 52 10.53 15.20 -38.19
C THR B 52 10.26 15.00 -36.70
N GLY B 53 10.78 13.92 -36.14
CA GLY B 53 10.54 13.58 -34.76
C GLY B 53 11.85 13.44 -33.99
N CYS B 54 11.88 14.00 -32.79
CA CYS B 54 13.03 13.90 -31.90
C CYS B 54 12.54 13.29 -30.59
N LEU B 55 12.39 11.96 -30.60
CA LEU B 55 11.94 11.21 -29.44
C LEU B 55 12.82 9.99 -29.25
N HIS B 56 12.95 9.56 -27.99
CA HIS B 56 13.73 8.38 -27.65
C HIS B 56 13.43 7.22 -28.59
N MET B 57 14.45 6.74 -29.29
CA MET B 57 14.29 5.69 -30.30
C MET B 57 14.14 4.34 -29.61
N THR B 58 12.91 4.03 -29.23
CA THR B 58 12.57 2.87 -28.45
C THR B 58 11.69 1.91 -29.26
N VAL B 59 11.46 0.73 -28.69
CA VAL B 59 10.53 -0.20 -29.30
C VAL B 59 9.14 0.43 -29.40
N GLN B 60 8.79 1.28 -28.44
CA GLN B 60 7.48 1.91 -28.43
C GLN B 60 7.38 3.02 -29.47
N THR B 61 8.46 3.78 -29.64
CA THR B 61 8.49 4.84 -30.64
C THR B 61 8.44 4.30 -32.06
N ALA B 62 8.87 3.06 -32.29
CA ALA B 62 8.78 2.45 -33.61
C ALA B 62 7.32 2.23 -34.02
N VAL B 63 6.47 1.88 -33.07
CA VAL B 63 5.05 1.77 -33.39
C VAL B 63 4.48 3.15 -33.70
N LEU B 64 5.01 4.20 -33.06
CA LEU B 64 4.56 5.56 -33.36
C LEU B 64 4.97 5.97 -34.76
N ILE B 65 6.23 5.71 -35.12
CA ILE B 65 6.72 6.06 -36.45
C ILE B 65 5.92 5.33 -37.52
N GLU B 66 5.75 4.02 -37.36
CA GLU B 66 5.04 3.24 -38.36
C GLU B 66 3.56 3.56 -38.39
N THR B 67 3.01 4.05 -37.28
CA THR B 67 1.62 4.49 -37.28
C THR B 67 1.47 5.81 -38.03
N LEU B 68 2.45 6.70 -37.90
CA LEU B 68 2.40 7.94 -38.67
C LEU B 68 2.58 7.67 -40.16
N VAL B 69 3.38 6.67 -40.52
CA VAL B 69 3.57 6.34 -41.93
C VAL B 69 2.29 5.75 -42.51
N GLU B 70 1.57 4.95 -41.72
CA GLU B 70 0.30 4.38 -42.18
C GLU B 70 -0.79 5.44 -42.34
N LEU B 71 -0.65 6.58 -41.65
CA LEU B 71 -1.56 7.70 -41.83
C LEU B 71 -1.14 8.63 -42.96
N GLY B 72 -0.18 8.19 -43.79
CA GLY B 72 0.22 8.91 -44.99
C GLY B 72 1.51 9.69 -44.86
N ALA B 73 2.08 9.77 -43.67
CA ALA B 73 3.18 10.69 -43.42
C ALA B 73 4.50 10.17 -43.98
N GLN B 74 5.40 11.12 -44.28
CA GLN B 74 6.81 10.87 -44.47
C GLN B 74 7.51 11.22 -43.17
N VAL B 75 8.22 10.25 -42.57
CA VAL B 75 8.73 10.37 -41.21
C VAL B 75 10.24 10.19 -41.22
N GLN B 76 10.93 11.06 -40.46
CA GLN B 76 12.36 10.97 -40.20
C GLN B 76 12.59 11.19 -38.71
N TRP B 77 13.58 10.50 -38.13
CA TRP B 77 13.66 10.41 -36.69
C TRP B 77 15.10 10.51 -36.19
N SER B 78 15.21 11.05 -34.97
CA SER B 78 16.41 11.09 -34.16
C SER B 78 15.97 10.97 -32.71
N SER B 79 16.87 10.52 -31.84
CA SER B 79 16.51 10.41 -30.43
C SER B 79 16.76 11.74 -29.73
N CYS B 80 16.03 11.97 -28.65
CA CYS B 80 16.20 13.20 -27.87
C CYS B 80 17.19 13.03 -26.72
N ASN B 81 17.81 11.85 -26.60
CA ASN B 81 18.79 11.58 -25.56
C ASN B 81 19.79 10.57 -26.11
N ILE B 82 21.04 10.67 -25.65
CA ILE B 82 22.12 9.87 -26.23
C ILE B 82 22.17 8.45 -25.71
N PHE B 83 21.48 8.14 -24.61
CA PHE B 83 21.44 6.80 -24.06
C PHE B 83 20.10 6.12 -24.19
N SER B 84 19.07 6.82 -24.72
CA SER B 84 17.71 6.32 -24.75
C SER B 84 17.43 5.37 -25.92
N THR B 85 18.20 5.45 -26.99
CA THR B 85 17.88 4.68 -28.17
C THR B 85 18.03 3.19 -27.89
N GLN B 86 17.04 2.41 -28.34
CA GLN B 86 17.09 0.95 -28.31
C GLN B 86 17.52 0.48 -29.69
N ASP B 87 18.64 -0.24 -29.75
CA ASP B 87 19.26 -0.47 -31.04
C ASP B 87 18.48 -1.46 -31.90
N ASN B 88 17.80 -2.43 -31.30
CA ASN B 88 16.95 -3.31 -32.10
C ASN B 88 15.84 -2.52 -32.77
N ALA B 89 15.23 -1.59 -32.05
CA ALA B 89 14.16 -0.78 -32.62
C ALA B 89 14.68 0.09 -33.77
N ALA B 90 15.84 0.72 -33.59
CA ALA B 90 16.34 1.65 -34.59
C ALA B 90 16.69 0.94 -35.90
N ALA B 91 17.30 -0.24 -35.81
CA ALA B 91 17.63 -0.99 -37.01
C ALA B 91 16.37 -1.40 -37.76
N ALA B 92 15.40 -1.99 -37.05
CA ALA B 92 14.16 -2.42 -37.68
C ALA B 92 13.53 -1.29 -38.50
N ILE B 93 13.37 -0.13 -37.88
CA ILE B 93 12.76 1.00 -38.57
C ILE B 93 13.60 1.43 -39.77
N ALA B 94 14.92 1.42 -39.61
CA ALA B 94 15.79 1.76 -40.74
C ALA B 94 15.66 0.74 -41.86
N ALA B 95 15.49 -0.53 -41.51
CA ALA B 95 15.40 -1.59 -42.52
C ALA B 95 14.13 -1.47 -43.35
N THR B 96 13.06 -0.90 -42.79
CA THR B 96 11.89 -0.56 -43.60
C THR B 96 12.15 0.57 -44.57
N GLY B 97 13.26 1.30 -44.40
CA GLY B 97 13.59 2.41 -45.27
C GLY B 97 13.29 3.79 -44.70
N VAL B 98 12.56 3.86 -43.60
CA VAL B 98 12.36 5.16 -42.95
C VAL B 98 13.70 5.69 -42.49
N PRO B 99 14.02 6.96 -42.71
CA PRO B 99 15.33 7.50 -42.29
C PRO B 99 15.38 7.70 -40.78
N VAL B 100 16.34 7.05 -40.13
CA VAL B 100 16.50 7.17 -38.69
C VAL B 100 17.99 7.21 -38.35
N TYR B 101 18.38 8.19 -37.53
CA TYR B 101 19.77 8.43 -37.13
C TYR B 101 19.81 8.38 -35.60
N ALA B 102 19.98 7.18 -35.04
CA ALA B 102 19.89 6.98 -33.60
C ALA B 102 20.66 5.72 -33.19
N TRP B 103 21.45 5.83 -32.12
CA TRP B 103 22.13 4.69 -31.53
C TRP B 103 22.37 4.98 -30.05
N LYS B 104 22.50 3.91 -29.27
CA LYS B 104 22.95 4.03 -27.90
C LYS B 104 24.45 4.25 -27.86
N GLY B 105 24.89 5.12 -26.93
CA GLY B 105 26.28 5.51 -26.86
C GLY B 105 26.67 6.68 -27.71
N GLU B 106 25.76 7.64 -27.92
CA GLU B 106 26.02 8.79 -28.77
C GLU B 106 26.84 9.84 -28.05
N THR B 107 27.42 10.74 -28.84
CA THR B 107 28.15 11.89 -28.34
C THR B 107 27.30 13.15 -28.55
N ASP B 108 27.56 14.17 -27.74
CA ASP B 108 26.83 15.42 -27.89
C ASP B 108 26.94 15.95 -29.31
N GLU B 109 28.12 15.83 -29.91
CA GLU B 109 28.33 16.28 -31.28
C GLU B 109 27.64 15.36 -32.27
N GLU B 110 27.67 14.05 -32.02
CA GLU B 110 26.93 13.11 -32.85
C GLU B 110 25.42 13.29 -32.67
N TYR B 111 24.98 13.63 -31.46
CA TYR B 111 23.58 13.88 -31.20
C TYR B 111 23.03 14.99 -32.08
N MET B 112 23.76 16.11 -32.17
CA MET B 112 23.32 17.22 -33.00
C MET B 112 23.33 16.84 -34.48
N TRP B 113 24.39 16.16 -34.93
CA TRP B 113 24.43 15.66 -36.30
C TRP B 113 23.16 14.89 -36.64
N CYS B 114 22.70 14.03 -35.72
CA CYS B 114 21.52 13.20 -35.99
C CYS B 114 20.29 14.06 -36.22
N ILE B 115 20.06 15.06 -35.36
CA ILE B 115 18.89 15.91 -35.52
C ILE B 115 18.98 16.68 -36.83
N GLU B 116 20.18 17.12 -37.20
CA GLU B 116 20.33 17.89 -38.44
C GLU B 116 20.05 17.03 -39.67
N GLN B 117 20.25 15.72 -39.57
CA GLN B 117 19.98 14.82 -40.70
C GLN B 117 18.50 14.56 -40.89
N THR B 118 17.68 14.83 -39.88
CA THR B 118 16.24 14.59 -39.97
C THR B 118 15.49 15.76 -40.61
N LEU B 119 16.17 16.89 -40.84
CA LEU B 119 15.47 18.13 -41.18
C LEU B 119 15.08 18.22 -42.65
N VAL B 120 15.88 17.66 -43.56
CA VAL B 120 15.56 17.66 -44.98
C VAL B 120 15.36 16.23 -45.44
N PHE B 121 14.25 15.97 -46.10
CA PHE B 121 13.78 14.62 -46.36
C PHE B 121 14.36 14.11 -47.68
N PRO B 122 14.13 12.83 -48.01
CA PRO B 122 14.75 12.27 -49.23
C PRO B 122 14.16 12.81 -50.51
N ASP B 123 13.03 13.50 -50.44
CA ASP B 123 12.51 14.24 -51.59
C ASP B 123 13.13 15.63 -51.71
N GLY B 124 14.22 15.88 -50.99
CA GLY B 124 14.88 17.18 -51.02
C GLY B 124 14.10 18.30 -50.38
N GLN B 125 13.06 17.98 -49.62
CA GLN B 125 12.25 19.05 -49.06
C GLN B 125 12.42 19.13 -47.55
N PRO B 126 12.43 20.34 -46.99
CA PRO B 126 12.49 20.48 -45.54
C PRO B 126 11.18 20.07 -44.87
N LEU B 127 11.29 19.76 -43.58
CA LEU B 127 10.19 19.28 -42.78
C LEU B 127 9.05 20.29 -42.72
N ASN B 128 7.81 19.78 -42.76
CA ASN B 128 6.65 20.63 -42.54
C ASN B 128 5.97 20.42 -41.18
N MET B 129 6.40 19.43 -40.41
CA MET B 129 5.82 19.14 -39.09
C MET B 129 6.92 18.69 -38.14
N ILE B 130 6.75 19.00 -36.86
CA ILE B 130 7.74 18.68 -35.82
C ILE B 130 7.06 17.89 -34.71
N LEU B 131 7.70 16.80 -34.30
CA LEU B 131 7.32 16.03 -33.12
C LEU B 131 8.54 15.96 -32.22
N ASP B 132 8.53 16.74 -31.13
CA ASP B 132 9.69 16.91 -30.28
C ASP B 132 9.41 16.35 -28.89
N ASP B 133 10.50 15.93 -28.23
CA ASP B 133 10.51 15.50 -26.83
C ASP B 133 11.72 16.20 -26.21
N GLY B 134 11.46 17.37 -25.61
CA GLY B 134 12.50 18.15 -24.96
C GLY B 134 12.69 19.55 -25.51
N GLY B 135 12.23 19.82 -26.73
CA GLY B 135 12.39 21.13 -27.33
C GLY B 135 13.67 21.33 -28.13
N ASP B 136 14.54 20.32 -28.18
CA ASP B 136 15.84 20.50 -28.83
C ASP B 136 15.70 20.67 -30.33
N LEU B 137 14.92 19.80 -30.97
CA LEU B 137 14.63 19.96 -32.40
C LEU B 137 13.87 21.25 -32.65
N THR B 138 12.88 21.55 -31.81
CA THR B 138 12.21 22.84 -31.90
C THR B 138 13.20 23.99 -31.78
N ASN B 139 14.07 23.95 -30.76
CA ASN B 139 15.05 25.01 -30.58
C ASN B 139 15.94 25.15 -31.81
N LEU B 140 16.62 24.06 -32.20
CA LEU B 140 17.51 24.09 -33.35
C LEU B 140 16.85 24.77 -34.56
N VAL B 141 15.60 24.40 -34.83
CA VAL B 141 14.92 24.91 -36.01
C VAL B 141 14.68 26.41 -35.89
N HIS B 142 14.27 26.88 -34.71
CA HIS B 142 14.14 28.31 -34.50
C HIS B 142 15.50 29.00 -34.55
N GLU B 143 16.49 28.52 -33.79
CA GLU B 143 17.78 29.20 -33.75
C GLU B 143 18.51 29.06 -35.07
N LYS B 144 18.89 27.83 -35.46
CA LYS B 144 19.80 27.66 -36.58
C LYS B 144 19.12 27.75 -37.95
N PHE B 145 17.86 27.34 -38.06
CA PHE B 145 17.20 27.16 -39.36
C PHE B 145 15.84 27.85 -39.39
N PRO B 146 15.79 29.17 -39.18
CA PRO B 146 14.48 29.84 -39.06
C PRO B 146 13.70 29.89 -40.35
N GLN B 147 14.36 29.76 -41.51
CA GLN B 147 13.64 29.79 -42.78
C GLN B 147 12.67 28.62 -42.90
N TYR B 148 12.98 27.49 -42.28
CA TYR B 148 12.11 26.32 -42.36
C TYR B 148 10.79 26.52 -41.64
N LEU B 149 10.64 27.60 -40.87
CA LEU B 149 9.46 27.79 -40.03
C LEU B 149 8.22 28.22 -40.81
N LYS B 150 8.39 28.80 -41.98
CA LYS B 150 7.24 29.19 -42.81
C LYS B 150 6.45 27.96 -43.25
N ASN B 151 7.12 26.84 -43.47
CA ASN B 151 6.46 25.62 -43.95
C ASN B 151 6.20 24.61 -42.84
N ILE B 152 6.54 24.91 -41.59
CA ILE B 152 6.19 24.06 -40.45
C ILE B 152 4.80 24.49 -40.02
N LYS B 153 3.79 23.69 -40.37
CA LYS B 153 2.42 24.01 -39.97
C LYS B 153 2.15 23.72 -38.49
N GLY B 154 3.03 22.98 -37.81
CA GLY B 154 2.84 22.81 -36.34
C GLY B 154 3.86 21.85 -35.73
N LEU B 155 4.02 22.04 -34.41
CA LEU B 155 4.86 21.15 -33.59
C LEU B 155 4.05 20.61 -32.42
N SER B 156 4.42 19.41 -31.98
CA SER B 156 3.81 18.76 -30.83
C SER B 156 4.92 18.35 -29.86
N GLU B 157 4.71 18.63 -28.57
CA GLU B 157 5.74 18.44 -27.56
C GLU B 157 5.22 17.50 -26.47
N GLU B 158 6.06 16.52 -26.11
CA GLU B 158 5.64 15.44 -25.24
C GLU B 158 6.01 15.62 -23.77
N THR B 159 6.93 16.50 -23.43
CA THR B 159 7.46 16.52 -22.08
C THR B 159 7.24 17.86 -21.40
N THR B 160 7.16 17.78 -20.06
CA THR B 160 6.88 18.94 -19.22
C THR B 160 7.90 20.05 -19.43
N THR B 161 9.17 19.69 -19.62
CA THR B 161 10.21 20.71 -19.76
C THR B 161 10.14 21.41 -21.11
N GLY B 162 9.85 20.65 -22.17
CA GLY B 162 9.70 21.25 -23.49
C GLY B 162 8.53 22.23 -23.57
N VAL B 163 7.44 21.90 -22.88
CA VAL B 163 6.30 22.82 -22.88
C VAL B 163 6.63 24.09 -22.11
N HIS B 164 7.46 24.00 -21.07
CA HIS B 164 7.87 25.22 -20.38
C HIS B 164 8.68 26.11 -21.31
N ASN B 165 9.56 25.51 -22.11
CA ASN B 165 10.26 26.26 -23.15
C ASN B 165 9.27 26.88 -24.13
N LEU B 166 8.21 26.15 -24.48
CA LEU B 166 7.23 26.66 -25.45
C LEU B 166 6.47 27.86 -24.90
N TYR B 167 6.02 27.80 -23.63
CA TYR B 167 5.28 28.92 -23.07
C TYR B 167 6.14 30.17 -22.95
N LYS B 168 7.35 30.02 -22.39
CA LYS B 168 8.29 31.14 -22.33
C LYS B 168 8.60 31.69 -23.73
N MET B 169 8.66 30.82 -24.74
CA MET B 169 8.87 31.29 -26.11
C MET B 169 7.75 32.21 -26.57
N PHE B 170 6.51 31.89 -26.18
CA PHE B 170 5.31 32.60 -26.64
C PHE B 170 5.01 33.83 -25.78
N LYS B 171 5.38 33.83 -24.49
CA LYS B 171 5.37 35.07 -23.73
C LYS B 171 6.29 36.10 -24.37
N GLU B 172 7.53 35.70 -24.65
CA GLU B 172 8.38 36.44 -25.58
C GLU B 172 7.79 36.30 -26.98
N GLY B 173 8.39 37.01 -27.94
CA GLY B 173 7.88 36.95 -29.31
C GLY B 173 8.51 35.84 -30.11
N ARG B 174 8.88 34.73 -29.46
CA ARG B 174 9.82 33.81 -30.08
C ARG B 174 9.19 32.59 -30.73
N LEU B 175 7.89 32.34 -30.52
CA LEU B 175 7.27 31.15 -31.08
C LEU B 175 6.90 31.40 -32.54
N GLY B 176 7.48 30.59 -33.43
CA GLY B 176 7.28 30.75 -34.85
C GLY B 176 6.09 30.01 -35.45
N VAL B 177 5.62 28.95 -34.81
CA VAL B 177 4.58 28.10 -35.38
C VAL B 177 3.49 27.85 -34.34
N PRO B 178 2.37 27.24 -34.72
CA PRO B 178 1.41 26.79 -33.72
C PRO B 178 1.90 25.50 -33.08
N ALA B 179 1.57 25.35 -31.79
CA ALA B 179 2.08 24.22 -31.03
C ALA B 179 1.00 23.64 -30.14
N ILE B 180 1.00 22.31 -30.04
CA ILE B 180 0.12 21.55 -29.17
C ILE B 180 0.96 20.95 -28.04
N ASN B 181 0.41 20.95 -26.83
CA ASN B 181 1.09 20.47 -25.63
C ASN B 181 0.48 19.12 -25.26
N VAL B 182 1.14 18.05 -25.71
CA VAL B 182 0.65 16.70 -25.47
C VAL B 182 0.84 16.29 -24.02
N ASN B 183 1.87 16.82 -23.36
CA ASN B 183 2.17 16.40 -21.99
C ASN B 183 1.00 16.67 -21.06
N ASP B 184 0.38 17.84 -21.18
CA ASP B 184 -0.67 18.21 -20.26
C ASP B 184 -2.06 17.80 -20.71
N SER B 185 -2.16 16.91 -21.72
CA SER B 185 -3.35 16.10 -21.85
C SER B 185 -3.45 15.19 -20.63
N VAL B 186 -4.66 15.08 -20.07
CA VAL B 186 -4.80 14.26 -18.86
C VAL B 186 -4.31 12.85 -19.13
N THR B 187 -4.54 12.34 -20.34
CA THR B 187 -4.17 10.99 -20.75
C THR B 187 -2.66 10.80 -20.91
N LYS B 188 -1.85 11.83 -20.65
CA LYS B 188 -0.40 11.71 -20.68
C LYS B 188 0.17 11.91 -19.28
N SER B 189 0.14 13.15 -18.78
CA SER B 189 0.69 13.52 -17.48
C SER B 189 0.29 12.54 -16.37
N LYS B 190 -1.01 12.31 -16.22
CA LYS B 190 -1.54 11.55 -15.10
C LYS B 190 -1.40 10.05 -15.29
N PHE B 191 -0.87 9.60 -16.41
CA PHE B 191 -0.67 8.21 -16.72
C PHE B 191 0.78 7.89 -17.03
N ASP B 192 1.33 8.49 -18.08
CA ASP B 192 2.73 8.29 -18.45
C ASP B 192 3.69 8.67 -17.31
N ASN B 193 3.63 9.93 -16.86
CA ASN B 193 4.56 10.39 -15.85
C ASN B 193 4.35 9.71 -14.50
N LEU B 194 3.11 9.39 -14.17
CA LEU B 194 2.81 8.75 -12.88
C LEU B 194 3.09 7.24 -12.94
N TYR B 195 2.23 6.49 -13.63
CA TYR B 195 2.35 5.05 -13.62
C TYR B 195 3.54 4.56 -14.43
N GLY B 196 3.92 5.28 -15.49
CA GLY B 196 5.09 4.90 -16.26
C GLY B 196 6.36 4.92 -15.42
N CYS B 197 6.63 6.06 -14.78
CA CYS B 197 7.83 6.16 -13.95
C CYS B 197 7.76 5.27 -12.72
N ARG B 198 6.56 4.88 -12.27
CA ARG B 198 6.43 3.93 -11.18
C ARG B 198 7.21 2.65 -11.49
N GLU B 199 7.12 2.18 -12.73
CA GLU B 199 7.79 0.94 -13.10
C GLU B 199 9.17 1.17 -13.70
N SER B 200 9.35 2.24 -14.48
CA SER B 200 10.60 2.40 -15.20
C SER B 200 11.75 2.86 -14.31
N LEU B 201 11.48 3.66 -13.28
CA LEU B 201 12.55 4.11 -12.40
C LEU B 201 13.20 2.94 -11.68
N ILE B 202 12.39 2.07 -11.08
CA ILE B 202 12.92 0.89 -10.41
C ILE B 202 13.68 0.02 -11.39
N ASP B 203 13.07 -0.23 -12.56
CA ASP B 203 13.74 -1.02 -13.58
C ASP B 203 15.14 -0.49 -13.88
N GLY B 204 15.27 0.82 -14.04
CA GLY B 204 16.57 1.39 -14.37
C GLY B 204 17.60 1.15 -13.29
N ILE B 205 17.24 1.46 -12.04
CA ILE B 205 18.17 1.23 -10.93
C ILE B 205 18.53 -0.24 -10.85
N LYS B 206 17.54 -1.12 -10.98
CA LYS B 206 17.76 -2.55 -10.85
C LYS B 206 18.73 -3.06 -11.93
N ARG B 207 18.41 -2.81 -13.20
CA ARG B 207 19.27 -3.28 -14.26
C ARG B 207 20.67 -2.70 -14.12
N ALA B 208 20.79 -1.48 -13.61
CA ALA B 208 22.09 -0.84 -13.49
C ALA B 208 22.85 -1.34 -12.27
N THR B 209 22.16 -1.53 -11.15
CA THR B 209 22.83 -1.77 -9.87
C THR B 209 22.47 -3.09 -9.21
N ASP B 210 21.26 -3.61 -9.42
CA ASP B 210 20.79 -4.82 -8.72
C ASP B 210 20.72 -4.60 -7.21
N VAL B 211 20.37 -3.37 -6.79
CA VAL B 211 20.35 -2.97 -5.40
C VAL B 211 19.00 -3.32 -4.78
N MET B 212 18.99 -3.46 -3.44
CA MET B 212 17.77 -3.75 -2.71
C MET B 212 17.07 -2.46 -2.33
N ILE B 213 15.76 -2.39 -2.58
CA ILE B 213 14.98 -1.25 -2.13
C ILE B 213 14.46 -1.43 -0.73
N ALA B 214 14.22 -2.67 -0.30
CA ALA B 214 13.75 -2.94 1.05
C ALA B 214 14.77 -2.44 2.08
N GLY B 215 14.32 -1.56 2.97
CA GLY B 215 15.12 -1.10 4.09
C GLY B 215 15.91 0.17 3.83
N LYS B 216 16.07 0.57 2.58
CA LYS B 216 16.93 1.69 2.24
C LYS B 216 16.20 3.02 2.43
N VAL B 217 16.95 4.05 2.79
CA VAL B 217 16.44 5.41 2.83
C VAL B 217 16.64 6.04 1.47
N CYS B 218 15.57 6.62 0.92
CA CYS B 218 15.57 7.14 -0.43
C CYS B 218 15.06 8.57 -0.41
N CYS B 219 15.71 9.42 -1.21
CA CYS B 219 15.27 10.80 -1.37
C CYS B 219 14.83 11.00 -2.81
N VAL B 220 13.61 11.50 -2.98
CA VAL B 220 13.12 11.96 -4.28
C VAL B 220 12.87 13.46 -4.18
N ALA B 221 13.62 14.22 -4.98
CA ALA B 221 13.45 15.66 -5.07
C ALA B 221 12.31 15.96 -6.04
N GLY B 222 11.18 16.38 -5.51
CA GLY B 222 10.03 16.67 -6.31
C GLY B 222 8.87 15.73 -6.04
N TYR B 223 7.68 16.28 -5.88
CA TYR B 223 6.47 15.49 -5.77
C TYR B 223 5.46 15.89 -6.83
N GLY B 224 5.95 16.08 -8.06
CA GLY B 224 5.10 16.21 -9.22
C GLY B 224 4.62 14.84 -9.69
N ASP B 225 4.23 14.79 -10.98
CA ASP B 225 3.69 13.54 -11.49
C ASP B 225 4.77 12.46 -11.57
N VAL B 226 5.98 12.84 -11.97
CA VAL B 226 7.09 11.88 -11.97
C VAL B 226 7.44 11.46 -10.56
N GLY B 227 7.61 12.42 -9.64
CA GLY B 227 8.03 12.10 -8.30
C GLY B 227 6.97 11.37 -7.49
N LYS B 228 5.70 11.62 -7.78
CA LYS B 228 4.65 10.87 -7.11
C LYS B 228 4.77 9.39 -7.39
N GLY B 229 4.99 9.01 -8.64
CA GLY B 229 5.11 7.62 -9.01
C GLY B 229 6.43 7.00 -8.62
N CYS B 230 7.51 7.79 -8.73
CA CYS B 230 8.82 7.29 -8.29
C CYS B 230 8.80 6.97 -6.80
N ALA B 231 8.23 7.88 -6.00
CA ALA B 231 8.15 7.65 -4.56
C ALA B 231 7.23 6.48 -4.24
N GLN B 232 6.13 6.34 -4.98
CA GLN B 232 5.24 5.21 -4.78
C GLN B 232 5.94 3.89 -5.05
N ALA B 233 6.73 3.83 -6.12
CA ALA B 233 7.48 2.62 -6.45
C ALA B 233 8.38 2.20 -5.30
N LEU B 234 9.29 3.09 -4.89
CA LEU B 234 10.26 2.75 -3.86
C LEU B 234 9.57 2.35 -2.56
N LYS B 235 8.50 3.08 -2.19
CA LYS B 235 7.74 2.74 -1.00
C LYS B 235 7.15 1.34 -1.08
N GLY B 236 6.80 0.90 -2.28
CA GLY B 236 6.23 -0.43 -2.46
C GLY B 236 7.21 -1.57 -2.31
N PHE B 237 8.51 -1.31 -2.54
CA PHE B 237 9.54 -2.34 -2.39
C PHE B 237 10.20 -2.30 -1.01
N GLY B 238 9.69 -1.48 -0.09
CA GLY B 238 10.22 -1.42 1.26
C GLY B 238 11.14 -0.27 1.57
N GLY B 239 11.25 0.72 0.68
CA GLY B 239 12.00 1.90 0.99
C GLY B 239 11.16 2.93 1.73
N ARG B 240 11.85 3.76 2.52
CA ARG B 240 11.29 4.95 3.11
C ARG B 240 11.82 6.14 2.30
N VAL B 241 10.92 6.95 1.76
CA VAL B 241 11.28 7.95 0.76
C VAL B 241 11.14 9.32 1.40
N ILE B 242 12.27 10.01 1.55
CA ILE B 242 12.28 11.42 1.87
C ILE B 242 11.98 12.22 0.61
N VAL B 243 11.20 13.28 0.75
CA VAL B 243 10.77 14.10 -0.38
C VAL B 243 11.16 15.54 -0.14
N THR B 244 11.72 16.17 -1.17
CA THR B 244 12.00 17.60 -1.17
C THR B 244 11.04 18.30 -2.12
N GLU B 245 10.71 19.55 -1.80
CA GLU B 245 9.70 20.27 -2.57
C GLU B 245 9.87 21.77 -2.39
N VAL B 246 9.55 22.49 -3.46
CA VAL B 246 9.46 23.95 -3.38
C VAL B 246 8.01 24.43 -3.39
N ASP B 247 7.05 23.58 -3.80
CA ASP B 247 5.64 23.94 -3.86
C ASP B 247 4.94 23.53 -2.58
N PRO B 248 4.17 24.42 -1.94
CA PRO B 248 3.48 24.02 -0.70
C PRO B 248 2.39 23.00 -0.94
N ILE B 249 1.77 23.01 -2.12
CA ILE B 249 0.67 22.09 -2.39
C ILE B 249 1.17 20.67 -2.56
N ASN B 250 2.21 20.49 -3.38
CA ASN B 250 2.82 19.17 -3.51
C ASN B 250 3.37 18.68 -2.17
N ALA B 251 3.98 19.58 -1.40
CA ALA B 251 4.56 19.20 -0.12
C ALA B 251 3.49 18.67 0.82
N LEU B 252 2.34 19.33 0.88
CA LEU B 252 1.23 18.84 1.69
C LEU B 252 0.74 17.50 1.17
N GLN B 253 0.65 17.36 -0.16
CA GLN B 253 0.23 16.09 -0.74
C GLN B 253 1.16 14.95 -0.33
N ALA B 254 2.47 15.21 -0.31
CA ALA B 254 3.42 14.17 0.03
C ALA B 254 3.31 13.79 1.51
N ALA B 255 3.03 14.76 2.37
CA ALA B 255 2.90 14.46 3.79
C ALA B 255 1.66 13.63 4.06
N MET B 256 0.58 13.88 3.32
CA MET B 256 -0.64 13.09 3.44
C MET B 256 -0.46 11.68 2.91
N GLU B 257 0.58 11.41 2.11
CA GLU B 257 0.90 10.06 1.68
C GLU B 257 1.98 9.42 2.53
N GLY B 258 2.22 9.96 3.74
CA GLY B 258 3.15 9.34 4.66
C GLY B 258 4.62 9.56 4.38
N TYR B 259 4.97 10.54 3.55
CA TYR B 259 6.36 10.84 3.22
C TYR B 259 6.86 12.00 4.06
N GLU B 260 8.10 11.90 4.53
CA GLU B 260 8.76 13.02 5.18
C GLU B 260 9.23 14.02 4.14
N VAL B 261 8.87 15.29 4.32
CA VAL B 261 9.23 16.35 3.40
C VAL B 261 10.26 17.23 4.08
N THR B 262 11.49 17.22 3.56
CA THR B 262 12.57 18.05 4.12
C THR B 262 13.46 18.50 2.97
N THR B 263 14.60 19.07 3.33
CA THR B 263 15.55 19.64 2.39
C THR B 263 16.59 18.60 1.97
N MET B 264 17.18 18.83 0.80
CA MET B 264 18.26 17.96 0.33
C MET B 264 19.47 18.05 1.24
N GLU B 265 19.68 19.21 1.88
CA GLU B 265 20.77 19.34 2.84
C GLU B 265 20.71 18.21 3.87
N GLU B 266 19.52 17.93 4.40
CA GLU B 266 19.39 16.92 5.43
C GLU B 266 19.31 15.52 4.84
N ALA B 267 18.60 15.37 3.72
CA ALA B 267 18.46 14.06 3.10
C ALA B 267 19.78 13.52 2.59
N SER B 268 20.68 14.40 2.15
CA SER B 268 21.97 13.94 1.65
C SER B 268 22.76 13.17 2.71
N LYS B 269 22.46 13.41 3.99
CA LYS B 269 23.14 12.68 5.04
C LYS B 269 22.54 11.29 5.23
N GLU B 270 21.22 11.19 5.31
CA GLU B 270 20.59 9.92 5.65
C GLU B 270 20.37 9.01 4.46
N ALA B 271 20.09 9.57 3.28
CA ALA B 271 19.62 8.77 2.16
C ALA B 271 20.77 8.09 1.43
N SER B 272 20.49 6.87 0.93
CA SER B 272 21.43 6.08 0.16
C SER B 272 21.07 5.97 -1.32
N ILE B 273 19.83 6.29 -1.69
CA ILE B 273 19.36 6.29 -3.07
C ILE B 273 18.71 7.65 -3.33
N PHE B 274 19.11 8.30 -4.43
CA PHE B 274 18.71 9.67 -4.72
C PHE B 274 18.07 9.74 -6.10
N VAL B 275 16.86 10.31 -6.17
CA VAL B 275 16.08 10.39 -7.40
C VAL B 275 15.58 11.82 -7.58
N THR B 276 15.94 12.44 -8.69
CA THR B 276 15.64 13.85 -8.98
C THR B 276 14.58 13.95 -10.06
N THR B 277 13.49 14.70 -9.75
CA THR B 277 12.33 14.72 -10.64
C THR B 277 11.78 16.13 -10.86
N THR B 278 12.55 17.18 -10.64
CA THR B 278 12.01 18.52 -10.61
C THR B 278 12.02 19.21 -11.97
N GLY B 279 13.01 18.95 -12.80
CA GLY B 279 13.19 19.76 -14.00
C GLY B 279 13.90 21.06 -13.75
N CYS B 280 14.59 21.17 -12.61
CA CYS B 280 15.32 22.38 -12.21
C CYS B 280 16.75 22.02 -11.91
N ARG B 281 17.65 22.97 -12.20
CA ARG B 281 19.08 22.76 -12.05
C ARG B 281 19.48 22.69 -10.58
N ASP B 282 20.61 22.02 -10.34
CA ASP B 282 21.34 22.11 -9.07
C ASP B 282 20.58 21.50 -7.89
N ILE B 283 19.89 20.38 -8.11
CA ILE B 283 19.22 19.71 -7.00
C ILE B 283 20.25 19.01 -6.11
N ILE B 284 21.19 18.30 -6.71
CA ILE B 284 22.28 17.65 -5.99
C ILE B 284 23.55 18.41 -6.28
N THR B 285 24.17 18.95 -5.22
CA THR B 285 25.35 19.79 -5.33
C THR B 285 26.54 19.10 -4.65
N SER B 286 27.71 19.75 -4.77
CA SER B 286 28.91 19.28 -4.09
C SER B 286 28.68 19.08 -2.60
N VAL B 287 28.04 20.08 -1.97
CA VAL B 287 27.63 19.97 -0.58
C VAL B 287 26.88 18.68 -0.33
N HIS B 288 25.96 18.34 -1.22
CA HIS B 288 25.12 17.18 -1.02
C HIS B 288 25.88 15.87 -1.28
N LEU B 289 26.68 15.82 -2.34
CA LEU B 289 27.40 14.61 -2.68
C LEU B 289 28.49 14.28 -1.66
N GLN B 290 29.09 15.29 -1.03
CA GLN B 290 30.14 15.01 -0.06
C GLN B 290 29.60 14.32 1.17
N GLN B 291 28.37 14.63 1.58
CA GLN B 291 27.76 14.09 2.78
C GLN B 291 27.13 12.72 2.60
N MET B 292 27.08 12.20 1.37
CA MET B 292 26.30 11.00 1.12
C MET B 292 26.96 9.76 1.75
N PRO B 293 26.16 8.78 2.15
CA PRO B 293 26.73 7.52 2.62
C PRO B 293 27.47 6.80 1.51
N ASP B 294 28.39 5.92 1.93
CA ASP B 294 29.24 5.20 1.00
C ASP B 294 28.40 4.37 0.02
N ASP B 295 28.79 4.40 -1.25
CA ASP B 295 28.10 3.68 -2.33
C ASP B 295 26.63 4.07 -2.44
N ALA B 296 26.35 5.36 -2.28
CA ALA B 296 25.03 5.90 -2.57
C ALA B 296 24.84 6.02 -4.09
N ILE B 297 23.59 5.79 -4.53
CA ILE B 297 23.25 5.78 -5.95
C ILE B 297 22.50 7.06 -6.27
N VAL B 298 22.99 7.80 -7.26
CA VAL B 298 22.42 9.08 -7.66
C VAL B 298 21.90 8.95 -9.08
N CYS B 299 20.62 9.24 -9.28
CA CYS B 299 19.97 9.10 -10.58
C CYS B 299 18.98 10.23 -10.76
N ASN B 300 18.78 10.62 -12.03
CA ASN B 300 17.88 11.69 -12.40
C ASN B 300 16.87 11.17 -13.42
N ILE B 301 15.58 11.36 -13.11
CA ILE B 301 14.50 11.03 -14.03
C ILE B 301 13.90 12.26 -14.66
N GLY B 302 14.48 13.43 -14.42
CA GLY B 302 14.09 14.61 -15.16
C GLY B 302 14.70 14.65 -16.56
N HIS B 303 14.01 15.36 -17.45
CA HIS B 303 14.53 15.59 -18.78
C HIS B 303 15.65 16.63 -18.72
N PHE B 304 16.87 16.20 -19.07
CA PHE B 304 18.10 16.99 -19.02
C PHE B 304 18.94 16.63 -17.80
N ASP B 305 20.27 16.74 -17.92
CA ASP B 305 21.21 16.31 -16.88
C ASP B 305 21.72 17.47 -16.04
N ILE B 306 20.83 18.41 -15.74
CA ILE B 306 21.21 19.61 -14.99
C ILE B 306 20.88 19.51 -13.50
N GLU B 307 20.13 18.50 -13.08
CA GLU B 307 19.70 18.43 -11.69
C GLU B 307 20.79 17.91 -10.76
N ILE B 308 21.87 17.33 -11.31
CA ILE B 308 23.03 16.88 -10.57
C ILE B 308 24.27 17.53 -11.17
N ASP B 309 25.29 17.77 -10.34
CA ASP B 309 26.54 18.35 -10.82
C ASP B 309 27.52 17.21 -11.12
N VAL B 310 27.34 16.62 -12.28
CA VAL B 310 28.26 15.59 -12.77
C VAL B 310 29.63 16.20 -13.05
N ASP B 311 29.67 17.43 -13.56
CA ASP B 311 30.94 18.07 -13.87
C ASP B 311 31.78 18.27 -12.61
N TRP B 312 31.14 18.61 -11.48
CA TRP B 312 31.87 18.70 -10.22
C TRP B 312 32.34 17.32 -9.77
N LEU B 313 31.45 16.32 -9.85
CA LEU B 313 31.85 14.95 -9.54
C LEU B 313 33.03 14.53 -10.39
N ASN B 314 33.01 14.90 -11.67
CA ASN B 314 34.16 14.62 -12.52
C ASN B 314 35.36 15.46 -12.11
N ALA B 315 35.14 16.72 -11.74
CA ALA B 315 36.27 17.59 -11.45
C ALA B 315 36.92 17.30 -10.10
N ASN B 316 36.14 16.94 -9.09
CA ASN B 316 36.65 16.95 -7.72
C ASN B 316 36.83 15.57 -7.11
N ALA B 317 36.64 14.50 -7.87
CA ALA B 317 36.73 13.14 -7.34
C ALA B 317 38.13 12.55 -7.58
N LYS B 318 38.53 11.63 -6.69
CA LYS B 318 39.82 10.98 -6.81
C LYS B 318 39.84 10.02 -8.00
N GLU B 319 38.80 9.22 -8.17
CA GLU B 319 38.78 8.22 -9.22
C GLU B 319 37.37 8.00 -9.72
N LYS B 320 37.27 7.72 -11.02
CA LYS B 320 36.06 7.20 -11.64
C LYS B 320 36.37 5.83 -12.21
N VAL B 321 35.58 4.83 -11.81
CA VAL B 321 35.63 3.51 -12.41
C VAL B 321 34.31 3.30 -13.16
N ASN B 322 34.39 2.52 -14.24
CA ASN B 322 33.20 2.15 -14.99
C ASN B 322 32.87 0.70 -14.68
N VAL B 323 31.80 0.50 -13.92
CA VAL B 323 31.34 -0.85 -13.61
C VAL B 323 30.79 -1.52 -14.87
N LYS B 324 29.83 -0.88 -15.52
CA LYS B 324 29.32 -1.32 -16.81
C LYS B 324 28.81 -0.11 -17.55
N PRO B 325 28.29 -0.25 -18.76
CA PRO B 325 27.85 0.93 -19.52
C PRO B 325 26.73 1.65 -18.78
N GLN B 326 26.98 2.94 -18.53
CA GLN B 326 26.06 3.88 -17.88
C GLN B 326 26.04 3.72 -16.37
N VAL B 327 26.92 2.91 -15.78
CA VAL B 327 26.98 2.70 -14.34
C VAL B 327 28.40 3.02 -13.90
N ASP B 328 28.60 4.18 -13.28
CA ASP B 328 29.92 4.68 -12.92
C ASP B 328 30.03 4.84 -11.42
N ARG B 329 31.15 4.37 -10.86
CA ARG B 329 31.42 4.48 -9.43
C ARG B 329 32.58 5.45 -9.23
N TYR B 330 32.33 6.52 -8.49
CA TYR B 330 33.35 7.50 -8.16
C TYR B 330 33.87 7.22 -6.76
N THR B 331 35.20 7.26 -6.62
CA THR B 331 35.88 7.20 -5.33
C THR B 331 36.27 8.62 -4.96
N MET B 332 35.64 9.17 -3.93
CA MET B 332 35.82 10.57 -3.60
C MET B 332 37.12 10.76 -2.82
N GLN B 333 37.46 12.04 -2.60
CA GLN B 333 38.62 12.34 -1.79
C GLN B 333 38.42 11.85 -0.35
N SER B 334 37.17 11.79 0.10
CA SER B 334 36.86 11.20 1.39
C SER B 334 37.20 9.72 1.45
N GLY B 335 37.34 9.07 0.30
CA GLY B 335 37.37 7.63 0.21
C GLY B 335 36.00 6.98 0.10
N LYS B 336 34.93 7.72 0.37
CA LYS B 336 33.59 7.21 0.17
C LYS B 336 33.31 7.06 -1.33
N HIS B 337 32.36 6.18 -1.64
CA HIS B 337 32.02 5.86 -3.02
C HIS B 337 30.65 6.42 -3.37
N ILE B 338 30.55 6.93 -4.60
CA ILE B 338 29.32 7.47 -5.15
C ILE B 338 29.07 6.77 -6.48
N ILE B 339 27.94 6.10 -6.61
CA ILE B 339 27.55 5.41 -7.84
C ILE B 339 26.61 6.33 -8.61
N LEU B 340 26.99 6.66 -9.85
CA LEU B 340 26.20 7.52 -10.71
C LEU B 340 25.69 6.73 -11.90
N LEU B 341 24.38 6.79 -12.13
CA LEU B 341 23.74 6.07 -13.22
C LEU B 341 23.53 7.00 -14.41
N ALA B 342 23.96 6.52 -15.59
CA ALA B 342 23.68 7.16 -16.88
C ALA B 342 24.11 8.63 -16.92
N GLU B 343 25.28 8.92 -16.36
CA GLU B 343 25.88 10.25 -16.41
C GLU B 343 24.91 11.36 -16.02
N GLY B 344 23.92 11.02 -15.19
CA GLY B 344 22.91 11.96 -14.78
C GLY B 344 21.73 12.08 -15.72
N ARG B 345 21.77 11.39 -16.85
CA ARG B 345 20.69 11.45 -17.82
C ARG B 345 19.57 10.48 -17.41
N LEU B 346 18.44 10.57 -18.12
CA LEU B 346 17.24 9.83 -17.72
C LEU B 346 17.56 8.37 -17.43
N VAL B 347 17.44 7.97 -16.17
CA VAL B 347 17.92 6.65 -15.75
C VAL B 347 17.04 5.54 -16.31
N ASN B 348 15.73 5.78 -16.42
CA ASN B 348 14.85 4.76 -16.98
C ASN B 348 15.22 4.47 -18.43
N LEU B 349 15.34 5.50 -19.26
CA LEU B 349 15.69 5.30 -20.65
C LEU B 349 17.14 4.83 -20.79
N GLY B 350 18.05 5.40 -20.00
CA GLY B 350 19.45 5.09 -20.17
C GLY B 350 19.84 3.74 -19.63
N CYS B 351 19.41 3.43 -18.41
CA CYS B 351 19.82 2.18 -17.78
C CYS B 351 18.84 1.03 -18.01
N ALA B 352 17.60 1.33 -18.42
CA ALA B 352 16.67 0.29 -18.86
C ALA B 352 16.07 0.66 -20.23
N HIS B 353 14.77 0.40 -20.42
CA HIS B 353 14.09 0.67 -21.68
C HIS B 353 13.00 1.73 -21.59
N GLY B 354 12.86 2.41 -20.45
CA GLY B 354 11.81 3.42 -20.34
C GLY B 354 10.44 2.85 -20.03
N HIS B 355 9.44 3.72 -20.16
CA HIS B 355 8.08 3.38 -19.81
C HIS B 355 7.62 2.18 -20.63
N PRO B 356 6.73 1.34 -20.07
CA PRO B 356 6.25 0.17 -20.81
C PRO B 356 5.27 0.57 -21.92
N SER B 357 5.07 -0.38 -22.84
CA SER B 357 4.40 -0.04 -24.10
C SER B 357 2.98 0.49 -23.86
N PHE B 358 2.26 -0.08 -22.89
CA PHE B 358 0.84 0.25 -22.78
C PHE B 358 0.62 1.70 -22.39
N VAL B 359 1.39 2.21 -21.44
CA VAL B 359 1.23 3.61 -21.08
C VAL B 359 1.71 4.50 -22.23
N MET B 360 2.68 4.03 -23.02
CA MET B 360 3.13 4.81 -24.16
C MET B 360 2.11 4.87 -25.28
N SER B 361 1.19 3.91 -25.34
CA SER B 361 0.12 4.00 -26.31
C SER B 361 -0.80 5.17 -26.00
N ASN B 362 -1.03 5.48 -24.72
CA ASN B 362 -1.88 6.61 -24.38
C ASN B 362 -1.20 7.93 -24.74
N SER B 363 0.08 8.08 -24.42
CA SER B 363 0.77 9.31 -24.77
C SER B 363 0.93 9.44 -26.28
N PHE B 364 1.31 8.35 -26.97
CA PHE B 364 1.56 8.44 -28.39
C PHE B 364 0.28 8.55 -29.21
N THR B 365 -0.86 8.12 -28.66
CA THR B 365 -2.13 8.31 -29.35
C THR B 365 -2.57 9.77 -29.30
N ASN B 366 -2.31 10.47 -28.18
CA ASN B 366 -2.41 11.92 -28.17
C ASN B 366 -1.51 12.55 -29.22
N GLN B 367 -0.28 12.03 -29.36
CA GLN B 367 0.66 12.60 -30.31
C GLN B 367 0.18 12.42 -31.74
N VAL B 368 -0.27 11.21 -32.09
CA VAL B 368 -0.85 11.01 -33.41
C VAL B 368 -2.00 11.97 -33.64
N LEU B 369 -2.85 12.17 -32.62
CA LEU B 369 -3.99 13.06 -32.78
C LEU B 369 -3.55 14.51 -33.01
N ALA B 370 -2.51 14.94 -32.29
CA ALA B 370 -2.07 16.33 -32.41
C ALA B 370 -1.49 16.60 -33.80
N GLN B 371 -0.71 15.66 -34.34
CA GLN B 371 -0.19 15.82 -35.69
C GLN B 371 -1.31 15.99 -36.70
N ILE B 372 -2.34 15.15 -36.61
CA ILE B 372 -3.50 15.29 -37.49
C ILE B 372 -4.10 16.68 -37.35
N GLU B 373 -4.36 17.11 -36.11
CA GLU B 373 -4.94 18.43 -35.88
C GLU B 373 -4.16 19.52 -36.58
N LEU B 374 -2.84 19.54 -36.42
CA LEU B 374 -2.04 20.65 -36.92
C LEU B 374 -1.91 20.61 -38.43
N TRP B 375 -1.75 19.41 -39.00
CA TRP B 375 -1.65 19.30 -40.45
C TRP B 375 -3.00 19.57 -41.12
N THR B 376 -4.08 19.07 -40.52
CA THR B 376 -5.37 19.03 -41.17
C THR B 376 -6.31 20.17 -40.77
N LYS B 377 -6.13 20.76 -39.59
CA LYS B 377 -7.00 21.86 -39.15
C LYS B 377 -6.18 23.08 -38.75
N SER B 378 -5.08 23.35 -39.45
CA SER B 378 -4.42 24.65 -39.34
C SER B 378 -5.43 25.74 -39.65
N ASP B 379 -5.68 26.61 -38.67
CA ASP B 379 -6.81 27.53 -38.70
C ASP B 379 -7.31 27.80 -37.30
N LYS B 380 -8.02 26.81 -36.75
CA LYS B 380 -8.36 26.80 -35.34
C LYS B 380 -7.11 26.76 -34.46
N TYR B 381 -5.93 26.61 -35.04
CA TYR B 381 -4.65 26.53 -34.31
C TYR B 381 -3.72 27.64 -34.77
N ALA B 382 -3.80 28.80 -34.11
CA ALA B 382 -2.90 29.92 -34.36
C ALA B 382 -1.58 29.72 -33.62
N VAL B 383 -0.62 30.60 -33.92
CA VAL B 383 0.70 30.51 -33.30
C VAL B 383 0.54 30.66 -31.79
N GLY B 384 0.93 29.63 -31.05
CA GLY B 384 0.77 29.61 -29.61
C GLY B 384 0.85 28.18 -29.11
N VAL B 385 0.52 28.01 -27.84
CA VAL B 385 0.55 26.72 -27.18
C VAL B 385 -0.87 26.30 -26.86
N HIS B 386 -1.29 25.19 -27.44
CA HIS B 386 -2.65 24.67 -27.30
C HIS B 386 -2.60 23.27 -26.72
N VAL B 387 -3.67 22.90 -26.01
CA VAL B 387 -3.87 21.53 -25.57
C VAL B 387 -4.99 20.90 -26.40
N LEU B 388 -4.95 19.57 -26.50
CA LEU B 388 -6.00 18.86 -27.21
C LEU B 388 -7.34 19.04 -26.48
N PRO B 389 -8.44 18.83 -27.18
CA PRO B 389 -9.74 18.98 -26.55
C PRO B 389 -10.14 17.74 -25.75
N LYS B 390 -10.96 17.96 -24.73
CA LYS B 390 -11.30 16.87 -23.81
C LYS B 390 -12.08 15.77 -24.52
N ILE B 391 -12.82 16.11 -25.57
CA ILE B 391 -13.51 15.08 -26.35
C ILE B 391 -12.52 14.02 -26.80
N LEU B 392 -11.33 14.46 -27.24
CA LEU B 392 -10.30 13.54 -27.73
C LEU B 392 -9.39 13.01 -26.62
N ASP B 393 -9.12 13.80 -25.59
CA ASP B 393 -8.49 13.26 -24.38
C ASP B 393 -9.20 11.99 -23.92
N GLU B 394 -10.53 12.05 -23.87
CA GLU B 394 -11.31 10.89 -23.42
C GLU B 394 -11.25 9.75 -24.42
N GLU B 395 -11.16 10.05 -25.71
CA GLU B 395 -11.07 8.99 -26.71
C GLU B 395 -9.76 8.23 -26.57
N VAL B 396 -8.69 8.92 -26.19
CA VAL B 396 -7.43 8.24 -25.91
C VAL B 396 -7.64 7.14 -24.87
N ALA B 397 -8.28 7.49 -23.76
CA ALA B 397 -8.51 6.52 -22.69
C ALA B 397 -9.52 5.46 -23.13
N SER B 398 -10.58 5.88 -23.83
CA SER B 398 -11.59 4.93 -24.29
C SER B 398 -10.96 3.82 -25.11
N LEU B 399 -9.96 4.16 -25.92
CA LEU B 399 -9.34 3.20 -26.83
C LEU B 399 -8.54 2.12 -26.11
N HIS B 400 -8.34 2.26 -24.80
CA HIS B 400 -7.48 1.34 -24.06
C HIS B 400 -8.25 0.47 -23.07
N LEU B 401 -9.58 0.61 -22.98
CA LEU B 401 -10.31 -0.02 -21.89
C LEU B 401 -10.55 -1.51 -22.12
N GLU B 402 -10.67 -1.94 -23.38
CA GLU B 402 -11.01 -3.33 -23.65
C GLU B 402 -9.81 -4.27 -23.44
N LYS B 403 -8.61 -3.82 -23.80
CA LYS B 403 -7.41 -4.60 -23.50
C LYS B 403 -7.31 -4.91 -22.02
N LEU B 404 -7.77 -4.00 -21.16
CA LEU B 404 -7.73 -4.18 -19.72
C LEU B 404 -8.99 -4.81 -19.15
N GLY B 405 -9.97 -5.15 -19.99
CA GLY B 405 -11.17 -5.81 -19.54
C GLY B 405 -12.19 -4.92 -18.85
N VAL B 406 -11.97 -3.61 -18.86
CA VAL B 406 -12.87 -2.69 -18.17
C VAL B 406 -14.20 -2.63 -18.90
N LYS B 407 -15.29 -2.83 -18.15
CA LYS B 407 -16.65 -2.64 -18.65
C LYS B 407 -17.14 -1.31 -18.12
N LEU B 408 -17.18 -0.30 -18.99
CA LEU B 408 -17.61 1.02 -18.58
C LEU B 408 -19.13 1.08 -18.50
N THR B 409 -19.62 2.08 -17.76
CA THR B 409 -21.05 2.25 -17.56
C THR B 409 -21.58 3.39 -18.43
N LYS B 410 -22.75 3.17 -19.01
CA LYS B 410 -23.42 4.16 -19.84
C LYS B 410 -24.42 4.92 -18.99
N LEU B 411 -24.32 6.25 -19.01
CA LEU B 411 -25.29 7.07 -18.29
C LEU B 411 -26.67 6.92 -18.91
N THR B 412 -27.69 6.71 -18.08
CA THR B 412 -29.03 6.83 -18.60
C THR B 412 -29.27 8.27 -19.05
N GLU B 413 -30.13 8.43 -20.04
CA GLU B 413 -30.49 9.78 -20.46
C GLU B 413 -31.03 10.60 -19.29
N LYS B 414 -31.75 9.96 -18.37
CA LYS B 414 -32.18 10.63 -17.15
C LYS B 414 -30.96 11.13 -16.36
N GLN B 415 -30.00 10.23 -16.11
CA GLN B 415 -28.82 10.62 -15.33
C GLN B 415 -27.99 11.68 -16.05
N ALA B 416 -27.84 11.56 -17.36
CA ALA B 416 -27.03 12.53 -18.10
C ALA B 416 -27.65 13.91 -18.04
N THR B 417 -28.98 14.01 -18.12
CA THR B 417 -29.65 15.29 -18.00
C THR B 417 -29.54 15.83 -16.58
N TYR B 418 -29.47 14.94 -15.59
CA TYR B 418 -29.25 15.35 -14.20
C TYR B 418 -27.86 15.93 -14.01
N LEU B 419 -26.84 15.30 -14.62
CA LEU B 419 -25.46 15.76 -14.52
C LEU B 419 -25.07 16.75 -15.61
N GLY B 420 -25.99 17.11 -16.49
CA GLY B 420 -25.73 18.09 -17.53
C GLY B 420 -24.61 17.74 -18.49
N VAL B 421 -24.61 16.50 -18.99
CA VAL B 421 -23.56 16.01 -19.87
C VAL B 421 -24.17 15.23 -21.01
N SER B 422 -23.45 15.20 -22.14
CA SER B 422 -23.77 14.27 -23.19
C SER B 422 -23.47 12.84 -22.75
N GLN B 423 -24.26 11.89 -23.25
CA GLN B 423 -23.99 10.49 -22.94
C GLN B 423 -22.64 10.06 -23.48
N THR B 424 -22.08 10.82 -24.43
CA THR B 424 -20.81 10.54 -25.06
C THR B 424 -19.71 11.53 -24.65
N GLY B 425 -20.01 12.43 -23.73
CA GLY B 425 -19.02 13.37 -23.24
C GLY B 425 -18.90 14.62 -24.07
N PRO B 426 -18.11 15.59 -23.59
CA PRO B 426 -17.21 15.54 -22.43
C PRO B 426 -17.91 15.44 -21.08
N PHE B 427 -17.37 14.57 -20.23
CA PHE B 427 -18.00 14.25 -18.96
C PHE B 427 -17.66 15.24 -17.85
N LYS B 428 -16.56 15.96 -17.95
CA LYS B 428 -16.06 16.84 -16.91
C LYS B 428 -15.83 18.26 -17.42
N PRO B 429 -15.87 19.26 -16.55
CA PRO B 429 -15.43 20.59 -16.94
C PRO B 429 -13.92 20.60 -17.17
N ASP B 430 -13.47 21.60 -17.94
CA ASP B 430 -12.06 21.66 -18.31
C ASP B 430 -11.16 21.99 -17.14
N HIS B 431 -11.70 22.57 -16.05
CA HIS B 431 -10.90 22.83 -14.86
C HIS B 431 -10.77 21.59 -13.97
N TYR B 432 -11.34 20.48 -14.37
CA TYR B 432 -11.19 19.23 -13.62
C TYR B 432 -9.70 18.86 -13.55
N ARG B 433 -9.21 18.63 -12.33
CA ARG B 433 -7.82 18.22 -12.15
C ARG B 433 -7.66 16.71 -12.10
N TYR B 434 -8.76 15.97 -12.26
CA TYR B 434 -8.73 14.51 -12.16
C TYR B 434 -7.89 14.11 -10.95
N HIS C 2 -29.62 -17.74 53.83
CA HIS C 2 -29.37 -17.60 52.41
C HIS C 2 -29.21 -16.15 52.00
N MET C 3 -27.98 -15.64 51.98
CA MET C 3 -27.77 -14.37 51.30
C MET C 3 -27.93 -14.60 49.81
N SER C 4 -29.02 -14.06 49.24
CA SER C 4 -29.32 -14.30 47.84
C SER C 4 -28.27 -13.62 46.95
N LYS C 5 -28.12 -14.16 45.75
CA LYS C 5 -27.08 -13.76 44.83
C LYS C 5 -27.70 -13.24 43.55
N PRO C 6 -27.26 -12.08 43.05
CA PRO C 6 -27.75 -11.60 41.76
C PRO C 6 -27.67 -12.69 40.71
N SER C 7 -28.79 -12.93 40.02
CA SER C 7 -28.73 -13.81 38.86
C SER C 7 -27.84 -13.22 37.78
N TYR C 8 -27.65 -11.90 37.78
CA TYR C 8 -26.79 -11.19 36.85
C TYR C 8 -26.57 -9.79 37.41
N LYS C 9 -25.54 -9.13 36.92
CA LYS C 9 -25.27 -7.74 37.25
C LYS C 9 -24.82 -7.05 35.97
N VAL C 10 -25.68 -6.18 35.44
CA VAL C 10 -25.47 -5.53 34.15
C VAL C 10 -25.90 -4.08 34.30
N ALA C 11 -25.45 -3.25 33.37
CA ALA C 11 -25.75 -1.82 33.44
C ALA C 11 -27.26 -1.58 33.34
N ASP C 12 -27.85 -2.01 32.22
CA ASP C 12 -29.26 -1.78 31.96
C ASP C 12 -29.83 -3.00 31.25
N ILE C 13 -30.76 -3.69 31.91
CA ILE C 13 -31.37 -4.86 31.30
C ILE C 13 -32.23 -4.48 30.10
N SER C 14 -32.65 -3.21 30.01
CA SER C 14 -33.47 -2.76 28.89
C SER C 14 -32.76 -2.91 27.56
N LEU C 15 -31.42 -2.88 27.57
CA LEU C 15 -30.65 -2.95 26.34
C LEU C 15 -30.64 -4.34 25.72
N ALA C 16 -31.47 -5.25 26.26
CA ALA C 16 -31.46 -6.63 25.80
C ALA C 16 -31.93 -6.76 24.35
N GLU C 17 -32.90 -5.93 23.95
CA GLU C 17 -33.45 -6.04 22.61
C GLU C 17 -32.45 -5.58 21.56
N TRP C 18 -31.75 -4.47 21.82
CA TRP C 18 -30.71 -4.00 20.91
C TRP C 18 -29.59 -5.03 20.78
N GLY C 19 -29.17 -5.62 21.90
CA GLY C 19 -28.09 -6.60 21.83
C GLY C 19 -28.44 -7.80 20.97
N ARG C 20 -29.65 -8.34 21.15
CA ARG C 20 -30.10 -9.44 20.31
C ARG C 20 -29.99 -9.07 18.83
N LYS C 21 -30.39 -7.85 18.47
CA LYS C 21 -30.32 -7.43 17.07
C LYS C 21 -28.88 -7.39 16.58
N ALA C 22 -27.99 -6.73 17.33
CA ALA C 22 -26.59 -6.68 16.93
C ALA C 22 -25.96 -8.07 16.96
N ILE C 23 -26.40 -8.92 17.88
CA ILE C 23 -25.92 -10.30 17.90
C ILE C 23 -26.27 -11.00 16.59
N ILE C 24 -27.52 -10.84 16.14
CA ILE C 24 -27.96 -11.54 14.94
C ILE C 24 -27.14 -11.12 13.73
N ILE C 25 -26.88 -9.82 13.58
CA ILE C 25 -25.98 -9.37 12.53
C ILE C 25 -24.62 -10.05 12.66
N ALA C 26 -24.10 -10.13 13.90
CA ALA C 26 -22.79 -10.71 14.12
C ALA C 26 -22.76 -12.19 13.78
N GLU C 27 -23.80 -12.93 14.16
CA GLU C 27 -23.84 -14.37 13.88
C GLU C 27 -23.60 -14.65 12.41
N ASN C 28 -24.28 -13.91 11.52
CA ASN C 28 -24.14 -14.15 10.10
C ASN C 28 -22.75 -13.79 9.58
N GLU C 29 -22.01 -12.94 10.28
CA GLU C 29 -20.63 -12.65 9.94
C GLU C 29 -19.64 -13.46 10.76
N MET C 30 -20.10 -14.53 11.43
CA MET C 30 -19.24 -15.42 12.21
C MET C 30 -19.58 -16.87 11.88
N PRO C 31 -19.23 -17.34 10.68
CA PRO C 31 -19.66 -18.69 10.26
C PRO C 31 -19.06 -19.81 11.09
N GLY C 32 -17.88 -19.63 11.67
CA GLY C 32 -17.25 -20.73 12.37
C GLY C 32 -17.98 -21.12 13.64
N LEU C 33 -18.38 -20.13 14.45
CA LEU C 33 -19.19 -20.43 15.61
C LEU C 33 -20.52 -21.06 15.20
N MET C 34 -21.15 -20.54 14.14
CA MET C 34 -22.40 -21.12 13.66
C MET C 34 -22.17 -22.54 13.15
N ALA C 35 -21.05 -22.79 12.47
CA ALA C 35 -20.75 -24.14 12.01
C ALA C 35 -20.51 -25.08 13.19
N CYS C 36 -19.82 -24.60 14.23
CA CYS C 36 -19.65 -25.41 15.43
C CYS C 36 -20.98 -25.81 16.03
N ARG C 37 -21.99 -24.94 15.93
CA ARG C 37 -23.30 -25.27 16.49
C ARG C 37 -23.98 -26.40 15.73
N LYS C 38 -23.79 -26.48 14.42
CA LYS C 38 -24.48 -27.49 13.63
C LYS C 38 -23.82 -28.86 13.76
N LYS C 39 -22.49 -28.90 13.85
CA LYS C 39 -21.77 -30.17 13.88
C LYS C 39 -21.89 -30.87 15.22
N TYR C 40 -21.60 -30.16 16.31
CA TYR C 40 -21.51 -30.78 17.63
C TYR C 40 -22.76 -30.54 18.50
N GLY C 41 -23.62 -29.58 18.15
CA GLY C 41 -24.75 -29.21 18.99
C GLY C 41 -25.72 -30.31 19.27
N PRO C 42 -26.11 -31.14 18.29
CA PRO C 42 -27.00 -32.25 18.59
C PRO C 42 -26.39 -33.32 19.48
N SER C 43 -25.06 -33.39 19.57
CA SER C 43 -24.39 -34.42 20.37
C SER C 43 -23.99 -33.93 21.75
N LYS C 44 -24.31 -32.68 22.09
CA LYS C 44 -24.06 -32.09 23.40
C LYS C 44 -22.71 -32.49 23.94
N PRO C 45 -21.61 -32.08 23.30
CA PRO C 45 -20.28 -32.49 23.76
C PRO C 45 -19.91 -31.89 25.09
N LEU C 46 -20.49 -30.74 25.46
CA LEU C 46 -20.15 -30.01 26.67
C LEU C 46 -21.11 -30.29 27.81
N LYS C 47 -21.87 -31.38 27.72
CA LYS C 47 -22.80 -31.74 28.77
C LYS C 47 -22.06 -32.11 30.05
N GLY C 48 -22.51 -31.52 31.16
CA GLY C 48 -21.85 -31.70 32.44
C GLY C 48 -20.78 -30.69 32.74
N ALA C 49 -20.35 -29.91 31.75
CA ALA C 49 -19.29 -28.92 31.92
C ALA C 49 -19.89 -27.57 32.31
N ARG C 50 -19.30 -26.96 33.34
CA ARG C 50 -19.68 -25.62 33.81
C ARG C 50 -18.48 -24.72 33.55
N ILE C 51 -18.54 -23.94 32.47
CA ILE C 51 -17.43 -23.08 32.07
C ILE C 51 -17.62 -21.70 32.66
N THR C 52 -16.55 -21.16 33.21
CA THR C 52 -16.51 -19.78 33.71
C THR C 52 -15.63 -18.97 32.77
N GLY C 53 -16.20 -17.89 32.23
CA GLY C 53 -15.52 -17.10 31.23
C GLY C 53 -15.26 -15.68 31.66
N CYS C 54 -13.99 -15.27 31.59
CA CYS C 54 -13.58 -13.90 31.88
C CYS C 54 -12.94 -13.33 30.63
N LEU C 55 -13.78 -12.96 29.66
CA LEU C 55 -13.36 -12.32 28.43
C LEU C 55 -14.20 -11.06 28.24
N HIS C 56 -13.58 -10.00 27.71
CA HIS C 56 -14.29 -8.77 27.39
C HIS C 56 -15.71 -9.13 26.94
N MET C 57 -16.74 -8.62 27.62
CA MET C 57 -18.10 -9.01 27.30
C MET C 57 -18.58 -8.21 26.10
N THR C 58 -18.49 -8.83 24.92
CA THR C 58 -18.77 -8.20 23.65
C THR C 58 -19.89 -8.93 22.91
N VAL C 59 -20.37 -8.30 21.84
CA VAL C 59 -21.33 -8.95 20.95
C VAL C 59 -20.74 -10.25 20.42
N GLN C 60 -19.48 -10.21 20.01
CA GLN C 60 -18.79 -11.40 19.51
C GLN C 60 -18.73 -12.48 20.58
N THR C 61 -18.46 -12.08 21.83
CA THR C 61 -18.37 -13.02 22.94
C THR C 61 -19.73 -13.61 23.29
N ALA C 62 -20.81 -12.87 23.00
CA ALA C 62 -22.16 -13.41 23.17
C ALA C 62 -22.42 -14.56 22.19
N VAL C 63 -21.89 -14.47 20.97
CA VAL C 63 -22.02 -15.59 20.05
C VAL C 63 -21.20 -16.78 20.52
N LEU C 64 -20.07 -16.53 21.19
CA LEU C 64 -19.31 -17.62 21.79
C LEU C 64 -20.05 -18.24 22.96
N ILE C 65 -20.62 -17.41 23.83
CA ILE C 65 -21.37 -17.94 24.97
C ILE C 65 -22.52 -18.80 24.50
N GLU C 66 -23.35 -18.28 23.59
CA GLU C 66 -24.53 -19.03 23.17
C GLU C 66 -24.15 -20.30 22.41
N THR C 67 -22.98 -20.30 21.75
CA THR C 67 -22.51 -21.49 21.07
C THR C 67 -22.14 -22.58 22.07
N LEU C 68 -21.39 -22.23 23.12
CA LEU C 68 -21.08 -23.18 24.18
C LEU C 68 -22.36 -23.69 24.84
N VAL C 69 -23.34 -22.80 25.02
CA VAL C 69 -24.60 -23.19 25.62
C VAL C 69 -25.37 -24.15 24.70
N GLU C 70 -25.37 -23.87 23.40
CA GLU C 70 -26.00 -24.78 22.45
C GLU C 70 -25.29 -26.13 22.39
N LEU C 71 -24.02 -26.18 22.79
CA LEU C 71 -23.26 -27.42 22.83
C LEU C 71 -23.33 -28.11 24.19
N GLY C 72 -24.28 -27.72 25.03
CA GLY C 72 -24.59 -28.45 26.26
C GLY C 72 -23.86 -27.99 27.50
N ALA C 73 -23.43 -26.74 27.56
CA ALA C 73 -22.63 -26.24 28.67
C ALA C 73 -23.39 -25.19 29.47
N GLN C 74 -23.27 -25.27 30.80
CA GLN C 74 -23.64 -24.16 31.67
C GLN C 74 -22.53 -23.10 31.64
N VAL C 75 -22.91 -21.84 31.52
CA VAL C 75 -21.96 -20.77 31.32
C VAL C 75 -22.25 -19.61 32.26
N GLN C 76 -21.18 -19.03 32.81
CA GLN C 76 -21.19 -17.82 33.62
C GLN C 76 -20.01 -16.96 33.18
N TRP C 77 -20.20 -15.65 33.14
CA TRP C 77 -19.24 -14.81 32.43
C TRP C 77 -18.93 -13.52 33.17
N SER C 78 -17.72 -13.03 32.93
CA SER C 78 -17.23 -11.74 33.41
C SER C 78 -16.34 -11.15 32.33
N SER C 79 -15.96 -9.88 32.50
CA SER C 79 -15.07 -9.23 31.55
C SER C 79 -13.65 -9.18 32.10
N CYS C 80 -12.68 -9.27 31.20
CA CYS C 80 -11.27 -9.15 31.58
C CYS C 80 -10.78 -7.71 31.55
N ASN C 81 -11.67 -6.75 31.30
CA ASN C 81 -11.33 -5.33 31.32
C ASN C 81 -12.53 -4.56 31.84
N ILE C 82 -12.25 -3.46 32.55
CA ILE C 82 -13.33 -2.66 33.12
C ILE C 82 -14.07 -1.87 32.05
N PHE C 83 -13.42 -1.63 30.90
CA PHE C 83 -13.99 -0.80 29.85
C PHE C 83 -14.37 -1.60 28.60
N SER C 84 -14.07 -2.90 28.58
CA SER C 84 -14.23 -3.72 27.38
C SER C 84 -15.66 -4.19 27.14
N THR C 85 -16.51 -4.15 28.16
CA THR C 85 -17.82 -4.76 28.05
C THR C 85 -18.77 -3.85 27.26
N GLN C 86 -19.46 -4.44 26.28
CA GLN C 86 -20.56 -3.79 25.58
C GLN C 86 -21.84 -4.05 26.36
N ASP C 87 -22.50 -2.99 26.82
CA ASP C 87 -23.62 -3.19 27.72
C ASP C 87 -24.81 -3.83 27.02
N ASN C 88 -25.01 -3.56 25.72
CA ASN C 88 -26.17 -4.13 25.05
C ASN C 88 -26.04 -5.64 24.91
N ALA C 89 -24.83 -6.14 24.62
CA ALA C 89 -24.62 -7.58 24.56
C ALA C 89 -24.78 -8.22 25.93
N ALA C 90 -24.29 -7.56 26.98
CA ALA C 90 -24.39 -8.12 28.32
C ALA C 90 -25.84 -8.31 28.75
N ALA C 91 -26.67 -7.28 28.51
CA ALA C 91 -28.09 -7.40 28.85
C ALA C 91 -28.73 -8.57 28.12
N ALA C 92 -28.41 -8.77 26.84
CA ALA C 92 -29.02 -9.83 26.07
C ALA C 92 -28.65 -11.20 26.60
N ILE C 93 -27.37 -11.40 26.89
CA ILE C 93 -26.90 -12.66 27.44
C ILE C 93 -27.50 -12.90 28.82
N ALA C 94 -27.63 -11.84 29.61
CA ALA C 94 -28.30 -11.96 30.91
C ALA C 94 -29.78 -12.29 30.75
N ALA C 95 -30.41 -11.78 29.70
CA ALA C 95 -31.80 -12.09 29.39
C ALA C 95 -31.99 -13.52 28.89
N THR C 96 -30.90 -14.28 28.70
CA THR C 96 -30.97 -15.68 28.30
C THR C 96 -30.73 -16.62 29.48
N GLY C 97 -30.85 -16.11 30.71
CA GLY C 97 -30.56 -16.94 31.87
C GLY C 97 -29.12 -17.40 31.95
N VAL C 98 -28.18 -16.63 31.43
CA VAL C 98 -26.76 -16.87 31.65
C VAL C 98 -26.29 -15.87 32.71
N PRO C 99 -25.75 -16.32 33.83
CA PRO C 99 -25.20 -15.37 34.81
C PRO C 99 -23.98 -14.65 34.22
N VAL C 100 -24.13 -13.33 34.06
CA VAL C 100 -23.05 -12.50 33.55
C VAL C 100 -22.95 -11.26 34.44
N TYR C 101 -21.72 -10.84 34.73
CA TYR C 101 -21.43 -9.81 35.71
C TYR C 101 -20.40 -8.86 35.09
N ALA C 102 -20.89 -7.89 34.31
CA ALA C 102 -20.02 -7.08 33.47
C ALA C 102 -20.75 -5.81 33.01
N TRP C 103 -20.02 -4.70 33.00
CA TRP C 103 -20.53 -3.42 32.54
C TRP C 103 -19.37 -2.47 32.29
N LYS C 104 -19.52 -1.60 31.30
CA LYS C 104 -18.52 -0.59 31.03
C LYS C 104 -18.49 0.44 32.16
N GLY C 105 -17.30 0.96 32.44
CA GLY C 105 -17.13 1.90 33.53
C GLY C 105 -16.88 1.26 34.87
N GLU C 106 -16.38 0.02 34.89
CA GLU C 106 -16.19 -0.73 36.12
C GLU C 106 -15.00 -0.22 36.93
N THR C 107 -15.15 -0.32 38.25
CA THR C 107 -14.05 -0.08 39.17
C THR C 107 -13.22 -1.35 39.32
N ASP C 108 -11.95 -1.19 39.71
CA ASP C 108 -11.12 -2.35 39.97
C ASP C 108 -11.75 -3.24 41.04
N GLU C 109 -12.33 -2.61 42.05
CA GLU C 109 -13.20 -3.28 43.02
C GLU C 109 -14.63 -3.25 42.47
N GLU C 110 -15.11 -4.43 42.04
CA GLU C 110 -16.28 -4.60 41.17
C GLU C 110 -15.89 -5.60 40.08
N TYR C 111 -14.86 -5.22 39.31
CA TYR C 111 -14.17 -6.15 38.43
C TYR C 111 -13.82 -7.45 39.15
N MET C 112 -13.13 -7.34 40.30
CA MET C 112 -12.80 -8.54 41.07
C MET C 112 -14.08 -9.21 41.59
N TRP C 113 -15.06 -8.42 42.03
CA TRP C 113 -16.32 -8.98 42.48
C TRP C 113 -17.03 -9.74 41.38
N CYS C 114 -17.02 -9.19 40.16
CA CYS C 114 -17.74 -9.82 39.05
C CYS C 114 -17.21 -11.22 38.76
N ILE C 115 -15.89 -11.39 38.81
CA ILE C 115 -15.27 -12.67 38.49
C ILE C 115 -15.62 -13.71 39.56
N GLU C 116 -15.61 -13.31 40.83
CA GLU C 116 -15.89 -14.24 41.91
C GLU C 116 -17.33 -14.75 41.85
N GLN C 117 -18.25 -13.98 41.28
CA GLN C 117 -19.62 -14.44 41.14
C GLN C 117 -19.76 -15.56 40.13
N THR C 118 -18.79 -15.70 39.22
CA THR C 118 -18.86 -16.69 38.16
C THR C 118 -18.22 -18.03 38.54
N LEU C 119 -17.64 -18.12 39.73
CA LEU C 119 -16.94 -19.33 40.14
C LEU C 119 -17.90 -20.45 40.53
N VAL C 120 -18.99 -20.12 41.20
CA VAL C 120 -19.98 -21.10 41.64
C VAL C 120 -21.26 -20.90 40.85
N PHE C 121 -21.75 -21.99 40.26
CA PHE C 121 -22.89 -21.93 39.38
C PHE C 121 -24.20 -22.04 40.17
N PRO C 122 -25.36 -21.92 39.53
CA PRO C 122 -26.59 -21.72 40.31
C PRO C 122 -26.93 -22.83 41.28
N ASP C 123 -26.33 -24.01 41.16
CA ASP C 123 -26.66 -25.12 42.04
C ASP C 123 -25.67 -25.26 43.19
N GLY C 124 -24.76 -24.29 43.38
CA GLY C 124 -23.72 -24.39 44.36
C GLY C 124 -22.49 -25.14 43.91
N GLN C 125 -22.59 -25.91 42.82
CA GLN C 125 -21.43 -26.66 42.36
C GLN C 125 -20.40 -25.70 41.76
N PRO C 126 -19.11 -25.92 42.03
CA PRO C 126 -18.08 -25.03 41.48
C PRO C 126 -17.81 -25.31 40.01
N LEU C 127 -17.03 -24.43 39.41
CA LEU C 127 -16.75 -24.50 37.99
C LEU C 127 -15.92 -25.74 37.65
N ASN C 128 -16.25 -26.39 36.52
CA ASN C 128 -15.42 -27.43 35.93
C ASN C 128 -14.38 -26.89 34.96
N MET C 129 -14.66 -25.76 34.28
CA MET C 129 -13.93 -25.35 33.09
C MET C 129 -13.63 -23.86 33.16
N ILE C 130 -12.55 -23.48 32.49
CA ILE C 130 -12.05 -22.11 32.50
C ILE C 130 -11.81 -21.65 31.06
N LEU C 131 -12.39 -20.51 30.70
CA LEU C 131 -12.10 -19.81 29.47
C LEU C 131 -11.68 -18.40 29.82
N ASP C 132 -10.42 -18.05 29.52
CA ASP C 132 -9.80 -16.85 30.08
C ASP C 132 -9.02 -16.09 29.02
N ASP C 133 -9.01 -14.77 29.17
CA ASP C 133 -8.21 -13.85 28.35
C ASP C 133 -7.46 -12.91 29.28
N GLY C 134 -6.17 -13.16 29.48
CA GLY C 134 -5.33 -12.32 30.29
C GLY C 134 -4.81 -12.96 31.56
N GLY C 135 -5.48 -14.01 32.04
CA GLY C 135 -5.00 -14.80 33.15
C GLY C 135 -5.61 -14.49 34.51
N ASP C 136 -6.37 -13.40 34.63
CA ASP C 136 -6.83 -12.96 35.95
C ASP C 136 -7.66 -14.04 36.63
N LEU C 137 -8.64 -14.60 35.92
CA LEU C 137 -9.47 -15.67 36.49
C LEU C 137 -8.64 -16.90 36.80
N THR C 138 -7.78 -17.29 35.88
CA THR C 138 -6.90 -18.44 36.10
C THR C 138 -6.05 -18.25 37.35
N ASN C 139 -5.38 -17.11 37.47
CA ASN C 139 -4.60 -16.85 38.68
C ASN C 139 -5.48 -16.85 39.92
N LEU C 140 -6.68 -16.27 39.82
CA LEU C 140 -7.58 -16.24 40.96
C LEU C 140 -7.87 -17.65 41.46
N VAL C 141 -8.31 -18.55 40.57
CA VAL C 141 -8.54 -19.93 41.02
C VAL C 141 -7.27 -20.50 41.61
N HIS C 142 -6.14 -20.34 40.92
CA HIS C 142 -4.89 -20.86 41.45
C HIS C 142 -4.56 -20.23 42.80
N GLU C 143 -4.41 -18.91 42.84
CA GLU C 143 -4.08 -18.25 44.09
C GLU C 143 -5.14 -18.49 45.15
N LYS C 144 -6.33 -17.90 44.99
CA LYS C 144 -7.30 -17.91 46.09
C LYS C 144 -8.12 -19.19 46.18
N PHE C 145 -8.41 -19.84 45.06
CA PHE C 145 -9.35 -20.96 45.14
C PHE C 145 -8.76 -22.26 44.62
N PRO C 146 -7.58 -22.68 45.09
CA PRO C 146 -7.01 -23.96 44.62
C PRO C 146 -7.83 -25.16 45.04
N GLN C 147 -8.86 -24.97 45.88
CA GLN C 147 -9.78 -26.04 46.19
C GLN C 147 -10.55 -26.50 44.95
N TYR C 148 -10.73 -25.60 43.98
CA TYR C 148 -11.54 -25.90 42.80
C TYR C 148 -10.78 -26.65 41.72
N LEU C 149 -9.44 -26.65 41.75
CA LEU C 149 -8.64 -27.13 40.63
C LEU C 149 -8.67 -28.65 40.46
N LYS C 150 -8.98 -29.39 41.54
CA LYS C 150 -9.03 -30.84 41.43
C LYS C 150 -10.13 -31.29 40.47
N ASN C 151 -11.25 -30.57 40.46
CA ASN C 151 -12.39 -30.94 39.64
C ASN C 151 -12.54 -30.02 38.43
N ILE C 152 -11.50 -29.26 38.10
CA ILE C 152 -11.44 -28.46 36.87
C ILE C 152 -10.67 -29.27 35.85
N LYS C 153 -11.35 -29.68 34.77
CA LYS C 153 -10.73 -30.56 33.80
C LYS C 153 -9.91 -29.81 32.75
N GLY C 154 -10.12 -28.50 32.57
CA GLY C 154 -9.41 -27.80 31.50
C GLY C 154 -9.32 -26.30 31.66
N LEU C 155 -8.32 -25.74 30.97
CA LEU C 155 -8.06 -24.30 30.92
C LEU C 155 -7.70 -23.90 29.50
N SER C 156 -8.39 -22.89 28.98
CA SER C 156 -8.08 -22.30 27.69
C SER C 156 -7.84 -20.80 27.86
N GLU C 157 -6.78 -20.30 27.21
CA GLU C 157 -6.37 -18.90 27.31
C GLU C 157 -6.22 -18.32 25.90
N GLU C 158 -6.50 -17.01 25.79
CA GLU C 158 -6.73 -16.40 24.49
C GLU C 158 -5.66 -15.42 24.02
N THR C 159 -4.84 -14.85 24.91
CA THR C 159 -4.00 -13.72 24.52
C THR C 159 -2.53 -13.96 24.86
N THR C 160 -1.67 -13.12 24.25
CA THR C 160 -0.23 -13.35 24.26
C THR C 160 0.35 -13.14 25.65
N THR C 161 -0.02 -12.04 26.31
CA THR C 161 0.43 -11.84 27.68
C THR C 161 -0.01 -13.00 28.57
N GLY C 162 -1.22 -13.53 28.33
CA GLY C 162 -1.72 -14.60 29.16
C GLY C 162 -0.98 -15.91 28.95
N VAL C 163 -0.76 -16.29 27.68
CA VAL C 163 -0.05 -17.53 27.42
C VAL C 163 1.35 -17.47 28.01
N HIS C 164 1.90 -16.28 28.17
CA HIS C 164 3.23 -16.16 28.77
C HIS C 164 3.17 -16.48 30.26
N ASN C 165 2.19 -15.92 30.97
CA ASN C 165 1.99 -16.30 32.37
C ASN C 165 1.75 -17.80 32.49
N LEU C 166 0.90 -18.36 31.61
CA LEU C 166 0.65 -19.80 31.61
C LEU C 166 1.94 -20.60 31.51
N TYR C 167 2.79 -20.27 30.53
CA TYR C 167 3.99 -21.05 30.31
C TYR C 167 4.88 -21.04 31.56
N LYS C 168 5.15 -19.86 32.10
CA LYS C 168 6.02 -19.81 33.27
C LYS C 168 5.34 -20.28 34.54
N MET C 169 4.02 -20.46 34.54
CA MET C 169 3.36 -21.17 35.63
C MET C 169 3.72 -22.66 35.59
N PHE C 170 3.70 -23.27 34.40
CA PHE C 170 4.16 -24.64 34.26
C PHE C 170 5.65 -24.76 34.53
N LYS C 171 6.42 -23.72 34.22
CA LYS C 171 7.86 -23.73 34.45
C LYS C 171 8.18 -23.70 35.93
N GLU C 172 7.39 -22.95 36.71
CA GLU C 172 7.60 -22.84 38.15
C GLU C 172 6.86 -23.89 38.95
N GLY C 173 6.18 -24.83 38.27
CA GLY C 173 5.38 -25.82 38.96
C GLY C 173 4.08 -25.31 39.54
N ARG C 174 3.67 -24.08 39.19
CA ARG C 174 2.52 -23.44 39.82
C ARG C 174 1.25 -23.53 38.98
N LEU C 175 1.19 -24.48 38.04
CA LEU C 175 0.02 -24.70 37.19
C LEU C 175 -0.52 -26.10 37.45
N GLY C 176 -1.80 -26.18 37.85
CA GLY C 176 -2.38 -27.46 38.24
C GLY C 176 -3.55 -27.98 37.43
N VAL C 177 -3.68 -27.53 36.18
CA VAL C 177 -4.76 -27.98 35.30
C VAL C 177 -4.23 -28.05 33.87
N PRO C 178 -4.66 -29.02 33.05
CA PRO C 178 -4.28 -29.00 31.64
C PRO C 178 -4.73 -27.70 30.97
N ALA C 179 -3.91 -27.23 30.02
CA ALA C 179 -4.14 -25.93 29.40
C ALA C 179 -3.88 -25.99 27.89
N ILE C 180 -4.55 -25.10 27.15
CA ILE C 180 -4.42 -24.99 25.71
C ILE C 180 -4.21 -23.52 25.34
N ASN C 181 -3.24 -23.28 24.45
CA ASN C 181 -2.83 -21.93 24.03
C ASN C 181 -3.53 -21.61 22.72
N VAL C 182 -4.67 -20.93 22.82
CA VAL C 182 -5.45 -20.56 21.64
C VAL C 182 -4.76 -19.46 20.84
N ASN C 183 -3.96 -18.63 21.50
CA ASN C 183 -3.33 -17.50 20.81
C ASN C 183 -2.32 -17.97 19.78
N ASP C 184 -1.67 -19.10 20.00
CA ASP C 184 -0.65 -19.57 19.08
C ASP C 184 -1.17 -20.60 18.09
N SER C 185 -2.49 -20.80 18.03
CA SER C 185 -3.12 -21.31 16.84
C SER C 185 -2.99 -20.27 15.72
N VAL C 186 -2.48 -20.70 14.57
CA VAL C 186 -2.17 -19.73 13.51
C VAL C 186 -3.40 -18.90 13.17
N THR C 187 -4.59 -19.49 13.30
CA THR C 187 -5.82 -18.83 12.91
C THR C 187 -6.17 -17.65 13.81
N LYS C 188 -5.63 -17.59 15.03
CA LYS C 188 -5.83 -16.44 15.90
C LYS C 188 -4.63 -15.50 15.87
N SER C 189 -3.46 -16.02 16.22
CA SER C 189 -2.23 -15.23 16.21
C SER C 189 -2.10 -14.38 14.96
N LYS C 190 -2.23 -15.01 13.80
CA LYS C 190 -1.88 -14.36 12.53
C LYS C 190 -3.07 -13.72 11.85
N PHE C 191 -4.23 -13.69 12.50
CA PHE C 191 -5.44 -13.09 11.95
C PHE C 191 -6.03 -12.09 12.94
N ASP C 192 -6.26 -12.55 14.18
CA ASP C 192 -6.83 -11.71 15.23
C ASP C 192 -5.84 -10.61 15.64
N ASN C 193 -4.67 -11.00 16.15
CA ASN C 193 -3.70 -10.03 16.61
C ASN C 193 -3.21 -9.14 15.48
N LEU C 194 -3.35 -9.58 14.23
CA LEU C 194 -2.89 -8.83 13.08
C LEU C 194 -4.02 -8.07 12.41
N TYR C 195 -4.88 -8.80 11.70
CA TYR C 195 -5.92 -8.15 10.89
C TYR C 195 -6.95 -7.44 11.75
N GLY C 196 -7.21 -7.94 12.96
CA GLY C 196 -8.15 -7.25 13.83
C GLY C 196 -7.65 -5.90 14.32
N CYS C 197 -6.41 -5.87 14.81
CA CYS C 197 -5.85 -4.61 15.29
C CYS C 197 -5.64 -3.62 14.14
N ARG C 198 -5.37 -4.12 12.93
CA ARG C 198 -5.36 -3.26 11.75
C ARG C 198 -6.62 -2.40 11.73
N GLU C 199 -7.78 -3.00 11.98
CA GLU C 199 -9.02 -2.25 11.93
C GLU C 199 -9.46 -1.71 13.29
N SER C 200 -9.13 -2.39 14.40
CA SER C 200 -9.68 -1.96 15.68
C SER C 200 -8.98 -0.74 16.27
N LEU C 201 -7.73 -0.48 15.88
CA LEU C 201 -6.95 0.56 16.55
C LEU C 201 -7.41 1.95 16.12
N ILE C 202 -7.51 2.18 14.82
CA ILE C 202 -7.97 3.50 14.35
C ILE C 202 -9.43 3.74 14.72
N ASP C 203 -10.23 2.67 14.88
CA ASP C 203 -11.58 2.83 15.41
C ASP C 203 -11.56 3.43 16.82
N GLY C 204 -10.71 2.90 17.68
CA GLY C 204 -10.61 3.45 19.03
C GLY C 204 -10.10 4.88 19.03
N ILE C 205 -9.01 5.13 18.30
CA ILE C 205 -8.46 6.48 18.21
C ILE C 205 -9.51 7.44 17.67
N LYS C 206 -10.12 7.11 16.54
CA LYS C 206 -11.02 8.05 15.88
C LYS C 206 -12.24 8.36 16.73
N ARG C 207 -12.88 7.32 17.29
CA ARG C 207 -14.06 7.57 18.11
C ARG C 207 -13.74 8.51 19.27
N ALA C 208 -12.57 8.35 19.89
CA ALA C 208 -12.24 9.20 21.03
C ALA C 208 -11.83 10.61 20.60
N THR C 209 -11.08 10.72 19.50
CA THR C 209 -10.42 11.96 19.14
C THR C 209 -10.88 12.56 17.82
N ASP C 210 -11.27 11.74 16.84
CA ASP C 210 -11.63 12.20 15.50
C ASP C 210 -10.43 12.80 14.77
N VAL C 211 -9.22 12.31 15.06
CA VAL C 211 -7.98 12.93 14.60
C VAL C 211 -7.59 12.38 13.23
N MET C 212 -7.07 13.26 12.39
CA MET C 212 -6.62 12.87 11.07
C MET C 212 -5.27 12.14 11.17
N ILE C 213 -5.20 10.94 10.59
CA ILE C 213 -3.97 10.18 10.64
C ILE C 213 -2.94 10.72 9.65
N ALA C 214 -3.38 11.29 8.53
CA ALA C 214 -2.49 11.65 7.44
C ALA C 214 -1.72 12.92 7.74
N GLY C 215 -0.46 12.95 7.29
CA GLY C 215 0.45 14.03 7.60
C GLY C 215 1.03 13.99 8.99
N LYS C 216 0.71 12.97 9.78
CA LYS C 216 1.06 12.92 11.20
C LYS C 216 2.12 11.86 11.45
N VAL C 217 3.04 12.20 12.36
CA VAL C 217 4.05 11.26 12.81
C VAL C 217 3.46 10.41 13.92
N CYS C 218 3.55 9.10 13.75
CA CYS C 218 3.02 8.13 14.69
C CYS C 218 4.13 7.22 15.18
N CYS C 219 4.01 6.72 16.40
CA CYS C 219 4.93 5.75 16.93
C CYS C 219 4.17 4.50 17.34
N VAL C 220 4.68 3.35 16.90
CA VAL C 220 4.18 2.05 17.33
C VAL C 220 5.30 1.36 18.07
N ALA C 221 5.16 1.26 19.40
CA ALA C 221 6.08 0.49 20.21
C ALA C 221 5.80 -0.99 20.01
N GLY C 222 6.76 -1.69 19.40
CA GLY C 222 6.60 -3.11 19.13
C GLY C 222 6.20 -3.40 17.71
N TYR C 223 6.83 -4.40 17.10
CA TYR C 223 6.50 -4.87 15.77
C TYR C 223 6.23 -6.37 15.78
N GLY C 224 5.39 -6.80 16.74
CA GLY C 224 4.84 -8.13 16.74
C GLY C 224 3.59 -8.22 15.90
N ASP C 225 2.76 -9.21 16.21
CA ASP C 225 1.52 -9.38 15.44
C ASP C 225 0.63 -8.15 15.56
N VAL C 226 0.45 -7.62 16.77
CA VAL C 226 -0.39 -6.44 16.92
C VAL C 226 0.29 -5.21 16.34
N GLY C 227 1.61 -5.11 16.50
CA GLY C 227 2.32 -3.96 15.94
C GLY C 227 2.35 -3.98 14.43
N LYS C 228 2.46 -5.16 13.83
CA LYS C 228 2.40 -5.25 12.38
C LYS C 228 1.05 -4.78 11.85
N GLY C 229 -0.03 -5.14 12.53
CA GLY C 229 -1.33 -4.66 12.14
C GLY C 229 -1.51 -3.17 12.42
N CYS C 230 -0.98 -2.70 13.55
CA CYS C 230 -1.20 -1.30 13.93
C CYS C 230 -0.47 -0.35 13.00
N ALA C 231 0.75 -0.68 12.60
CA ALA C 231 1.51 0.22 11.74
C ALA C 231 0.96 0.25 10.32
N GLN C 232 0.49 -0.90 9.81
CA GLN C 232 -0.04 -0.94 8.45
C GLN C 232 -1.26 -0.04 8.31
N ALA C 233 -2.09 0.03 9.36
CA ALA C 233 -3.30 0.85 9.28
C ALA C 233 -2.96 2.33 9.27
N LEU C 234 -2.04 2.76 10.14
CA LEU C 234 -1.71 4.18 10.21
C LEU C 234 -1.00 4.64 8.94
N LYS C 235 -0.16 3.77 8.38
CA LYS C 235 0.53 4.11 7.13
C LYS C 235 -0.42 4.10 5.95
N GLY C 236 -1.42 3.21 5.95
CA GLY C 236 -2.42 3.23 4.89
C GLY C 236 -3.36 4.41 4.95
N PHE C 237 -3.48 5.04 6.12
CA PHE C 237 -4.22 6.30 6.29
C PHE C 237 -3.34 7.52 6.06
N GLY C 238 -2.15 7.35 5.49
CA GLY C 238 -1.24 8.46 5.25
C GLY C 238 -0.30 8.80 6.39
N GLY C 239 -0.27 8.00 7.46
CA GLY C 239 0.57 8.32 8.58
C GLY C 239 2.01 7.93 8.35
N ARG C 240 2.92 8.71 8.92
CA ARG C 240 4.33 8.36 8.96
C ARG C 240 4.59 7.65 10.29
N VAL C 241 4.85 6.34 10.21
CA VAL C 241 4.94 5.50 11.39
C VAL C 241 6.40 5.24 11.72
N ILE C 242 6.75 5.43 12.99
CA ILE C 242 8.04 5.04 13.55
C ILE C 242 7.76 3.90 14.53
N VAL C 243 8.56 2.84 14.46
CA VAL C 243 8.38 1.68 15.30
C VAL C 243 9.58 1.52 16.21
N THR C 244 9.32 1.06 17.43
CA THR C 244 10.35 0.63 18.35
C THR C 244 10.30 -0.88 18.49
N GLU C 245 11.47 -1.49 18.70
CA GLU C 245 11.57 -2.94 18.75
C GLU C 245 12.81 -3.34 19.54
N VAL C 246 12.67 -4.40 20.35
CA VAL C 246 13.80 -4.92 21.11
C VAL C 246 14.38 -6.19 20.49
N ASP C 247 13.66 -6.85 19.58
CA ASP C 247 14.13 -8.02 18.85
C ASP C 247 14.69 -7.58 17.51
N PRO C 248 15.91 -7.97 17.16
CA PRO C 248 16.47 -7.54 15.86
C PRO C 248 15.67 -8.02 14.68
N ILE C 249 15.07 -9.21 14.76
CA ILE C 249 14.33 -9.76 13.63
C ILE C 249 13.11 -8.90 13.32
N ASN C 250 12.34 -8.53 14.35
CA ASN C 250 11.17 -7.71 14.12
C ASN C 250 11.54 -6.31 13.63
N ALA C 251 12.67 -5.78 14.10
CA ALA C 251 13.15 -4.50 13.60
C ALA C 251 13.57 -4.60 12.14
N LEU C 252 14.19 -5.72 11.75
CA LEU C 252 14.53 -5.91 10.34
C LEU C 252 13.27 -6.05 9.49
N GLN C 253 12.29 -6.82 9.98
CA GLN C 253 11.00 -6.89 9.30
C GLN C 253 10.45 -5.49 9.04
N ALA C 254 10.47 -4.65 10.07
CA ALA C 254 9.91 -3.30 9.94
C ALA C 254 10.74 -2.43 9.00
N ALA C 255 12.07 -2.55 9.07
CA ALA C 255 12.92 -1.77 8.19
C ALA C 255 12.66 -2.10 6.73
N MET C 256 12.53 -3.39 6.42
CA MET C 256 12.28 -3.84 5.05
C MET C 256 10.87 -3.51 4.58
N GLU C 257 10.03 -2.90 5.41
CA GLU C 257 8.67 -2.52 5.03
C GLU C 257 8.49 -1.01 5.17
N GLY C 258 9.55 -0.24 4.92
CA GLY C 258 9.45 1.21 4.81
C GLY C 258 9.32 1.95 6.12
N TYR C 259 9.57 1.31 7.25
CA TYR C 259 9.46 1.94 8.56
C TYR C 259 10.83 2.28 9.11
N GLU C 260 10.95 3.48 9.69
CA GLU C 260 12.13 3.80 10.49
C GLU C 260 11.98 3.18 11.87
N VAL C 261 13.04 2.51 12.33
CA VAL C 261 13.09 1.92 13.66
C VAL C 261 14.04 2.77 14.50
N THR C 262 13.47 3.50 15.46
CA THR C 262 14.25 4.30 16.40
C THR C 262 13.76 4.03 17.81
N THR C 263 14.47 4.61 18.78
CA THR C 263 14.15 4.49 20.18
C THR C 263 12.99 5.42 20.56
N MET C 264 12.33 5.08 21.67
CA MET C 264 11.23 5.90 22.16
C MET C 264 11.71 7.26 22.65
N GLU C 265 12.96 7.37 23.07
CA GLU C 265 13.52 8.67 23.40
C GLU C 265 13.48 9.60 22.18
N GLU C 266 13.79 9.08 21.00
CA GLU C 266 13.78 9.91 19.80
C GLU C 266 12.36 10.21 19.34
N ALA C 267 11.45 9.23 19.44
CA ALA C 267 10.12 9.40 18.85
C ALA C 267 9.28 10.40 19.64
N SER C 268 9.48 10.49 20.96
CA SER C 268 8.69 11.42 21.75
C SER C 268 8.83 12.84 21.25
N LYS C 269 10.01 13.19 20.71
CA LYS C 269 10.17 14.46 20.03
C LYS C 269 9.19 14.60 18.89
N GLU C 270 9.20 13.65 17.96
CA GLU C 270 8.55 13.85 16.67
C GLU C 270 7.07 13.52 16.66
N ALA C 271 6.67 12.44 17.33
CA ALA C 271 5.37 11.84 17.09
C ALA C 271 4.26 12.53 17.85
N SER C 272 3.12 12.70 17.18
CA SER C 272 1.90 13.22 17.79
C SER C 272 0.93 12.13 18.24
N ILE C 273 1.10 10.90 17.73
CA ILE C 273 0.24 9.77 18.05
C ILE C 273 1.13 8.61 18.50
N PHE C 274 0.67 7.85 19.51
CA PHE C 274 1.48 6.83 20.16
C PHE C 274 0.61 5.61 20.48
N VAL C 275 1.02 4.45 19.99
CA VAL C 275 0.34 3.18 20.25
C VAL C 275 1.34 2.19 20.83
N THR C 276 0.99 1.56 21.96
CA THR C 276 1.87 0.61 22.63
C THR C 276 1.31 -0.80 22.50
N THR C 277 2.19 -1.74 22.12
CA THR C 277 1.77 -3.09 21.74
C THR C 277 2.78 -4.14 22.17
N THR C 278 3.49 -3.93 23.28
CA THR C 278 4.60 -4.80 23.60
C THR C 278 4.27 -5.92 24.57
N GLY C 279 3.25 -5.75 25.40
CA GLY C 279 3.12 -6.63 26.55
C GLY C 279 4.20 -6.40 27.58
N CYS C 280 4.87 -5.25 27.50
CA CYS C 280 6.00 -4.92 28.34
C CYS C 280 5.72 -3.61 29.05
N ARG C 281 6.26 -3.49 30.27
CA ARG C 281 6.08 -2.29 31.06
C ARG C 281 7.10 -1.22 30.69
N ASP C 282 6.72 0.04 30.95
CA ASP C 282 7.65 1.16 30.96
C ASP C 282 8.13 1.53 29.54
N ILE C 283 7.23 1.40 28.56
CA ILE C 283 7.54 1.80 27.20
C ILE C 283 7.45 3.31 27.06
N ILE C 284 6.43 3.93 27.65
CA ILE C 284 6.31 5.38 27.71
C ILE C 284 6.46 5.81 29.16
N THR C 285 7.44 6.66 29.41
CA THR C 285 7.79 7.14 30.74
C THR C 285 7.59 8.64 30.83
N SER C 286 7.88 9.20 32.01
CA SER C 286 7.80 10.64 32.21
C SER C 286 8.64 11.38 31.18
N VAL C 287 9.90 10.97 31.03
CA VAL C 287 10.79 11.61 30.08
C VAL C 287 10.19 11.56 28.68
N HIS C 288 9.56 10.44 28.34
CA HIS C 288 8.97 10.30 27.02
C HIS C 288 7.80 11.27 26.83
N LEU C 289 6.89 11.32 27.81
CA LEU C 289 5.74 12.20 27.70
C LEU C 289 6.15 13.68 27.74
N GLN C 290 7.17 14.02 28.53
CA GLN C 290 7.60 15.40 28.59
C GLN C 290 8.12 15.89 27.25
N GLN C 291 8.69 15.00 26.44
CA GLN C 291 9.18 15.36 25.12
C GLN C 291 8.08 15.51 24.09
N MET C 292 6.90 14.93 24.34
CA MET C 292 5.89 14.80 23.30
C MET C 292 5.33 16.17 22.90
N PRO C 293 4.92 16.33 21.64
CA PRO C 293 4.32 17.59 21.20
C PRO C 293 2.93 17.81 21.81
N ASP C 294 2.41 19.01 21.56
CA ASP C 294 1.16 19.46 22.16
C ASP C 294 -0.02 18.65 21.65
N ASP C 295 -0.89 18.25 22.59
CA ASP C 295 -2.07 17.41 22.30
C ASP C 295 -1.70 16.09 21.65
N ALA C 296 -0.51 15.57 21.96
CA ALA C 296 -0.14 14.24 21.52
C ALA C 296 -1.08 13.19 22.11
N ILE C 297 -1.52 12.25 21.29
CA ILE C 297 -2.47 11.21 21.68
C ILE C 297 -1.69 9.96 22.06
N VAL C 298 -1.94 9.46 23.27
CA VAL C 298 -1.22 8.31 23.81
C VAL C 298 -2.23 7.20 24.10
N CYS C 299 -1.95 6.00 23.58
CA CYS C 299 -2.86 4.87 23.73
C CYS C 299 -2.05 3.59 23.89
N ASN C 300 -2.73 2.55 24.38
CA ASN C 300 -2.09 1.26 24.63
C ASN C 300 -3.01 0.14 24.15
N ILE C 301 -2.50 -0.71 23.26
CA ILE C 301 -3.25 -1.85 22.76
C ILE C 301 -2.76 -3.18 23.31
N GLY C 302 -1.67 -3.19 24.09
CA GLY C 302 -1.25 -4.40 24.76
C GLY C 302 -1.99 -4.61 26.07
N HIS C 303 -2.21 -5.89 26.42
CA HIS C 303 -3.08 -6.24 27.54
C HIS C 303 -2.47 -5.80 28.86
N PHE C 304 -3.22 -4.97 29.60
CA PHE C 304 -2.83 -4.37 30.88
C PHE C 304 -2.21 -2.98 30.68
N ASP C 305 -2.29 -2.13 31.69
CA ASP C 305 -1.81 -0.73 31.62
C ASP C 305 -0.40 -0.58 32.17
N ILE C 306 0.51 -1.46 31.73
CA ILE C 306 1.89 -1.38 32.19
C ILE C 306 2.77 -0.53 31.27
N GLU C 307 2.34 -0.26 30.04
CA GLU C 307 3.27 0.27 29.06
C GLU C 307 3.47 1.78 29.20
N ILE C 308 2.45 2.49 29.67
CA ILE C 308 2.51 3.93 29.88
C ILE C 308 2.41 4.21 31.37
N ASP C 309 3.15 5.23 31.83
CA ASP C 309 3.15 5.60 33.24
C ASP C 309 2.02 6.59 33.50
N VAL C 310 0.80 6.03 33.51
CA VAL C 310 -0.39 6.82 33.84
C VAL C 310 -0.31 7.33 35.27
N ASP C 311 0.25 6.53 36.19
CA ASP C 311 0.37 6.99 37.57
C ASP C 311 1.22 8.26 37.66
N TRP C 312 2.31 8.34 36.88
CA TRP C 312 3.07 9.58 36.83
C TRP C 312 2.22 10.72 36.27
N LEU C 313 1.59 10.48 35.12
CA LEU C 313 0.84 11.53 34.43
C LEU C 313 -0.19 12.17 35.36
N ASN C 314 -1.06 11.36 35.96
CA ASN C 314 -2.08 11.90 36.85
C ASN C 314 -1.44 12.76 37.95
N ALA C 315 -0.35 12.28 38.55
CA ALA C 315 0.23 12.91 39.71
C ALA C 315 1.13 14.11 39.40
N ASN C 316 1.52 14.31 38.13
CA ASN C 316 2.50 15.34 37.79
C ASN C 316 1.97 16.37 36.80
N ALA C 317 0.66 16.48 36.65
CA ALA C 317 0.07 17.41 35.69
C ALA C 317 -0.53 18.61 36.42
N LYS C 318 -0.31 19.80 35.87
CA LYS C 318 -1.01 20.98 36.36
C LYS C 318 -2.51 20.70 36.45
N GLU C 319 -3.10 20.28 35.34
CA GLU C 319 -4.54 20.03 35.27
C GLU C 319 -4.83 18.80 34.42
N LYS C 320 -5.94 18.13 34.75
CA LYS C 320 -6.47 17.01 33.99
C LYS C 320 -7.95 17.26 33.73
N VAL C 321 -8.36 17.10 32.47
CA VAL C 321 -9.72 17.36 32.05
C VAL C 321 -10.24 16.12 31.33
N ASN C 322 -11.43 15.66 31.73
CA ASN C 322 -12.13 14.61 31.01
C ASN C 322 -12.91 15.25 29.86
N VAL C 323 -12.44 15.05 28.64
CA VAL C 323 -13.22 15.48 27.48
C VAL C 323 -14.53 14.71 27.42
N LYS C 324 -14.45 13.39 27.46
CA LYS C 324 -15.57 12.47 27.46
C LYS C 324 -15.08 11.14 27.99
N PRO C 325 -15.97 10.16 28.18
CA PRO C 325 -15.56 8.92 28.85
C PRO C 325 -14.39 8.27 28.13
N GLN C 326 -13.38 7.89 28.92
CA GLN C 326 -12.19 7.21 28.45
C GLN C 326 -11.27 8.10 27.62
N VAL C 327 -11.48 9.41 27.66
CA VAL C 327 -10.65 10.41 26.98
C VAL C 327 -10.34 11.51 27.98
N ASP C 328 -9.08 11.63 28.38
CA ASP C 328 -8.63 12.65 29.31
C ASP C 328 -7.48 13.44 28.70
N ARG C 329 -7.45 14.75 28.98
CA ARG C 329 -6.43 15.64 28.43
C ARG C 329 -5.66 16.29 29.58
N TYR C 330 -4.37 15.96 29.68
CA TYR C 330 -3.51 16.46 30.75
C TYR C 330 -2.84 17.76 30.30
N THR C 331 -3.01 18.82 31.09
CA THR C 331 -2.31 20.08 30.88
C THR C 331 -1.02 20.04 31.69
N MET C 332 0.09 19.85 31.00
CA MET C 332 1.37 19.57 31.64
C MET C 332 2.00 20.85 32.17
N GLN C 333 3.12 20.66 32.87
CA GLN C 333 3.83 21.80 33.44
C GLN C 333 4.41 22.72 32.36
N SER C 334 4.75 22.15 31.20
CA SER C 334 5.31 22.92 30.11
C SER C 334 4.31 23.84 29.44
N GLY C 335 3.02 23.65 29.69
CA GLY C 335 1.97 24.25 28.89
C GLY C 335 1.43 23.36 27.80
N LYS C 336 2.13 22.26 27.51
CA LYS C 336 1.70 21.29 26.51
C LYS C 336 0.60 20.38 27.06
N HIS C 337 -0.13 19.75 26.15
CA HIS C 337 -1.27 18.93 26.49
C HIS C 337 -1.05 17.51 25.97
N ILE C 338 -1.51 16.53 26.75
CA ILE C 338 -1.34 15.12 26.44
C ILE C 338 -2.71 14.46 26.48
N ILE C 339 -3.14 13.93 25.34
CA ILE C 339 -4.44 13.26 25.23
C ILE C 339 -4.22 11.78 25.47
N LEU C 340 -4.75 11.28 26.58
CA LEU C 340 -4.65 9.89 26.95
C LEU C 340 -5.97 9.17 26.67
N LEU C 341 -5.88 7.99 26.08
CA LEU C 341 -7.05 7.20 25.72
C LEU C 341 -7.17 6.00 26.64
N ALA C 342 -8.36 5.82 27.22
CA ALA C 342 -8.72 4.66 28.01
C ALA C 342 -7.87 4.50 29.27
N GLU C 343 -7.25 5.58 29.75
CA GLU C 343 -6.43 5.55 30.96
C GLU C 343 -5.28 4.55 30.86
N GLY C 344 -4.75 4.34 29.66
CA GLY C 344 -3.69 3.36 29.49
C GLY C 344 -4.18 1.94 29.39
N ARG C 345 -5.45 1.73 29.12
CA ARG C 345 -6.04 0.41 28.94
C ARG C 345 -6.40 0.21 27.47
N LEU C 346 -6.67 -1.04 27.08
CA LEU C 346 -6.79 -1.41 25.68
C LEU C 346 -7.73 -0.48 24.91
N VAL C 347 -7.17 0.31 23.99
CA VAL C 347 -7.94 1.39 23.36
C VAL C 347 -9.00 0.86 22.40
N ASN C 348 -8.77 -0.30 21.78
CA ASN C 348 -9.70 -0.80 20.77
C ASN C 348 -11.04 -1.17 21.41
N LEU C 349 -11.00 -1.87 22.55
CA LEU C 349 -12.21 -2.22 23.27
C LEU C 349 -12.66 -1.14 24.23
N GLY C 350 -11.76 -0.23 24.62
CA GLY C 350 -12.09 0.83 25.56
C GLY C 350 -12.74 2.03 24.91
N CYS C 351 -12.24 2.43 23.74
CA CYS C 351 -12.79 3.56 23.01
C CYS C 351 -13.55 3.15 21.76
N ALA C 352 -13.71 1.84 21.53
CA ALA C 352 -14.50 1.32 20.42
C ALA C 352 -15.06 -0.04 20.85
N HIS C 353 -15.45 -0.86 19.88
CA HIS C 353 -16.10 -2.15 20.14
C HIS C 353 -15.19 -3.34 19.88
N GLY C 354 -13.88 -3.12 19.79
CA GLY C 354 -12.95 -4.23 19.65
C GLY C 354 -12.80 -4.68 18.21
N HIS C 355 -12.21 -5.87 18.07
CA HIS C 355 -11.98 -6.45 16.76
C HIS C 355 -13.29 -6.80 16.07
N PRO C 356 -13.27 -6.90 14.75
CA PRO C 356 -14.51 -7.25 14.02
C PRO C 356 -14.97 -8.66 14.33
N SER C 357 -16.25 -8.89 14.04
CA SER C 357 -16.87 -10.17 14.38
C SER C 357 -16.28 -11.30 13.54
N PHE C 358 -15.97 -11.03 12.26
CA PHE C 358 -15.51 -12.10 11.38
C PHE C 358 -14.19 -12.68 11.87
N VAL C 359 -13.24 -11.82 12.26
CA VAL C 359 -11.96 -12.34 12.72
C VAL C 359 -12.07 -12.95 14.10
N MET C 360 -12.97 -12.42 14.94
CA MET C 360 -13.20 -13.01 16.26
C MET C 360 -13.79 -14.41 16.14
N SER C 361 -14.51 -14.70 15.05
CA SER C 361 -15.01 -16.05 14.85
C SER C 361 -13.87 -17.05 14.73
N ASN C 362 -12.76 -16.65 14.11
CA ASN C 362 -11.61 -17.54 14.03
C ASN C 362 -11.07 -17.85 15.42
N SER C 363 -10.88 -16.81 16.24
CA SER C 363 -10.35 -17.03 17.58
C SER C 363 -11.31 -17.86 18.43
N PHE C 364 -12.59 -17.49 18.42
CA PHE C 364 -13.56 -18.18 19.28
C PHE C 364 -13.85 -19.59 18.79
N THR C 365 -13.68 -19.86 17.49
CA THR C 365 -13.84 -21.23 17.01
C THR C 365 -12.74 -22.14 17.58
N ASN C 366 -11.49 -21.68 17.58
CA ASN C 366 -10.45 -22.40 18.32
C ASN C 366 -10.84 -22.61 19.77
N GLN C 367 -11.50 -21.61 20.37
CA GLN C 367 -11.86 -21.69 21.79
C GLN C 367 -12.86 -22.80 22.03
N VAL C 368 -13.96 -22.80 21.28
CA VAL C 368 -14.95 -23.87 21.40
C VAL C 368 -14.29 -25.22 21.23
N LEU C 369 -13.45 -25.35 20.20
CA LEU C 369 -12.82 -26.63 19.89
C LEU C 369 -11.93 -27.10 21.02
N ALA C 370 -11.14 -26.20 21.61
CA ALA C 370 -10.29 -26.56 22.73
C ALA C 370 -11.11 -27.01 23.92
N GLN C 371 -12.28 -26.38 24.13
CA GLN C 371 -13.13 -26.76 25.24
C GLN C 371 -13.71 -28.16 25.03
N ILE C 372 -14.06 -28.50 23.79
CA ILE C 372 -14.45 -29.87 23.48
C ILE C 372 -13.29 -30.82 23.75
N GLU C 373 -12.08 -30.44 23.32
CA GLU C 373 -10.92 -31.29 23.53
C GLU C 373 -10.69 -31.53 25.02
N LEU C 374 -10.67 -30.47 25.83
CA LEU C 374 -10.36 -30.63 27.24
C LEU C 374 -11.49 -31.30 28.01
N TRP C 375 -12.74 -31.16 27.56
CA TRP C 375 -13.83 -31.85 28.25
C TRP C 375 -14.00 -33.27 27.72
N THR C 376 -14.12 -33.43 26.41
CA THR C 376 -14.44 -34.73 25.84
C THR C 376 -13.23 -35.65 25.75
N LYS C 377 -12.01 -35.11 25.69
CA LYS C 377 -10.79 -35.91 25.55
C LYS C 377 -9.75 -35.48 26.59
N SER C 378 -10.17 -35.46 27.86
CA SER C 378 -9.31 -34.97 28.94
C SER C 378 -8.15 -35.92 29.22
N ASP C 379 -8.41 -37.24 29.23
CA ASP C 379 -7.35 -38.16 29.62
C ASP C 379 -6.20 -38.12 28.61
N LYS C 380 -6.46 -37.63 27.41
CA LYS C 380 -5.40 -37.40 26.43
C LYS C 380 -4.45 -36.29 26.88
N TYR C 381 -4.97 -35.24 27.52
CA TYR C 381 -4.17 -34.06 27.83
C TYR C 381 -3.45 -34.18 29.17
N ALA C 382 -2.58 -33.21 29.44
CA ALA C 382 -1.69 -33.21 30.60
C ALA C 382 -1.71 -31.84 31.27
N VAL C 383 -1.07 -31.75 32.44
CA VAL C 383 -1.11 -30.50 33.19
C VAL C 383 -0.45 -29.38 32.41
N GLY C 384 0.43 -29.71 31.49
CA GLY C 384 1.21 -28.73 30.75
C GLY C 384 0.45 -27.70 29.93
N VAL C 385 1.17 -27.01 29.05
CA VAL C 385 0.61 -26.00 28.14
C VAL C 385 0.58 -26.60 26.74
N HIS C 386 -0.62 -26.70 26.15
CA HIS C 386 -0.79 -27.38 24.89
C HIS C 386 -1.29 -26.44 23.80
N VAL C 387 -1.16 -26.91 22.56
CA VAL C 387 -1.65 -26.23 21.37
C VAL C 387 -2.52 -27.20 20.56
N LEU C 388 -3.57 -26.66 19.95
CA LEU C 388 -4.46 -27.48 19.15
C LEU C 388 -3.68 -28.07 17.97
N PRO C 389 -4.02 -29.29 17.54
CA PRO C 389 -3.36 -29.86 16.36
C PRO C 389 -3.61 -29.01 15.11
N LYS C 390 -2.65 -29.10 14.18
CA LYS C 390 -2.75 -28.32 12.95
C LYS C 390 -3.94 -28.76 12.11
N ILE C 391 -4.31 -30.04 12.16
CA ILE C 391 -5.52 -30.48 11.48
C ILE C 391 -6.73 -29.70 12.00
N LEU C 392 -6.70 -29.28 13.26
CA LEU C 392 -7.78 -28.47 13.79
C LEU C 392 -7.61 -26.99 13.43
N ASP C 393 -6.36 -26.50 13.45
CA ASP C 393 -6.10 -25.12 13.00
C ASP C 393 -6.50 -24.91 11.55
N GLU C 394 -6.25 -25.91 10.70
CA GLU C 394 -6.67 -25.80 9.30
C GLU C 394 -8.19 -25.84 9.18
N GLU C 395 -8.86 -26.59 10.05
CA GLU C 395 -10.32 -26.63 10.01
C GLU C 395 -10.90 -25.25 10.29
N VAL C 396 -10.37 -24.57 11.34
CA VAL C 396 -10.87 -23.22 11.64
C VAL C 396 -10.94 -22.37 10.39
N ALA C 397 -9.83 -22.34 9.64
CA ALA C 397 -9.77 -21.53 8.44
C ALA C 397 -10.81 -21.99 7.41
N SER C 398 -10.93 -23.30 7.22
CA SER C 398 -11.83 -23.81 6.19
C SER C 398 -13.26 -23.32 6.40
N LEU C 399 -13.69 -23.21 7.66
CA LEU C 399 -15.06 -22.82 7.94
C LEU C 399 -15.38 -21.39 7.49
N HIS C 400 -14.37 -20.56 7.30
CA HIS C 400 -14.59 -19.14 7.03
C HIS C 400 -14.41 -18.79 5.55
N LEU C 401 -14.01 -19.73 4.71
CA LEU C 401 -13.72 -19.42 3.31
C LEU C 401 -14.99 -19.15 2.51
N GLU C 402 -16.10 -19.81 2.86
CA GLU C 402 -17.33 -19.67 2.07
C GLU C 402 -17.92 -18.28 2.19
N LYS C 403 -17.83 -17.67 3.37
CA LYS C 403 -18.39 -16.33 3.55
C LYS C 403 -17.66 -15.31 2.69
N LEU C 404 -16.32 -15.48 2.54
CA LEU C 404 -15.54 -14.56 1.73
C LEU C 404 -15.57 -14.89 0.24
N GLY C 405 -16.07 -16.06 -0.14
CA GLY C 405 -16.15 -16.43 -1.53
C GLY C 405 -14.93 -17.13 -2.08
N VAL C 406 -14.03 -17.59 -1.22
CA VAL C 406 -12.81 -18.25 -1.66
C VAL C 406 -13.15 -19.59 -2.30
N LYS C 407 -12.41 -19.94 -3.35
CA LYS C 407 -12.51 -21.24 -3.99
C LYS C 407 -11.14 -21.90 -3.84
N LEU C 408 -11.01 -22.74 -2.81
CA LEU C 408 -9.76 -23.46 -2.61
C LEU C 408 -9.66 -24.60 -3.62
N THR C 409 -8.43 -24.90 -4.03
CA THR C 409 -8.18 -25.94 -5.00
C THR C 409 -7.83 -27.25 -4.30
N LYS C 410 -8.34 -28.36 -4.84
CA LYS C 410 -8.05 -29.67 -4.30
C LYS C 410 -6.83 -30.25 -5.01
N LEU C 411 -5.87 -30.73 -4.22
CA LEU C 411 -4.68 -31.36 -4.78
C LEU C 411 -5.03 -32.69 -5.41
N THR C 412 -4.37 -33.00 -6.52
CA THR C 412 -4.54 -34.31 -7.13
C THR C 412 -3.81 -35.36 -6.30
N GLU C 413 -4.12 -36.62 -6.60
CA GLU C 413 -3.36 -37.69 -5.96
C GLU C 413 -1.90 -37.67 -6.41
N LYS C 414 -1.65 -37.30 -7.67
CA LYS C 414 -0.28 -37.08 -8.13
C LYS C 414 0.40 -35.95 -7.35
N GLN C 415 -0.27 -34.80 -7.23
CA GLN C 415 0.31 -33.69 -6.50
C GLN C 415 0.52 -34.03 -5.02
N ALA C 416 -0.45 -34.71 -4.41
CA ALA C 416 -0.35 -35.01 -2.98
C ALA C 416 0.87 -35.87 -2.67
N THR C 417 1.05 -36.95 -3.44
CA THR C 417 2.17 -37.87 -3.21
C THR C 417 3.51 -37.18 -3.45
N TYR C 418 3.58 -36.34 -4.48
CA TYR C 418 4.79 -35.57 -4.75
C TYR C 418 5.21 -34.74 -3.54
N LEU C 419 4.26 -34.00 -2.95
CA LEU C 419 4.54 -33.19 -1.78
C LEU C 419 4.51 -34.00 -0.48
N GLY C 420 4.05 -35.24 -0.53
CA GLY C 420 4.06 -36.08 0.67
C GLY C 420 3.00 -35.77 1.69
N VAL C 421 1.86 -35.23 1.26
CA VAL C 421 0.82 -34.79 2.18
C VAL C 421 -0.47 -35.55 1.89
N SER C 422 -1.54 -35.21 2.62
CA SER C 422 -2.86 -35.71 2.34
C SER C 422 -3.67 -34.66 1.58
N GLN C 423 -4.54 -35.13 0.67
CA GLN C 423 -5.48 -34.22 0.02
C GLN C 423 -6.35 -33.50 1.03
N THR C 424 -6.45 -34.04 2.25
CA THR C 424 -7.24 -33.47 3.33
C THR C 424 -6.39 -32.78 4.38
N GLY C 425 -5.07 -32.95 4.34
CA GLY C 425 -4.21 -32.38 5.35
C GLY C 425 -3.76 -33.43 6.36
N PRO C 426 -2.85 -33.02 7.24
CA PRO C 426 -2.30 -31.66 7.40
C PRO C 426 -1.33 -31.28 6.27
N PHE C 427 -1.40 -30.03 5.80
CA PHE C 427 -0.68 -29.60 4.61
C PHE C 427 0.69 -28.98 4.90
N LYS C 428 1.02 -28.62 6.12
CA LYS C 428 2.25 -27.90 6.42
C LYS C 428 3.01 -28.56 7.55
N PRO C 429 4.33 -28.36 7.60
CA PRO C 429 5.10 -28.80 8.76
C PRO C 429 4.75 -27.96 9.98
N ASP C 430 5.02 -28.53 11.16
CA ASP C 430 4.59 -27.86 12.38
C ASP C 430 5.45 -26.64 12.70
N HIS C 431 6.69 -26.59 12.21
CA HIS C 431 7.49 -25.39 12.36
C HIS C 431 7.18 -24.34 11.31
N TYR C 432 6.25 -24.59 10.40
CA TYR C 432 5.89 -23.63 9.38
C TYR C 432 5.27 -22.39 10.03
N ARG C 433 5.78 -21.22 9.65
CA ARG C 433 5.41 -19.96 10.29
C ARG C 433 4.29 -19.22 9.58
N TYR C 434 3.87 -19.69 8.42
CA TYR C 434 2.78 -19.08 7.66
C TYR C 434 3.09 -17.63 7.29
N LYS D 5 -37.74 34.57 16.54
CA LYS D 5 -37.86 34.54 17.99
C LYS D 5 -36.66 33.88 18.65
N PRO D 6 -36.49 32.60 18.41
CA PRO D 6 -35.53 31.85 19.21
C PRO D 6 -34.15 32.43 18.94
N SER D 7 -33.47 32.83 20.03
CA SER D 7 -32.10 33.26 19.83
C SER D 7 -31.26 32.14 19.23
N TYR D 8 -31.64 30.89 19.51
CA TYR D 8 -30.88 29.71 19.10
C TYR D 8 -31.74 28.48 19.35
N LYS D 9 -31.42 27.41 18.62
CA LYS D 9 -32.05 26.10 18.83
C LYS D 9 -31.01 25.02 18.55
N VAL D 10 -30.67 24.23 19.58
CA VAL D 10 -29.49 23.37 19.52
C VAL D 10 -29.66 22.07 20.31
N ALA D 11 -30.91 21.61 20.46
CA ALA D 11 -31.18 20.38 21.18
C ALA D 11 -30.94 20.50 22.68
N ASP D 12 -29.70 20.30 23.13
CA ASP D 12 -29.36 20.43 24.55
C ASP D 12 -28.15 21.35 24.70
N ILE D 13 -28.37 22.49 25.36
CA ILE D 13 -27.30 23.46 25.59
C ILE D 13 -26.36 23.04 26.70
N SER D 14 -26.71 21.99 27.47
CA SER D 14 -25.80 21.47 28.48
C SER D 14 -24.55 20.85 27.88
N LEU D 15 -24.57 20.52 26.59
CA LEU D 15 -23.43 19.96 25.89
C LEU D 15 -22.39 21.01 25.53
N ALA D 16 -22.61 22.27 25.91
CA ALA D 16 -21.70 23.34 25.54
C ALA D 16 -20.32 23.14 26.15
N GLU D 17 -20.27 22.66 27.40
CA GLU D 17 -18.99 22.35 28.03
C GLU D 17 -18.18 21.39 27.16
N TRP D 18 -18.74 20.22 26.87
CA TRP D 18 -18.08 19.25 26.01
C TRP D 18 -17.61 19.91 24.70
N GLY D 19 -18.45 20.75 24.11
CA GLY D 19 -18.16 21.28 22.79
C GLY D 19 -17.00 22.25 22.77
N ARG D 20 -17.05 23.26 23.63
N ARG D 20 -17.04 23.24 23.66
CA ARG D 20 -15.89 24.15 23.80
CA ARG D 20 -15.87 24.14 23.81
C ARG D 20 -14.56 23.39 23.88
C ARG D 20 -14.56 23.38 23.89
N LYS D 21 -14.61 22.16 24.47
CA LYS D 21 -13.40 21.34 24.66
C LYS D 21 -13.01 20.53 23.43
N ALA D 22 -13.97 20.11 22.63
CA ALA D 22 -13.65 19.64 21.29
C ALA D 22 -13.24 20.79 20.38
N ILE D 23 -13.79 21.99 20.59
CA ILE D 23 -13.35 23.17 19.85
C ILE D 23 -11.87 23.43 20.09
N ILE D 24 -11.45 23.42 21.35
CA ILE D 24 -10.06 23.76 21.64
C ILE D 24 -9.11 22.68 21.12
N ILE D 25 -9.56 21.42 21.07
CA ILE D 25 -8.78 20.38 20.43
C ILE D 25 -8.71 20.62 18.93
N ALA D 26 -9.83 21.03 18.32
CA ALA D 26 -9.86 21.29 16.89
C ALA D 26 -8.95 22.46 16.52
N GLU D 27 -8.96 23.52 17.32
CA GLU D 27 -8.10 24.67 17.03
C GLU D 27 -6.63 24.25 16.93
N ASN D 28 -6.22 23.27 17.74
CA ASN D 28 -4.87 22.72 17.64
C ASN D 28 -4.71 21.86 16.39
N GLU D 29 -5.80 21.33 15.86
CA GLU D 29 -5.79 20.56 14.61
C GLU D 29 -6.09 21.41 13.38
N MET D 30 -6.37 22.70 13.55
CA MET D 30 -6.77 23.57 12.44
C MET D 30 -5.88 24.80 12.42
N PRO D 31 -4.60 24.63 12.11
CA PRO D 31 -3.66 25.77 12.16
C PRO D 31 -3.89 26.79 11.08
N GLY D 32 -4.53 26.43 9.97
CA GLY D 32 -4.82 27.43 8.95
C GLY D 32 -5.85 28.43 9.41
N LEU D 33 -6.91 27.96 10.08
CA LEU D 33 -7.87 28.88 10.68
C LEU D 33 -7.20 29.72 11.76
N MET D 34 -6.27 29.13 12.52
CA MET D 34 -5.55 29.88 13.55
C MET D 34 -4.63 30.93 12.94
N ALA D 35 -3.94 30.58 11.84
CA ALA D 35 -3.07 31.54 11.18
C ALA D 35 -3.87 32.67 10.54
N CYS D 36 -5.06 32.37 10.03
CA CYS D 36 -5.96 33.46 9.63
C CYS D 36 -6.20 34.42 10.80
N ARG D 37 -6.36 33.88 12.00
CA ARG D 37 -6.69 34.73 13.14
C ARG D 37 -5.53 35.65 13.51
N LYS D 38 -4.29 35.14 13.49
CA LYS D 38 -3.16 36.02 13.80
C LYS D 38 -2.89 36.98 12.66
N LYS D 39 -2.98 36.52 11.42
CA LYS D 39 -2.68 37.37 10.27
C LYS D 39 -3.76 38.43 10.10
N TYR D 40 -5.03 38.03 10.12
CA TYR D 40 -6.12 38.95 9.81
C TYR D 40 -6.81 39.49 11.06
N GLY D 41 -6.54 38.92 12.23
CA GLY D 41 -7.11 39.38 13.49
C GLY D 41 -7.01 40.87 13.72
N PRO D 42 -5.78 41.40 13.80
CA PRO D 42 -5.62 42.84 14.03
C PRO D 42 -6.47 43.71 13.14
N SER D 43 -6.53 43.43 11.83
CA SER D 43 -7.21 44.30 10.88
C SER D 43 -8.70 44.07 10.78
N LYS D 44 -9.21 42.93 11.27
CA LYS D 44 -10.63 42.62 11.25
C LYS D 44 -11.29 43.04 9.94
N PRO D 45 -11.01 42.35 8.84
CA PRO D 45 -11.51 42.81 7.53
C PRO D 45 -12.99 42.57 7.31
N LEU D 46 -13.61 41.63 8.03
CA LEU D 46 -15.01 41.27 7.80
C LEU D 46 -15.96 42.11 8.65
N LYS D 47 -15.56 43.34 8.99
CA LYS D 47 -16.32 44.17 9.91
C LYS D 47 -17.56 44.74 9.22
N GLY D 48 -18.68 44.78 9.95
CA GLY D 48 -19.92 45.26 9.37
C GLY D 48 -20.50 44.37 8.30
N ALA D 49 -19.89 43.20 8.07
CA ALA D 49 -20.47 42.17 7.24
C ALA D 49 -21.21 41.18 8.14
N ARG D 50 -22.49 40.95 7.83
CA ARG D 50 -23.30 39.96 8.52
C ARG D 50 -23.49 38.78 7.56
N ILE D 51 -22.97 37.61 7.94
CA ILE D 51 -22.88 36.45 7.07
C ILE D 51 -23.75 35.34 7.63
N THR D 52 -24.75 34.94 6.84
CA THR D 52 -25.50 33.72 7.09
C THR D 52 -24.74 32.54 6.49
N GLY D 53 -24.72 31.44 7.23
CA GLY D 53 -23.95 30.27 6.84
C GLY D 53 -24.74 29.00 6.97
N CYS D 54 -24.59 28.12 5.98
CA CYS D 54 -25.24 26.81 5.97
C CYS D 54 -24.20 25.74 5.65
N LEU D 55 -23.69 25.10 6.71
CA LEU D 55 -22.66 24.07 6.61
C LEU D 55 -22.92 23.07 7.74
N HIS D 56 -22.25 21.92 7.67
CA HIS D 56 -22.39 20.98 8.77
C HIS D 56 -22.04 21.68 10.06
N MET D 57 -22.92 21.56 11.06
CA MET D 57 -22.71 22.19 12.35
C MET D 57 -21.78 21.33 13.21
N THR D 58 -20.57 21.15 12.70
CA THR D 58 -19.54 20.38 13.37
C THR D 58 -18.68 21.30 14.25
N VAL D 59 -17.82 20.70 15.07
CA VAL D 59 -16.90 21.49 15.87
C VAL D 59 -15.96 22.29 14.97
N GLN D 60 -15.58 21.68 13.84
CA GLN D 60 -14.68 22.36 12.90
C GLN D 60 -15.34 23.60 12.30
N THR D 61 -16.66 23.53 12.07
CA THR D 61 -17.45 24.71 11.68
C THR D 61 -17.44 25.77 12.78
N ALA D 62 -17.48 25.35 14.05
CA ALA D 62 -17.39 26.30 15.15
C ALA D 62 -16.10 27.11 15.09
N VAL D 63 -14.99 26.46 14.74
CA VAL D 63 -13.73 27.18 14.59
C VAL D 63 -13.80 28.17 13.44
N LEU D 64 -14.49 27.79 12.34
CA LEU D 64 -14.68 28.71 11.23
C LEU D 64 -15.57 29.89 11.63
N ILE D 65 -16.74 29.60 12.19
CA ILE D 65 -17.62 30.66 12.69
C ILE D 65 -16.82 31.60 13.60
N GLU D 66 -16.06 31.02 14.53
CA GLU D 66 -15.37 31.84 15.52
C GLU D 66 -14.16 32.56 14.92
N THR D 67 -13.49 31.95 13.94
CA THR D 67 -12.48 32.70 13.20
C THR D 67 -13.11 33.87 12.47
N LEU D 68 -14.31 33.68 11.91
CA LEU D 68 -15.01 34.77 11.23
C LEU D 68 -15.32 35.91 12.19
N VAL D 69 -15.82 35.60 13.39
CA VAL D 69 -16.18 36.65 14.33
C VAL D 69 -14.94 37.36 14.84
N GLU D 70 -13.86 36.60 15.11
CA GLU D 70 -12.61 37.25 15.49
C GLU D 70 -12.08 38.12 14.36
N LEU D 71 -12.39 37.77 13.11
CA LEU D 71 -12.12 38.64 11.97
C LEU D 71 -13.19 39.72 11.79
N GLY D 72 -14.07 39.90 12.78
CA GLY D 72 -14.92 41.07 12.85
C GLY D 72 -16.27 40.98 12.18
N ALA D 73 -16.87 39.79 12.11
CA ALA D 73 -18.11 39.59 11.36
C ALA D 73 -19.20 39.02 12.25
N GLN D 74 -20.42 39.48 12.02
CA GLN D 74 -21.62 38.92 12.63
C GLN D 74 -22.05 37.69 11.83
N VAL D 75 -22.36 36.60 12.53
CA VAL D 75 -22.55 35.30 11.90
C VAL D 75 -23.83 34.64 12.42
N GLN D 76 -24.66 34.17 11.48
CA GLN D 76 -25.77 33.24 11.72
C GLN D 76 -25.48 31.93 10.99
N TRP D 77 -25.97 30.80 11.54
CA TRP D 77 -25.58 29.52 10.96
C TRP D 77 -26.69 28.47 11.09
N SER D 78 -26.70 27.55 10.11
CA SER D 78 -27.66 26.45 10.02
C SER D 78 -27.03 25.31 9.23
N SER D 79 -27.35 24.08 9.62
CA SER D 79 -26.71 22.90 9.04
C SER D 79 -27.24 22.60 7.64
N CYS D 80 -26.34 22.14 6.77
CA CYS D 80 -26.72 21.79 5.41
C CYS D 80 -27.31 20.39 5.29
N ASN D 81 -27.26 19.60 6.36
CA ASN D 81 -27.84 18.26 6.35
C ASN D 81 -28.58 18.02 7.66
N ILE D 82 -29.48 17.03 7.63
CA ILE D 82 -30.33 16.74 8.77
C ILE D 82 -29.52 16.08 9.90
N PHE D 83 -28.63 15.17 9.54
CA PHE D 83 -27.85 14.43 10.52
C PHE D 83 -26.40 14.90 10.58
N SER D 84 -26.08 16.01 9.92
CA SER D 84 -24.71 16.51 9.87
C SER D 84 -24.27 17.15 11.19
N THR D 85 -25.22 17.72 11.93
CA THR D 85 -24.89 18.51 13.09
C THR D 85 -24.41 17.63 14.24
N GLN D 86 -23.36 18.09 14.93
CA GLN D 86 -22.94 17.53 16.20
C GLN D 86 -23.49 18.43 17.31
N ASP D 87 -24.31 17.86 18.19
CA ASP D 87 -25.08 18.73 19.07
C ASP D 87 -24.20 19.38 20.15
N ASN D 88 -23.06 18.80 20.47
CA ASN D 88 -22.15 19.49 21.39
C ASN D 88 -21.67 20.80 20.78
N ALA D 89 -21.22 20.77 19.53
CA ALA D 89 -20.72 21.98 18.89
C ALA D 89 -21.83 23.02 18.70
N ALA D 90 -23.07 22.57 18.57
CA ALA D 90 -24.19 23.49 18.43
C ALA D 90 -24.34 24.36 19.67
N ALA D 91 -24.46 23.72 20.84
CA ALA D 91 -24.66 24.46 22.07
C ALA D 91 -23.48 25.38 22.38
N ALA D 92 -22.25 24.88 22.21
CA ALA D 92 -21.07 25.67 22.51
C ALA D 92 -21.07 26.98 21.72
N ILE D 93 -21.35 26.90 20.42
CA ILE D 93 -21.39 28.10 19.59
C ILE D 93 -22.50 29.04 20.08
N ALA D 94 -23.68 28.49 20.35
CA ALA D 94 -24.81 29.31 20.79
C ALA D 94 -24.62 29.85 22.20
N ALA D 95 -23.76 29.25 23.02
CA ALA D 95 -23.47 29.80 24.34
C ALA D 95 -22.68 31.09 24.25
N THR D 96 -22.05 31.35 23.11
CA THR D 96 -21.32 32.58 22.85
C THR D 96 -22.19 33.65 22.21
N GLY D 97 -23.49 33.41 22.11
CA GLY D 97 -24.37 34.39 21.49
C GLY D 97 -24.25 34.53 19.99
N VAL D 98 -23.58 33.60 19.32
CA VAL D 98 -23.60 33.51 17.86
C VAL D 98 -24.82 32.69 17.48
N PRO D 99 -25.85 33.28 16.88
CA PRO D 99 -27.12 32.56 16.65
C PRO D 99 -26.94 31.37 15.70
N VAL D 100 -27.20 30.17 16.25
CA VAL D 100 -27.11 28.93 15.47
C VAL D 100 -28.41 28.14 15.66
N TYR D 101 -28.98 27.66 14.55
CA TYR D 101 -30.27 26.97 14.53
C TYR D 101 -30.06 25.61 13.83
N ALA D 102 -29.76 24.57 14.61
CA ALA D 102 -29.41 23.28 14.01
C ALA D 102 -29.29 22.19 15.09
N TRP D 103 -29.68 20.96 14.71
CA TRP D 103 -29.58 19.81 15.60
C TRP D 103 -29.64 18.50 14.80
N LYS D 104 -29.00 17.47 15.34
CA LYS D 104 -29.06 16.14 14.75
C LYS D 104 -30.46 15.58 14.85
N GLY D 105 -30.88 14.84 13.82
CA GLY D 105 -32.23 14.33 13.78
C GLY D 105 -33.26 15.34 13.31
N GLU D 106 -32.84 16.33 12.53
CA GLU D 106 -33.79 17.31 12.02
C GLU D 106 -34.85 16.63 11.16
N THR D 107 -35.96 17.33 10.98
CA THR D 107 -36.94 16.99 9.97
C THR D 107 -36.73 17.91 8.77
N ASP D 108 -37.07 17.43 7.58
CA ASP D 108 -36.97 18.30 6.43
C ASP D 108 -37.66 19.63 6.69
N GLU D 109 -38.72 19.62 7.50
CA GLU D 109 -39.38 20.85 7.92
C GLU D 109 -38.49 21.66 8.88
N GLU D 110 -37.93 21.01 9.89
CA GLU D 110 -37.03 21.71 10.80
C GLU D 110 -35.80 22.23 10.07
N TYR D 111 -35.34 21.50 9.05
CA TYR D 111 -34.12 21.86 8.35
C TYR D 111 -34.25 23.22 7.66
N MET D 112 -35.32 23.41 6.88
CA MET D 112 -35.47 24.64 6.11
C MET D 112 -35.92 25.82 6.97
N TRP D 113 -36.64 25.57 8.07
CA TRP D 113 -36.99 26.65 8.99
C TRP D 113 -35.74 27.32 9.55
N CYS D 114 -34.76 26.51 9.98
CA CYS D 114 -33.52 27.06 10.54
C CYS D 114 -32.87 28.04 9.58
N ILE D 115 -32.90 27.74 8.28
CA ILE D 115 -32.33 28.66 7.29
C ILE D 115 -33.08 29.99 7.30
N GLU D 116 -34.41 29.94 7.44
CA GLU D 116 -35.19 31.18 7.52
C GLU D 116 -34.72 32.05 8.69
N GLN D 117 -34.32 31.42 9.80
CA GLN D 117 -33.87 32.17 10.96
C GLN D 117 -32.50 32.81 10.72
N THR D 118 -31.66 32.18 9.91
CA THR D 118 -30.31 32.68 9.66
C THR D 118 -30.30 33.87 8.69
N LEU D 119 -31.26 33.92 7.76
CA LEU D 119 -31.37 35.09 6.90
C LEU D 119 -31.58 36.35 7.72
N VAL D 120 -32.32 36.25 8.81
CA VAL D 120 -32.48 37.36 9.73
C VAL D 120 -31.21 37.53 10.54
N PHE D 121 -30.95 38.76 10.98
CA PHE D 121 -29.88 38.95 11.92
C PHE D 121 -30.41 39.62 13.18
N PRO D 122 -29.79 39.35 14.36
CA PRO D 122 -30.40 39.88 15.58
C PRO D 122 -30.55 41.39 15.58
N ASP D 123 -29.54 42.13 15.11
CA ASP D 123 -29.73 43.55 14.87
C ASP D 123 -30.96 43.79 14.00
N GLY D 124 -31.06 43.07 12.88
CA GLY D 124 -32.25 43.14 12.05
C GLY D 124 -31.96 43.30 10.57
N GLN D 125 -30.87 43.99 10.23
CA GLN D 125 -30.50 44.22 8.84
C GLN D 125 -30.47 42.90 8.10
N PRO D 126 -30.86 42.87 6.83
CA PRO D 126 -30.98 41.59 6.12
C PRO D 126 -29.67 40.79 6.12
N LEU D 127 -28.76 41.06 5.18
CA LEU D 127 -27.45 40.44 5.24
C LEU D 127 -26.53 41.11 4.22
N ASN D 128 -25.24 40.80 4.31
CA ASN D 128 -24.23 41.28 3.39
C ASN D 128 -23.49 40.17 2.64
N MET D 129 -23.31 39.00 3.26
CA MET D 129 -22.51 37.91 2.69
C MET D 129 -23.19 36.57 3.00
N ILE D 130 -22.84 35.56 2.21
CA ILE D 130 -23.43 34.24 2.34
C ILE D 130 -22.35 33.18 2.14
N LEU D 131 -22.35 32.17 3.01
CA LEU D 131 -21.43 31.03 2.96
C LEU D 131 -22.27 29.77 3.00
N ASP D 132 -22.09 28.91 2.00
CA ASP D 132 -23.01 27.80 1.78
C ASP D 132 -22.26 26.52 1.40
N ASP D 133 -22.89 25.40 1.78
CA ASP D 133 -22.48 24.04 1.44
C ASP D 133 -23.71 23.36 0.87
N GLY D 134 -23.64 22.99 -0.40
CA GLY D 134 -24.86 22.80 -1.17
C GLY D 134 -25.44 24.14 -1.59
N GLY D 135 -26.65 24.08 -2.13
CA GLY D 135 -27.25 25.30 -2.63
C GLY D 135 -28.48 25.78 -1.88
N ASP D 136 -28.85 25.06 -0.81
CA ASP D 136 -30.13 25.30 -0.16
C ASP D 136 -30.33 26.77 0.18
N LEU D 137 -29.39 27.34 0.93
CA LEU D 137 -29.43 28.76 1.25
C LEU D 137 -29.35 29.61 -0.02
N THR D 138 -28.30 29.41 -0.81
CA THR D 138 -28.15 30.11 -2.07
C THR D 138 -29.44 30.07 -2.88
N ASN D 139 -30.03 28.87 -3.03
CA ASN D 139 -31.27 28.78 -3.78
C ASN D 139 -32.43 29.47 -3.06
N LEU D 140 -32.54 29.30 -1.74
CA LEU D 140 -33.67 29.92 -1.03
C LEU D 140 -33.68 31.43 -1.25
N VAL D 141 -32.56 32.10 -0.98
CA VAL D 141 -32.53 33.55 -1.15
C VAL D 141 -32.93 33.90 -2.58
N HIS D 142 -32.49 33.11 -3.56
CA HIS D 142 -32.95 33.31 -4.93
C HIS D 142 -34.41 32.90 -5.07
N GLU D 143 -34.70 31.60 -5.00
CA GLU D 143 -36.03 31.12 -5.36
C GLU D 143 -37.08 31.58 -4.37
N LYS D 144 -36.73 31.74 -3.10
CA LYS D 144 -37.64 32.24 -2.08
C LYS D 144 -37.24 33.68 -1.73
N PHE D 145 -37.92 34.63 -2.36
CA PHE D 145 -37.84 36.09 -2.24
C PHE D 145 -36.44 36.67 -2.38
N PRO D 146 -36.19 37.51 -3.43
CA PRO D 146 -34.83 38.00 -3.71
C PRO D 146 -34.60 39.43 -3.26
N GLN D 147 -35.43 39.94 -2.35
CA GLN D 147 -35.36 41.36 -2.01
C GLN D 147 -34.00 41.76 -1.45
N TYR D 148 -33.22 40.83 -0.90
CA TYR D 148 -31.94 41.18 -0.32
C TYR D 148 -30.74 40.60 -1.08
N LEU D 149 -30.81 40.61 -2.42
CA LEU D 149 -29.59 40.35 -3.18
C LEU D 149 -28.75 41.62 -3.34
N LYS D 150 -29.38 42.79 -3.39
CA LYS D 150 -28.66 44.03 -3.70
C LYS D 150 -27.75 44.46 -2.55
N ASN D 151 -28.26 44.46 -1.32
CA ASN D 151 -27.47 44.94 -0.20
C ASN D 151 -26.23 44.07 0.00
N ILE D 152 -26.37 42.74 -0.13
CA ILE D 152 -25.25 41.85 0.10
C ILE D 152 -24.23 42.00 -1.03
N LYS D 153 -23.00 41.57 -0.73
CA LYS D 153 -21.95 41.56 -1.75
C LYS D 153 -21.99 40.26 -2.54
N GLY D 154 -21.21 39.26 -2.12
CA GLY D 154 -21.13 38.00 -2.83
C GLY D 154 -21.42 36.76 -1.99
N LEU D 155 -21.18 35.58 -2.56
CA LEU D 155 -21.44 34.30 -1.90
C LEU D 155 -20.24 33.37 -2.06
N SER D 156 -20.17 32.39 -1.16
CA SER D 156 -19.13 31.37 -1.16
C SER D 156 -19.78 30.00 -1.17
N GLU D 157 -19.28 29.10 -2.03
CA GLU D 157 -19.81 27.74 -2.13
C GLU D 157 -18.72 26.70 -1.99
N GLU D 158 -19.05 25.60 -1.30
CA GLU D 158 -18.09 24.54 -0.98
C GLU D 158 -18.29 23.30 -1.83
N THR D 159 -19.45 22.63 -1.74
CA THR D 159 -19.58 21.32 -2.35
C THR D 159 -19.45 21.37 -3.86
N THR D 160 -18.94 20.28 -4.43
CA THR D 160 -18.87 20.14 -5.89
C THR D 160 -20.25 19.99 -6.52
N THR D 161 -21.25 19.46 -5.77
CA THR D 161 -22.63 19.49 -6.26
C THR D 161 -23.15 20.91 -6.36
N GLY D 162 -22.99 21.68 -5.29
CA GLY D 162 -23.50 23.04 -5.27
C GLY D 162 -22.74 23.95 -6.21
N VAL D 163 -21.45 23.68 -6.41
CA VAL D 163 -20.67 24.42 -7.40
C VAL D 163 -21.23 24.16 -8.80
N HIS D 164 -21.53 22.90 -9.12
CA HIS D 164 -22.17 22.58 -10.39
C HIS D 164 -23.45 23.38 -10.60
N ASN D 165 -24.26 23.52 -9.55
CA ASN D 165 -25.45 24.36 -9.65
C ASN D 165 -25.08 25.80 -9.99
N LEU D 166 -24.07 26.35 -9.33
CA LEU D 166 -23.71 27.75 -9.54
C LEU D 166 -23.13 27.99 -10.92
N TYR D 167 -22.28 27.09 -11.41
CA TYR D 167 -21.82 27.21 -12.79
C TYR D 167 -23.00 27.26 -13.76
N LYS D 168 -24.00 26.40 -13.54
CA LYS D 168 -25.18 26.35 -14.39
C LYS D 168 -26.20 27.42 -14.04
N MET D 169 -26.20 27.94 -12.81
CA MET D 169 -27.00 29.12 -12.54
C MET D 169 -26.56 30.29 -13.41
N PHE D 170 -25.27 30.35 -13.78
CA PHE D 170 -24.80 31.43 -14.64
C PHE D 170 -25.04 31.18 -16.12
N LYS D 171 -25.74 30.12 -16.51
CA LYS D 171 -26.14 30.02 -17.90
C LYS D 171 -27.21 31.06 -18.25
N GLU D 172 -27.88 31.62 -17.24
CA GLU D 172 -28.89 32.65 -17.48
C GLU D 172 -28.94 33.68 -16.35
N GLY D 173 -30.16 34.10 -16.01
CA GLY D 173 -30.39 35.15 -15.04
C GLY D 173 -29.97 34.83 -13.62
N ARG D 174 -29.73 33.56 -13.30
CA ARG D 174 -29.40 33.28 -11.91
C ARG D 174 -28.03 33.85 -11.56
N LEU D 175 -27.71 33.83 -10.27
CA LEU D 175 -26.54 34.50 -9.72
C LEU D 175 -26.70 36.01 -9.75
N GLY D 176 -27.65 36.55 -8.98
CA GLY D 176 -27.71 37.98 -8.76
C GLY D 176 -26.57 38.53 -7.91
N VAL D 177 -25.63 37.67 -7.50
CA VAL D 177 -24.55 38.08 -6.60
C VAL D 177 -23.26 37.45 -7.08
N PRO D 178 -22.13 38.16 -6.88
CA PRO D 178 -20.83 37.59 -7.29
C PRO D 178 -20.42 36.45 -6.37
N ALA D 179 -19.90 35.37 -6.97
CA ALA D 179 -19.61 34.15 -6.23
C ALA D 179 -18.20 33.64 -6.49
N ILE D 180 -17.57 33.17 -5.42
CA ILE D 180 -16.33 32.41 -5.48
C ILE D 180 -16.64 30.95 -5.19
N ASN D 181 -15.94 30.06 -5.86
CA ASN D 181 -16.12 28.62 -5.71
C ASN D 181 -14.90 28.09 -4.99
N VAL D 182 -15.06 27.79 -3.70
CA VAL D 182 -13.95 27.30 -2.90
C VAL D 182 -13.67 25.82 -3.12
N ASN D 183 -14.56 25.08 -3.79
CA ASN D 183 -14.25 23.68 -4.06
C ASN D 183 -13.16 23.53 -5.11
N ASP D 184 -13.27 24.28 -6.21
CA ASP D 184 -12.28 24.09 -7.27
C ASP D 184 -10.88 24.51 -6.85
N SER D 185 -10.69 24.99 -5.62
CA SER D 185 -9.36 25.15 -5.08
C SER D 185 -8.74 23.78 -4.84
N VAL D 186 -7.44 23.66 -5.15
CA VAL D 186 -6.73 22.40 -4.97
C VAL D 186 -6.62 22.05 -3.50
N THR D 187 -6.37 23.06 -2.66
CA THR D 187 -6.32 22.84 -1.21
C THR D 187 -7.64 22.33 -0.65
N LYS D 188 -8.72 22.41 -1.43
CA LYS D 188 -10.01 21.83 -1.06
C LYS D 188 -10.23 20.51 -1.78
N SER D 189 -10.47 20.57 -3.10
CA SER D 189 -10.91 19.39 -3.83
C SER D 189 -9.88 18.26 -3.76
N LYS D 190 -8.60 18.57 -3.91
CA LYS D 190 -7.60 17.52 -3.88
C LYS D 190 -7.19 17.10 -2.48
N PHE D 191 -7.91 17.58 -1.44
CA PHE D 191 -7.63 17.17 -0.07
C PHE D 191 -8.91 16.77 0.67
N ASP D 192 -9.90 17.66 0.72
CA ASP D 192 -11.16 17.31 1.39
C ASP D 192 -11.83 16.13 0.71
N ASN D 193 -12.07 16.24 -0.60
CA ASN D 193 -12.73 15.16 -1.32
C ASN D 193 -12.00 13.83 -1.14
N LEU D 194 -10.70 13.81 -1.46
CA LEU D 194 -9.93 12.57 -1.45
C LEU D 194 -9.46 12.22 -0.04
N TYR D 195 -8.54 13.02 0.51
CA TYR D 195 -7.90 12.64 1.76
C TYR D 195 -8.90 12.56 2.91
N GLY D 196 -9.91 13.42 2.90
CA GLY D 196 -10.87 13.42 4.00
C GLY D 196 -11.75 12.18 4.01
N CYS D 197 -12.40 11.89 2.89
CA CYS D 197 -13.30 10.73 2.84
C CYS D 197 -12.54 9.42 3.03
N ARG D 198 -11.25 9.39 2.72
CA ARG D 198 -10.41 8.24 3.08
C ARG D 198 -10.51 7.97 4.58
N GLU D 199 -10.54 9.02 5.40
CA GLU D 199 -10.64 8.84 6.84
C GLU D 199 -12.09 8.66 7.28
N SER D 200 -13.01 9.44 6.72
CA SER D 200 -14.34 9.56 7.31
C SER D 200 -15.22 8.35 7.02
N LEU D 201 -15.11 7.77 5.82
CA LEU D 201 -16.10 6.78 5.38
C LEU D 201 -16.05 5.52 6.24
N ILE D 202 -14.92 4.84 6.25
CA ILE D 202 -14.80 3.60 6.99
C ILE D 202 -15.17 3.82 8.46
N ASP D 203 -14.79 4.97 9.00
CA ASP D 203 -15.22 5.35 10.35
C ASP D 203 -16.73 5.21 10.51
N GLY D 204 -17.49 5.75 9.56
CA GLY D 204 -18.94 5.73 9.67
C GLY D 204 -19.52 4.33 9.59
N ILE D 205 -19.02 3.52 8.65
CA ILE D 205 -19.49 2.14 8.56
C ILE D 205 -19.25 1.41 9.87
N LYS D 206 -18.02 1.50 10.39
CA LYS D 206 -17.67 0.78 11.61
C LYS D 206 -18.61 1.14 12.76
N ARG D 207 -18.78 2.44 13.02
CA ARG D 207 -19.63 2.85 14.13
C ARG D 207 -21.05 2.30 13.98
N ALA D 208 -21.57 2.28 12.75
CA ALA D 208 -22.91 1.78 12.51
C ALA D 208 -22.98 0.26 12.53
N THR D 209 -21.95 -0.38 11.98
CA THR D 209 -21.95 -1.81 11.68
C THR D 209 -20.94 -2.60 12.47
N ASP D 210 -19.76 -2.03 12.70
CA ASP D 210 -18.62 -2.78 13.24
C ASP D 210 -18.32 -4.01 12.39
N VAL D 211 -18.29 -3.80 11.06
CA VAL D 211 -18.10 -4.87 10.07
C VAL D 211 -16.62 -4.96 9.70
N MET D 212 -16.18 -6.17 9.36
CA MET D 212 -14.80 -6.39 8.99
C MET D 212 -14.61 -6.14 7.50
N ILE D 213 -13.71 -5.22 7.18
CA ILE D 213 -13.41 -4.92 5.78
C ILE D 213 -12.57 -6.03 5.16
N ALA D 214 -11.70 -6.67 5.95
CA ALA D 214 -10.75 -7.64 5.43
C ALA D 214 -11.46 -8.83 4.80
N GLY D 215 -11.15 -9.10 3.53
CA GLY D 215 -11.71 -10.25 2.84
C GLY D 215 -13.11 -10.07 2.29
N LYS D 216 -13.69 -8.88 2.41
CA LYS D 216 -15.03 -8.61 1.92
C LYS D 216 -14.95 -7.92 0.56
N VAL D 217 -15.83 -8.31 -0.35
CA VAL D 217 -15.90 -7.68 -1.65
C VAL D 217 -16.64 -6.36 -1.51
N CYS D 218 -16.03 -5.28 -2.01
CA CYS D 218 -16.54 -3.93 -1.86
C CYS D 218 -16.74 -3.30 -3.22
N CYS D 219 -17.84 -2.55 -3.36
CA CYS D 219 -18.16 -1.85 -4.59
C CYS D 219 -18.16 -0.36 -4.31
N VAL D 220 -17.29 0.38 -5.00
CA VAL D 220 -17.28 1.83 -4.96
C VAL D 220 -17.79 2.33 -6.31
N ALA D 221 -18.87 3.09 -6.27
CA ALA D 221 -19.46 3.71 -7.47
C ALA D 221 -18.88 5.11 -7.62
N GLY D 222 -18.20 5.35 -8.74
CA GLY D 222 -17.51 6.59 -8.97
C GLY D 222 -16.06 6.53 -8.52
N TYR D 223 -15.14 6.85 -9.45
CA TYR D 223 -13.72 6.92 -9.09
C TYR D 223 -13.19 8.33 -9.33
N GLY D 224 -13.92 9.32 -8.84
CA GLY D 224 -13.42 10.67 -8.77
C GLY D 224 -12.61 10.87 -7.51
N ASP D 225 -12.49 12.15 -7.09
CA ASP D 225 -11.68 12.44 -5.92
C ASP D 225 -12.25 11.76 -4.68
N VAL D 226 -13.57 11.78 -4.51
CA VAL D 226 -14.16 11.08 -3.37
C VAL D 226 -14.02 9.57 -3.55
N GLY D 227 -14.25 9.07 -4.77
CA GLY D 227 -14.18 7.64 -4.99
C GLY D 227 -12.77 7.10 -4.81
N LYS D 228 -11.76 7.86 -5.23
CA LYS D 228 -10.39 7.40 -5.10
C LYS D 228 -10.00 7.23 -3.64
N GLY D 229 -10.42 8.15 -2.77
CA GLY D 229 -10.12 8.02 -1.36
C GLY D 229 -10.90 6.91 -0.69
N CYS D 230 -12.17 6.76 -1.07
CA CYS D 230 -12.99 5.71 -0.46
C CYS D 230 -12.46 4.32 -0.82
N ALA D 231 -12.08 4.12 -2.08
CA ALA D 231 -11.52 2.83 -2.49
C ALA D 231 -10.17 2.57 -1.85
N GLN D 232 -9.33 3.60 -1.76
CA GLN D 232 -8.04 3.43 -1.08
C GLN D 232 -8.25 2.95 0.35
N ALA D 233 -9.21 3.53 1.06
CA ALA D 233 -9.48 3.11 2.43
C ALA D 233 -9.77 1.61 2.50
N LEU D 234 -10.72 1.14 1.69
CA LEU D 234 -11.14 -0.25 1.80
C LEU D 234 -10.06 -1.19 1.26
N LYS D 235 -9.36 -0.79 0.20
CA LYS D 235 -8.23 -1.57 -0.29
C LYS D 235 -7.17 -1.73 0.80
N GLY D 236 -6.96 -0.68 1.60
CA GLY D 236 -5.95 -0.73 2.64
C GLY D 236 -6.31 -1.55 3.85
N PHE D 237 -7.60 -1.87 4.02
CA PHE D 237 -8.03 -2.71 5.12
C PHE D 237 -8.26 -4.15 4.71
N GLY D 238 -7.70 -4.57 3.58
CA GLY D 238 -7.89 -5.91 3.06
C GLY D 238 -9.11 -6.10 2.19
N GLY D 239 -9.79 -5.02 1.81
CA GLY D 239 -10.93 -5.15 0.94
C GLY D 239 -10.50 -5.27 -0.51
N ARG D 240 -11.22 -6.10 -1.25
CA ARG D 240 -11.14 -6.10 -2.70
C ARG D 240 -12.26 -5.21 -3.23
N VAL D 241 -11.89 -4.20 -4.00
CA VAL D 241 -12.79 -3.12 -4.38
C VAL D 241 -13.00 -3.18 -5.88
N ILE D 242 -14.26 -3.37 -6.29
CA ILE D 242 -14.70 -3.17 -7.66
C ILE D 242 -15.19 -1.74 -7.78
N VAL D 243 -14.87 -1.11 -8.91
CA VAL D 243 -15.19 0.30 -9.14
C VAL D 243 -16.07 0.41 -10.37
N THR D 244 -17.14 1.20 -10.25
CA THR D 244 -17.98 1.57 -11.37
C THR D 244 -17.64 2.99 -11.81
N GLU D 245 -17.63 3.22 -13.12
CA GLU D 245 -17.34 4.56 -13.62
C GLU D 245 -17.97 4.76 -15.00
N VAL D 246 -18.41 5.99 -15.24
CA VAL D 246 -18.94 6.37 -16.55
C VAL D 246 -17.94 7.20 -17.35
N ASP D 247 -16.89 7.74 -16.73
CA ASP D 247 -15.89 8.55 -17.43
C ASP D 247 -14.70 7.69 -17.82
N PRO D 248 -14.34 7.64 -19.09
CA PRO D 248 -13.22 6.76 -19.53
C PRO D 248 -11.91 7.00 -18.80
N ILE D 249 -11.61 8.25 -18.47
CA ILE D 249 -10.32 8.57 -17.86
C ILE D 249 -10.26 7.99 -16.45
N ASN D 250 -11.28 8.27 -15.64
CA ASN D 250 -11.31 7.75 -14.29
C ASN D 250 -11.28 6.23 -14.27
N ALA D 251 -11.87 5.59 -15.28
CA ALA D 251 -11.86 4.14 -15.36
C ALA D 251 -10.45 3.61 -15.55
N LEU D 252 -9.71 4.14 -16.52
CA LEU D 252 -8.32 3.74 -16.70
C LEU D 252 -7.52 3.98 -15.43
N GLN D 253 -7.81 5.08 -14.73
CA GLN D 253 -7.11 5.37 -13.48
C GLN D 253 -7.32 4.23 -12.47
N ALA D 254 -8.57 3.85 -12.23
CA ALA D 254 -8.84 2.79 -11.28
C ALA D 254 -8.19 1.48 -11.71
N ALA D 255 -8.22 1.18 -13.02
CA ALA D 255 -7.65 -0.07 -13.50
C ALA D 255 -6.14 -0.08 -13.36
N MET D 256 -5.49 1.03 -13.71
CA MET D 256 -4.04 1.17 -13.52
C MET D 256 -3.65 1.23 -12.06
N GLU D 257 -4.62 1.27 -11.13
CA GLU D 257 -4.34 1.22 -9.72
C GLU D 257 -4.82 -0.09 -9.10
N GLY D 258 -5.12 -1.09 -9.93
CA GLY D 258 -5.40 -2.43 -9.44
C GLY D 258 -6.85 -2.72 -9.13
N TYR D 259 -7.78 -1.88 -9.56
CA TYR D 259 -9.20 -2.04 -9.27
C TYR D 259 -9.93 -2.55 -10.51
N GLU D 260 -10.69 -3.64 -10.35
CA GLU D 260 -11.58 -4.09 -11.40
C GLU D 260 -12.71 -3.08 -11.61
N VAL D 261 -12.97 -2.71 -12.85
CA VAL D 261 -14.02 -1.75 -13.20
C VAL D 261 -15.10 -2.48 -13.99
N THR D 262 -16.32 -2.45 -13.47
CA THR D 262 -17.46 -3.08 -14.14
C THR D 262 -18.74 -2.43 -13.64
N THR D 263 -19.87 -2.94 -14.11
CA THR D 263 -21.18 -2.37 -13.87
C THR D 263 -21.74 -2.81 -12.51
N MET D 264 -22.68 -2.01 -12.00
CA MET D 264 -23.37 -2.39 -10.78
C MET D 264 -24.15 -3.68 -10.95
N GLU D 265 -24.67 -3.92 -12.15
CA GLU D 265 -25.32 -5.19 -12.43
C GLU D 265 -24.40 -6.36 -12.09
N GLU D 266 -23.13 -6.27 -12.52
CA GLU D 266 -22.17 -7.29 -12.13
C GLU D 266 -21.80 -7.18 -10.66
N ALA D 267 -21.51 -5.97 -10.19
CA ALA D 267 -20.99 -5.80 -8.85
C ALA D 267 -22.05 -5.98 -7.76
N SER D 268 -23.32 -5.78 -8.08
CA SER D 268 -24.34 -5.97 -7.07
C SER D 268 -24.44 -7.43 -6.66
N LYS D 269 -24.07 -8.34 -7.54
CA LYS D 269 -24.12 -9.76 -7.21
C LYS D 269 -22.92 -10.16 -6.36
N GLU D 270 -21.73 -9.64 -6.65
CA GLU D 270 -20.53 -10.15 -6.00
C GLU D 270 -20.25 -9.49 -4.66
N ALA D 271 -20.42 -8.18 -4.55
CA ALA D 271 -19.90 -7.45 -3.40
C ALA D 271 -20.90 -7.44 -2.24
N SER D 272 -20.35 -7.28 -1.03
CA SER D 272 -21.11 -7.22 0.21
C SER D 272 -21.22 -5.83 0.81
N ILE D 273 -20.38 -4.89 0.35
CA ILE D 273 -20.30 -3.54 0.88
C ILE D 273 -20.39 -2.58 -0.29
N PHE D 274 -21.23 -1.54 -0.15
CA PHE D 274 -21.55 -0.67 -1.27
C PHE D 274 -21.46 0.78 -0.81
N VAL D 275 -20.74 1.60 -1.59
CA VAL D 275 -20.56 3.02 -1.30
C VAL D 275 -20.67 3.80 -2.60
N THR D 276 -21.54 4.81 -2.63
CA THR D 276 -21.85 5.58 -3.82
C THR D 276 -21.24 6.97 -3.73
N THR D 277 -20.48 7.35 -4.77
CA THR D 277 -19.70 8.58 -4.74
C THR D 277 -19.87 9.42 -6.00
N THR D 278 -20.87 9.13 -6.83
CA THR D 278 -20.93 9.70 -8.18
C THR D 278 -21.48 11.12 -8.21
N GLY D 279 -22.34 11.48 -7.26
CA GLY D 279 -23.08 12.72 -7.40
C GLY D 279 -24.15 12.67 -8.47
N CYS D 280 -24.56 11.46 -8.85
CA CYS D 280 -25.54 11.23 -9.90
C CYS D 280 -26.68 10.38 -9.36
N ARG D 281 -27.85 10.52 -9.98
CA ARG D 281 -29.03 9.82 -9.51
C ARG D 281 -28.99 8.34 -9.88
N ASP D 282 -29.66 7.53 -9.05
CA ASP D 282 -29.96 6.15 -9.35
C ASP D 282 -28.69 5.32 -9.61
N ILE D 283 -27.79 5.32 -8.61
CA ILE D 283 -26.61 4.46 -8.70
C ILE D 283 -26.95 3.05 -8.23
N ILE D 284 -27.64 2.92 -7.09
CA ILE D 284 -28.15 1.63 -6.62
C ILE D 284 -29.65 1.62 -6.81
N THR D 285 -30.16 0.58 -7.49
CA THR D 285 -31.56 0.48 -7.88
C THR D 285 -32.15 -0.84 -7.40
N SER D 286 -33.42 -1.04 -7.75
CA SER D 286 -34.16 -2.23 -7.34
C SER D 286 -33.46 -3.51 -7.78
N VAL D 287 -33.17 -3.62 -9.08
CA VAL D 287 -32.51 -4.81 -9.61
C VAL D 287 -31.23 -5.09 -8.83
N HIS D 288 -30.43 -4.03 -8.60
CA HIS D 288 -29.19 -4.19 -7.87
C HIS D 288 -29.42 -4.74 -6.47
N LEU D 289 -30.33 -4.12 -5.71
CA LEU D 289 -30.49 -4.46 -4.30
C LEU D 289 -30.96 -5.90 -4.12
N GLN D 290 -31.89 -6.35 -4.97
CA GLN D 290 -32.36 -7.72 -4.85
C GLN D 290 -31.25 -8.73 -5.15
N GLN D 291 -30.23 -8.32 -5.90
CA GLN D 291 -29.13 -9.20 -6.22
C GLN D 291 -28.07 -9.26 -5.13
N MET D 292 -27.97 -8.22 -4.31
CA MET D 292 -26.93 -8.14 -3.29
C MET D 292 -27.03 -9.31 -2.31
N PRO D 293 -25.90 -9.76 -1.76
CA PRO D 293 -25.93 -10.85 -0.78
C PRO D 293 -26.50 -10.40 0.55
N ASP D 294 -26.73 -11.39 1.41
CA ASP D 294 -27.46 -11.19 2.66
C ASP D 294 -26.66 -10.34 3.65
N ASP D 295 -27.33 -9.36 4.24
CA ASP D 295 -26.75 -8.40 5.18
C ASP D 295 -25.67 -7.53 4.54
N ALA D 296 -25.75 -7.37 3.22
CA ALA D 296 -24.94 -6.36 2.54
C ALA D 296 -25.25 -4.98 3.10
N ILE D 297 -24.20 -4.16 3.22
CA ILE D 297 -24.32 -2.79 3.70
C ILE D 297 -24.27 -1.85 2.51
N VAL D 298 -25.17 -0.88 2.49
CA VAL D 298 -25.29 0.06 1.38
C VAL D 298 -25.30 1.47 1.97
N CYS D 299 -24.32 2.29 1.55
CA CYS D 299 -24.17 3.64 2.05
C CYS D 299 -23.83 4.57 0.90
N ASN D 300 -24.00 5.87 1.15
CA ASN D 300 -23.76 6.91 0.15
C ASN D 300 -22.95 8.03 0.78
N ILE D 301 -21.88 8.44 0.10
CA ILE D 301 -20.96 9.47 0.57
C ILE D 301 -21.05 10.71 -0.31
N GLY D 302 -22.07 10.82 -1.15
CA GLY D 302 -22.25 11.98 -2.01
C GLY D 302 -23.42 12.83 -1.55
N HIS D 303 -23.37 14.12 -1.88
CA HIS D 303 -24.44 15.02 -1.47
C HIS D 303 -25.76 14.62 -2.13
N PHE D 304 -26.83 14.63 -1.32
CA PHE D 304 -28.17 14.22 -1.73
C PHE D 304 -28.32 12.71 -1.67
N ASP D 305 -29.49 12.22 -1.23
CA ASP D 305 -29.72 10.79 -1.03
C ASP D 305 -30.29 10.12 -2.28
N ILE D 306 -30.13 10.74 -3.45
CA ILE D 306 -30.70 10.19 -4.68
C ILE D 306 -29.83 9.14 -5.33
N GLU D 307 -28.67 8.82 -4.75
CA GLU D 307 -27.81 7.80 -5.35
C GLU D 307 -28.35 6.40 -5.12
N ILE D 308 -28.99 6.16 -3.98
CA ILE D 308 -29.69 4.92 -3.70
C ILE D 308 -31.18 5.20 -3.65
N ASP D 309 -31.99 4.22 -4.05
CA ASP D 309 -33.44 4.38 -4.01
C ASP D 309 -33.93 3.76 -2.71
N VAL D 310 -33.88 4.57 -1.64
CA VAL D 310 -34.42 4.10 -0.37
C VAL D 310 -35.93 3.92 -0.47
N ASP D 311 -36.60 4.71 -1.31
CA ASP D 311 -38.05 4.62 -1.46
C ASP D 311 -38.47 3.21 -1.87
N TRP D 312 -37.87 2.67 -2.94
CA TRP D 312 -38.26 1.33 -3.38
C TRP D 312 -38.05 0.31 -2.25
N LEU D 313 -36.88 0.37 -1.61
CA LEU D 313 -36.53 -0.59 -0.58
C LEU D 313 -37.48 -0.48 0.62
N ASN D 314 -37.67 0.72 1.14
CA ASN D 314 -38.69 0.90 2.17
C ASN D 314 -40.01 0.26 1.75
N ALA D 315 -40.34 0.34 0.46
CA ALA D 315 -41.62 -0.14 -0.05
C ALA D 315 -41.64 -1.64 -0.35
N ASN D 316 -40.56 -2.21 -0.85
CA ASN D 316 -40.61 -3.60 -1.29
C ASN D 316 -39.91 -4.57 -0.35
N ALA D 317 -39.41 -4.09 0.78
CA ALA D 317 -38.94 -4.99 1.83
C ALA D 317 -40.14 -5.54 2.61
N LYS D 318 -40.00 -6.78 3.07
CA LYS D 318 -40.99 -7.36 3.96
C LYS D 318 -40.99 -6.63 5.30
N GLU D 319 -39.80 -6.48 5.91
CA GLU D 319 -39.67 -5.87 7.23
C GLU D 319 -38.54 -4.84 7.24
N LYS D 320 -38.75 -3.75 7.97
CA LYS D 320 -37.73 -2.75 8.24
C LYS D 320 -37.52 -2.67 9.74
N VAL D 321 -36.32 -3.04 10.19
CA VAL D 321 -35.96 -3.05 11.60
C VAL D 321 -34.89 -2.00 11.83
N ASN D 322 -35.10 -1.15 12.84
CA ASN D 322 -34.10 -0.16 13.25
C ASN D 322 -33.19 -0.79 14.29
N VAL D 323 -31.96 -1.10 13.87
CA VAL D 323 -30.96 -1.59 14.81
C VAL D 323 -30.59 -0.51 15.81
N LYS D 324 -30.20 0.66 15.31
CA LYS D 324 -29.82 1.83 16.08
C LYS D 324 -30.01 3.04 15.19
N PRO D 325 -29.74 4.26 15.67
CA PRO D 325 -29.96 5.42 14.82
C PRO D 325 -29.15 5.35 13.53
N GLN D 326 -29.83 5.69 12.43
CA GLN D 326 -29.25 5.74 11.09
C GLN D 326 -28.76 4.38 10.58
N VAL D 327 -29.19 3.30 11.23
CA VAL D 327 -28.88 1.94 10.79
C VAL D 327 -30.19 1.17 10.69
N ASP D 328 -30.61 0.85 9.47
CA ASP D 328 -31.86 0.12 9.24
C ASP D 328 -31.55 -1.16 8.48
N ARG D 329 -32.14 -2.27 8.94
CA ARG D 329 -31.96 -3.58 8.33
C ARG D 329 -33.28 -4.02 7.72
N TYR D 330 -33.27 -4.32 6.43
CA TYR D 330 -34.44 -4.72 5.69
C TYR D 330 -34.37 -6.23 5.40
N THR D 331 -35.51 -6.91 5.55
CA THR D 331 -35.64 -8.32 5.24
C THR D 331 -36.43 -8.42 3.94
N MET D 332 -35.72 -8.69 2.84
CA MET D 332 -36.38 -8.70 1.54
C MET D 332 -37.34 -9.87 1.43
N GLN D 333 -38.35 -9.71 0.58
CA GLN D 333 -39.24 -10.83 0.29
C GLN D 333 -38.47 -12.08 -0.10
N SER D 334 -37.20 -11.91 -0.52
CA SER D 334 -36.31 -13.03 -0.83
C SER D 334 -35.83 -13.76 0.42
N GLY D 335 -35.79 -13.07 1.57
CA GLY D 335 -35.18 -13.58 2.77
C GLY D 335 -33.79 -13.05 3.05
N LYS D 336 -33.08 -12.57 2.03
CA LYS D 336 -31.83 -11.85 2.26
C LYS D 336 -32.12 -10.52 2.96
N HIS D 337 -31.11 -10.02 3.67
CA HIS D 337 -31.22 -8.79 4.43
C HIS D 337 -30.35 -7.70 3.82
N ILE D 338 -30.82 -6.46 3.91
CA ILE D 338 -30.07 -5.30 3.45
C ILE D 338 -29.98 -4.31 4.61
N ILE D 339 -28.76 -4.00 5.03
CA ILE D 339 -28.50 -2.97 6.03
C ILE D 339 -28.24 -1.66 5.32
N LEU D 340 -29.02 -0.63 5.67
CA LEU D 340 -28.91 0.69 5.07
C LEU D 340 -28.37 1.68 6.11
N LEU D 341 -27.49 2.57 5.67
CA LEU D 341 -26.83 3.53 6.55
C LEU D 341 -27.28 4.94 6.21
N ALA D 342 -27.72 5.68 7.24
CA ALA D 342 -28.09 7.09 7.13
C ALA D 342 -29.20 7.31 6.11
N GLU D 343 -30.04 6.30 5.91
CA GLU D 343 -31.13 6.39 4.93
C GLU D 343 -30.61 6.82 3.56
N GLY D 344 -29.38 6.42 3.24
CA GLY D 344 -28.77 6.77 1.98
C GLY D 344 -28.22 8.17 1.88
N ARG D 345 -28.18 8.92 2.99
CA ARG D 345 -27.66 10.28 2.98
C ARG D 345 -26.17 10.26 3.30
N LEU D 346 -25.60 11.43 3.64
CA LEU D 346 -24.16 11.58 3.84
C LEU D 346 -23.64 10.74 5.01
N VAL D 347 -23.05 9.58 4.71
CA VAL D 347 -22.80 8.58 5.74
C VAL D 347 -21.73 9.06 6.73
N ASN D 348 -20.67 9.70 6.23
CA ASN D 348 -19.62 10.15 7.15
C ASN D 348 -20.20 11.05 8.23
N LEU D 349 -21.15 11.90 7.85
CA LEU D 349 -21.76 12.82 8.81
C LEU D 349 -22.87 12.16 9.62
N GLY D 350 -23.62 11.26 9.01
CA GLY D 350 -24.74 10.62 9.70
C GLY D 350 -24.34 9.56 10.70
N CYS D 351 -23.32 8.77 10.38
CA CYS D 351 -22.88 7.67 11.23
C CYS D 351 -21.53 7.91 11.88
N ALA D 352 -20.92 9.08 11.64
CA ALA D 352 -19.70 9.50 12.33
C ALA D 352 -19.68 11.01 12.44
N HIS D 353 -18.49 11.61 12.49
CA HIS D 353 -18.38 13.05 12.70
C HIS D 353 -17.76 13.78 11.51
N GLY D 354 -17.70 13.13 10.34
CA GLY D 354 -17.19 13.79 9.16
C GLY D 354 -15.68 13.73 9.09
N HIS D 355 -15.14 14.46 8.11
CA HIS D 355 -13.70 14.52 7.96
C HIS D 355 -13.05 15.14 9.20
N PRO D 356 -11.82 14.76 9.52
CA PRO D 356 -11.14 15.33 10.68
C PRO D 356 -10.95 16.84 10.53
N SER D 357 -10.61 17.46 11.66
CA SER D 357 -10.54 18.91 11.71
C SER D 357 -9.40 19.45 10.85
N PHE D 358 -8.30 18.70 10.73
CA PHE D 358 -7.14 19.23 10.03
C PHE D 358 -7.47 19.51 8.57
N VAL D 359 -8.08 18.54 7.88
CA VAL D 359 -8.41 18.75 6.48
C VAL D 359 -9.47 19.83 6.33
N MET D 360 -10.32 20.01 7.34
CA MET D 360 -11.31 21.08 7.29
C MET D 360 -10.67 22.45 7.46
N SER D 361 -9.50 22.54 8.10
CA SER D 361 -8.79 23.82 8.14
C SER D 361 -8.37 24.24 6.73
N ASN D 362 -7.91 23.30 5.92
CA ASN D 362 -7.64 23.61 4.52
C ASN D 362 -8.89 24.11 3.82
N SER D 363 -10.03 23.44 4.06
CA SER D 363 -11.27 23.84 3.41
C SER D 363 -11.72 25.21 3.89
N PHE D 364 -11.84 25.40 5.21
CA PHE D 364 -12.44 26.61 5.72
C PHE D 364 -11.49 27.81 5.63
N THR D 365 -10.18 27.57 5.64
CA THR D 365 -9.22 28.65 5.39
C THR D 365 -9.45 29.26 4.02
N ASN D 366 -9.60 28.42 2.99
CA ASN D 366 -10.03 28.91 1.68
C ASN D 366 -11.30 29.75 1.79
N GLN D 367 -12.25 29.32 2.63
CA GLN D 367 -13.52 30.02 2.76
C GLN D 367 -13.35 31.36 3.47
N VAL D 368 -12.60 31.38 4.57
CA VAL D 368 -12.23 32.67 5.16
C VAL D 368 -11.75 33.62 4.07
N LEU D 369 -10.76 33.18 3.30
CA LEU D 369 -10.23 34.00 2.21
C LEU D 369 -11.34 34.44 1.26
N ALA D 370 -12.01 33.48 0.61
CA ALA D 370 -13.10 33.80 -0.30
C ALA D 370 -13.98 34.91 0.25
N GLN D 371 -14.34 34.82 1.54
CA GLN D 371 -15.22 35.83 2.13
C GLN D 371 -14.54 37.18 2.21
N ILE D 372 -13.26 37.22 2.60
CA ILE D 372 -12.51 38.48 2.63
C ILE D 372 -12.41 39.06 1.23
N GLU D 373 -12.07 38.20 0.26
CA GLU D 373 -11.82 38.66 -1.10
C GLU D 373 -13.05 39.33 -1.71
N LEU D 374 -14.25 38.85 -1.40
CA LEU D 374 -15.45 39.43 -2.00
C LEU D 374 -15.81 40.77 -1.37
N TRP D 375 -15.67 40.90 -0.05
CA TRP D 375 -16.13 42.11 0.63
C TRP D 375 -15.13 43.25 0.53
N THR D 376 -13.83 42.95 0.56
CA THR D 376 -12.82 44.00 0.47
C THR D 376 -12.43 44.33 -0.97
N LYS D 377 -12.80 43.49 -1.93
CA LYS D 377 -12.45 43.66 -3.34
C LYS D 377 -13.66 43.46 -4.23
N SER D 378 -14.83 43.96 -3.80
CA SER D 378 -16.03 43.81 -4.61
C SER D 378 -15.86 44.44 -5.99
N ASP D 379 -14.93 45.38 -6.15
CA ASP D 379 -14.64 45.93 -7.47
C ASP D 379 -14.06 44.86 -8.39
N LYS D 380 -13.18 44.02 -7.86
CA LYS D 380 -12.50 43.01 -8.66
C LYS D 380 -13.44 41.87 -9.10
N TYR D 381 -14.58 41.70 -8.45
CA TYR D 381 -15.40 40.48 -8.57
C TYR D 381 -16.78 40.81 -9.16
N ALA D 382 -16.90 40.70 -10.48
CA ALA D 382 -18.19 40.80 -11.12
C ALA D 382 -19.04 39.57 -10.80
N VAL D 383 -20.36 39.69 -10.98
CA VAL D 383 -21.26 38.61 -10.61
C VAL D 383 -21.07 37.44 -11.57
N GLY D 384 -20.88 36.25 -11.00
CA GLY D 384 -20.55 35.05 -11.76
C GLY D 384 -19.75 34.11 -10.88
N VAL D 385 -19.12 33.11 -11.52
CA VAL D 385 -18.15 32.27 -10.81
C VAL D 385 -16.82 33.00 -10.76
N HIS D 386 -15.99 32.64 -9.77
CA HIS D 386 -14.74 33.38 -9.70
C HIS D 386 -13.49 32.52 -9.51
N VAL D 387 -13.48 31.61 -8.53
CA VAL D 387 -12.29 30.79 -8.26
C VAL D 387 -11.22 31.67 -7.66
N LEU D 388 -10.61 31.21 -6.55
CA LEU D 388 -9.58 31.98 -5.88
C LEU D 388 -8.26 31.90 -6.64
N PRO D 389 -7.43 32.94 -6.55
CA PRO D 389 -6.12 32.92 -7.22
C PRO D 389 -5.22 31.83 -6.64
N LYS D 390 -4.12 31.56 -7.38
CA LYS D 390 -3.28 30.42 -7.05
C LYS D 390 -2.38 30.71 -5.86
N ILE D 391 -1.77 31.90 -5.81
CA ILE D 391 -0.94 32.23 -4.67
C ILE D 391 -1.76 32.17 -3.37
N LEU D 392 -3.07 32.38 -3.47
CA LEU D 392 -3.95 32.18 -2.30
C LEU D 392 -4.16 30.70 -2.02
N ASP D 393 -4.39 29.90 -3.07
CA ASP D 393 -4.45 28.45 -2.93
C ASP D 393 -3.17 27.93 -2.28
N GLU D 394 -2.02 28.35 -2.78
CA GLU D 394 -0.74 27.94 -2.19
C GLU D 394 -0.61 28.40 -0.75
N GLU D 395 -1.19 29.55 -0.40
CA GLU D 395 -1.04 30.09 0.94
C GLU D 395 -1.80 29.24 1.96
N VAL D 396 -2.99 28.76 1.61
CA VAL D 396 -3.69 27.83 2.49
C VAL D 396 -2.79 26.64 2.80
N ALA D 397 -2.20 26.04 1.76
CA ALA D 397 -1.37 24.87 1.94
C ALA D 397 -0.15 25.18 2.80
N SER D 398 0.51 26.31 2.54
CA SER D 398 1.71 26.66 3.28
C SER D 398 1.45 26.84 4.76
N LEU D 399 0.20 27.13 5.15
CA LEU D 399 -0.12 27.39 6.54
C LEU D 399 -0.27 26.13 7.38
N HIS D 400 -0.37 24.96 6.74
CA HIS D 400 -0.49 23.71 7.47
C HIS D 400 0.81 22.93 7.55
N LEU D 401 1.87 23.40 6.87
CA LEU D 401 3.11 22.64 6.79
C LEU D 401 3.85 22.61 8.13
N GLU D 402 3.84 23.73 8.87
CA GLU D 402 4.55 23.75 10.14
C GLU D 402 4.00 22.69 11.09
N LYS D 403 2.67 22.57 11.17
CA LYS D 403 2.07 21.54 12.00
C LYS D 403 2.55 20.16 11.59
N LEU D 404 2.60 19.91 10.28
CA LEU D 404 3.08 18.64 9.76
C LEU D 404 4.60 18.53 9.75
N GLY D 405 5.31 19.50 10.34
CA GLY D 405 6.75 19.42 10.37
C GLY D 405 7.40 19.33 9.01
N VAL D 406 6.82 19.99 8.01
CA VAL D 406 7.34 19.97 6.65
C VAL D 406 8.34 21.10 6.49
N LYS D 407 9.57 20.78 6.13
CA LYS D 407 10.59 21.77 5.84
C LYS D 407 10.60 21.99 4.33
N LEU D 408 10.05 23.12 3.89
CA LEU D 408 9.89 23.40 2.48
C LEU D 408 11.13 24.12 1.95
N THR D 409 11.66 23.60 0.85
CA THR D 409 12.82 24.18 0.18
C THR D 409 12.44 25.51 -0.47
N LYS D 410 13.35 26.48 -0.41
CA LYS D 410 13.19 27.74 -1.13
C LYS D 410 14.06 27.75 -2.37
N LEU D 411 13.50 28.19 -3.48
CA LEU D 411 14.22 28.18 -4.74
C LEU D 411 15.35 29.19 -4.73
N THR D 412 16.49 28.80 -5.27
CA THR D 412 17.56 29.74 -5.49
C THR D 412 17.15 30.76 -6.54
N GLU D 413 17.71 31.96 -6.44
CA GLU D 413 17.43 33.02 -7.41
C GLU D 413 17.75 32.54 -8.82
N LYS D 414 18.93 31.94 -9.01
CA LYS D 414 19.26 31.30 -10.27
C LYS D 414 18.26 30.20 -10.62
N GLN D 415 17.78 29.46 -9.61
CA GLN D 415 16.84 28.37 -9.86
C GLN D 415 15.49 28.91 -10.34
N ALA D 416 14.98 29.95 -9.69
CA ALA D 416 13.68 30.49 -10.06
C ALA D 416 13.69 31.03 -11.49
N THR D 417 14.73 31.79 -11.84
CA THR D 417 14.88 32.27 -13.20
C THR D 417 14.81 31.14 -14.21
N TYR D 418 15.44 30.01 -13.89
CA TYR D 418 15.41 28.83 -14.74
C TYR D 418 13.99 28.31 -14.93
N LEU D 419 13.14 28.41 -13.91
CA LEU D 419 11.78 27.89 -13.94
C LEU D 419 10.74 28.95 -14.24
N GLY D 420 11.14 30.21 -14.43
CA GLY D 420 10.20 31.26 -14.77
C GLY D 420 9.20 31.59 -13.68
N VAL D 421 9.52 31.26 -12.44
CA VAL D 421 8.58 31.36 -11.33
C VAL D 421 9.21 32.19 -10.21
N SER D 422 8.40 33.06 -9.61
CA SER D 422 8.89 33.85 -8.49
C SER D 422 9.32 32.95 -7.35
N GLN D 423 10.31 33.40 -6.58
CA GLN D 423 10.72 32.65 -5.40
C GLN D 423 9.56 32.48 -4.44
N THR D 424 8.71 33.50 -4.28
CA THR D 424 7.63 33.40 -3.32
C THR D 424 6.40 32.70 -3.87
N GLY D 425 6.28 32.59 -5.20
CA GLY D 425 5.11 32.01 -5.81
C GLY D 425 4.48 32.95 -6.83
N PRO D 426 3.56 32.44 -7.64
CA PRO D 426 3.06 31.06 -7.71
C PRO D 426 3.99 30.15 -8.49
N PHE D 427 3.93 28.84 -8.20
CA PHE D 427 4.89 27.89 -8.72
C PHE D 427 4.38 27.05 -9.88
N LYS D 428 3.07 26.97 -10.08
CA LYS D 428 2.55 26.12 -11.14
C LYS D 428 1.68 26.92 -12.11
N PRO D 429 1.60 26.49 -13.35
CA PRO D 429 0.69 27.16 -14.30
C PRO D 429 -0.76 26.92 -13.91
N ASP D 430 -1.66 27.70 -14.51
CA ASP D 430 -3.05 27.59 -14.15
C ASP D 430 -3.61 26.21 -14.46
N HIS D 431 -3.25 25.65 -15.62
CA HIS D 431 -3.79 24.36 -16.02
C HIS D 431 -3.25 23.20 -15.20
N TYR D 432 -2.41 23.47 -14.20
CA TYR D 432 -1.73 22.40 -13.48
C TYR D 432 -2.73 21.62 -12.61
N ARG D 433 -2.76 20.29 -12.78
CA ARG D 433 -3.75 19.45 -12.13
C ARG D 433 -3.29 18.87 -10.79
N TYR D 434 -2.00 18.96 -10.46
CA TYR D 434 -1.48 18.49 -9.18
C TYR D 434 -1.63 16.98 -9.01
PA NAD E . 5.72 -22.56 0.71
O1A NAD E . 5.38 -23.87 1.29
O2A NAD E . 5.71 -21.72 1.91
O5B NAD E . 4.57 -22.06 -0.37
C5B NAD E . 3.94 -23.00 -1.19
C4B NAD E . 2.48 -22.78 -1.16
O4B NAD E . 1.82 -23.26 -2.42
C3B NAD E . 1.84 -23.51 -0.01
O3B NAD E . 1.14 -22.56 0.83
C2B NAD E . 0.90 -24.48 -0.57
O2B NAD E . -0.35 -24.45 0.17
C1B NAD E . 0.59 -24.07 -1.96
N9A NAD E . 0.36 -25.15 -2.85
C8A NAD E . 0.89 -26.32 -2.68
N7A NAD E . 0.45 -27.16 -3.76
C5A NAD E . -0.44 -26.15 -4.53
C6A NAD E . -1.23 -26.13 -5.67
N6A NAD E . -1.36 -27.32 -6.50
N1A NAD E . -1.85 -25.01 -6.00
C2A NAD E . -1.69 -23.95 -5.21
N3A NAD E . -0.95 -23.85 -4.10
C4A NAD E . -0.36 -25.00 -3.83
O3 NAD E . 7.20 -22.60 0.01
PN NAD E . 8.01 -21.24 -0.46
O1N NAD E . 8.90 -20.74 0.57
O2N NAD E . 7.08 -20.12 -0.61
O5D NAD E . 8.81 -21.55 -1.87
C5D NAD E . 8.08 -22.19 -2.87
C4D NAD E . 8.98 -22.61 -3.98
O4D NAD E . 9.84 -21.50 -4.46
C3D NAD E . 9.93 -23.65 -3.49
O3D NAD E . 10.25 -24.51 -4.60
C2D NAD E . 11.14 -22.91 -3.07
O2D NAD E . 12.25 -23.80 -3.07
C1D NAD E . 11.25 -21.86 -4.11
N1N NAD E . 11.89 -20.64 -3.78
C2N NAD E . 12.50 -19.92 -4.85
C3N NAD E . 13.14 -18.71 -4.62
C7N NAD E . 13.79 -17.96 -5.77
O7N NAD E . 14.72 -17.25 -5.59
N7N NAD E . 13.24 -18.13 -7.10
C4N NAD E . 13.18 -18.19 -3.29
C5N NAD E . 12.58 -18.92 -2.23
C6N NAD E . 11.93 -20.12 -2.48
H51A NAD E . 4.16 -24.01 -0.84
H52A NAD E . 4.31 -22.90 -2.22
H4B NAD E . 2.32 -21.71 -1.05
H3B NAD E . 2.60 -24.03 0.56
HO3A NAD E . 1.36 -21.68 0.56
H2B NAD E . 1.35 -25.46 -0.53
HO2A NAD E . -0.99 -24.01 -0.36
H1B NAD E . -0.33 -23.50 -1.95
H8A NAD E . 1.19 -26.69 -1.72
H61A NAD E . -1.55 -27.21 -7.48
H62A NAD E . -1.25 -28.23 -6.10
H2A NAD E . -2.21 -23.05 -5.51
H51N NAD E . 7.33 -21.52 -3.26
H52N NAD E . 7.59 -23.07 -2.46
H4D NAD E . 8.35 -22.96 -4.78
H3D NAD E . 9.52 -24.23 -2.67
HO3N NAD E . 10.18 -25.40 -4.34
H2D NAD E . 11.08 -22.48 -2.07
HO2N NAD E . 12.09 -24.51 -2.47
H1D NAD E . 11.86 -22.32 -4.88
H2N NAD E . 12.45 -20.31 -5.86
H71N NAD E . 13.64 -17.65 -7.89
H72N NAD E . 12.45 -18.73 -7.24
H4N NAD E . 13.68 -17.25 -3.09
H5N NAD E . 12.61 -18.53 -1.23
H6N NAD E . 11.47 -20.66 -1.66
O5' ADN F . 16.51 -22.00 -5.40
C5' ADN F . 16.04 -20.83 -4.74
C4' ADN F . 17.08 -20.28 -3.78
O4' ADN F . 17.98 -19.43 -4.51
C3' ADN F . 16.54 -19.46 -2.63
O3' ADN F . 16.57 -20.22 -1.42
C2' ADN F . 17.47 -18.24 -2.53
O2' ADN F . 18.11 -18.12 -1.28
C1' ADN F . 18.50 -18.46 -3.64
N9 ADN F . 18.77 -17.23 -4.41
C8 ADN F . 17.86 -16.31 -4.86
N7 ADN F . 18.38 -15.32 -5.51
C5 ADN F . 19.73 -15.58 -5.49
C6 ADN F . 20.83 -14.89 -6.00
N6 ADN F . 20.72 -13.73 -6.68
N1 ADN F . 22.05 -15.41 -5.81
C2 ADN F . 22.15 -16.56 -5.15
N3 ADN F . 21.19 -17.30 -4.61
C4 ADN F . 19.99 -16.76 -4.81
HO5' ADN F . 17.19 -21.79 -5.86
H5'1 ADN F . 15.24 -21.01 -4.22
H5'2 ADN F . 15.83 -20.13 -5.37
H4' ADN F . 17.58 -21.03 -3.42
H3' ADN F . 15.65 -19.15 -2.84
HO3' ADN F . 15.94 -20.77 -1.42
H2' ADN F . 16.96 -17.44 -2.76
HO2' ADN F . 17.63 -17.62 -0.78
H1' ADN F . 19.35 -18.76 -3.28
H8 ADN F . 16.94 -16.41 -4.71
HN61 ADN F . 20.90 -13.70 -7.52
HN62 ADN F . 20.49 -13.01 -6.28
H2 ADN F . 23.02 -16.88 -5.04
PA NAD G . 6.05 18.64 -12.46
O1A NAD G . 5.84 20.07 -12.54
O2A NAD G . 4.69 18.16 -12.31
O5B NAD G . 6.99 18.24 -11.16
C5B NAD G . 8.02 19.12 -10.79
C4B NAD G . 8.03 19.32 -9.33
O4B NAD G . 9.44 19.47 -8.85
C3B NAD G . 7.29 20.55 -8.91
O3B NAD G . 6.22 20.18 -8.01
C2B NAD G . 8.23 21.44 -8.24
O2B NAD G . 7.67 22.01 -7.04
C1B NAD G . 9.39 20.62 -7.84
N9A NAD G . 10.60 21.38 -7.81
C8A NAD G . 10.85 22.26 -8.72
N7A NAD G . 12.14 22.86 -8.40
C5A NAD G . 12.46 22.07 -7.12
C6A NAD G . 13.48 22.01 -6.20
N6A NAD G . 14.62 22.90 -6.38
N1A NAD G . 13.40 21.17 -5.18
C2A NAD G . 12.31 20.40 -5.12
N3A NAD G . 11.27 20.36 -5.94
C4A NAD G . 11.42 21.22 -6.92
O3 NAD G . 6.73 18.06 -13.85
PN NAD G . 6.81 16.45 -14.15
O1N NAD G . 5.65 15.96 -14.89
O2N NAD G . 6.70 15.71 -12.88
O5D NAD G . 8.23 16.10 -14.92
C5D NAD G . 9.38 16.54 -14.27
C4D NAD G . 10.59 16.40 -15.12
O4D NAD G . 10.80 15.01 -15.62
C3D NAD G . 10.48 17.21 -16.39
O3D NAD G . 11.83 17.51 -16.77
C2D NAD G . 9.85 16.29 -17.36
O2D NAD G . 10.06 16.79 -18.68
C1D NAD G . 10.54 15.00 -17.09
N1N NAD G . 9.84 13.80 -17.42
C2N NAD G . 10.57 12.57 -17.54
C3N NAD G . 9.91 11.38 -17.86
C7N NAD G . 10.67 10.06 -17.99
O7N NAD G . 10.26 9.22 -18.73
N7N NAD G . 11.87 9.81 -17.21
C4N NAD G . 8.50 11.40 -18.08
C5N NAD G . 7.79 12.62 -17.97
C6N NAD G . 8.45 13.78 -17.64
H51A NAD G . 7.86 20.08 -11.28
H52A NAD G . 8.97 18.71 -11.11
H4B NAD G . 7.56 18.46 -8.87
H3B NAD G . 6.88 21.05 -9.78
HO3A NAD G . 6.52 19.48 -7.45
H2B NAD G . 8.51 22.23 -8.92
HO2A NAD G . 6.96 22.60 -7.26
H1B NAD G . 9.28 20.24 -6.83
H8A NAD G . 10.09 22.77 -9.30
H61A NAD G . 14.47 23.88 -6.57
H62A NAD G . 15.54 22.52 -6.33
H2A NAD G . 12.27 19.71 -4.27
H51N NAD G . 9.52 15.96 -13.37
H52N NAD G . 9.26 17.59 -14.03
H4D NAD G . 11.41 16.71 -14.50
H3D NAD G . 9.89 18.11 -16.28
HO3N NAD G . 12.42 16.95 -16.30
H2D NAD G . 8.79 16.18 -17.24
HO2N NAD G . 9.30 17.26 -18.96
H1D NAD G . 11.42 14.97 -17.72
H2N NAD G . 11.64 12.57 -17.36
H71N NAD G . 12.35 8.93 -17.30
H72N NAD G . 12.21 10.51 -16.59
H4N NAD G . 7.98 10.48 -18.33
H5N NAD G . 6.73 12.63 -18.13
H6N NAD G . 7.89 14.71 -17.56
O5' ADN H . 11.63 13.34 -22.16
C5' ADN H . 11.19 12.15 -21.52
C4' ADN H . 9.98 11.58 -22.22
O4' ADN H . 10.29 10.30 -22.81
C3' ADN H . 8.78 11.26 -21.35
O3' ADN H . 8.03 12.41 -21.01
C2' ADN H . 8.00 10.24 -22.20
O2' ADN H . 7.10 10.91 -23.07
C1' ADN H . 9.10 9.60 -23.06
N9 ADN H . 9.27 8.16 -22.79
C8 ADN H . 9.26 7.46 -21.61
N7 ADN H . 9.43 6.17 -21.77
C5 ADN H . 9.54 6.00 -23.12
C6 ADN H . 9.73 4.87 -23.93
N6 ADN H . 9.85 3.62 -23.47
N1 ADN H . 9.81 5.05 -25.26
C2 ADN H . 9.70 6.29 -25.74
N3 ADN H . 9.52 7.42 -25.08
C4 ADN H . 9.45 7.22 -23.77
HO5' ADN H . 11.87 13.88 -21.56
H5'1 ADN H . 10.94 12.30 -20.60
H5'2 ADN H . 11.87 11.45 -21.53
H4' ADN H . 9.71 12.21 -22.91
H3' ADN H . 9.09 10.81 -20.55
HO3' ADN H . 8.53 12.98 -20.66
H2' ADN H . 7.55 9.57 -21.65
HO2' ADN H . 6.33 10.95 -22.68
H1' ADN H . 8.88 9.63 -24.00
H8 ADN H . 9.14 7.88 -20.79
HN61 ADN H . 9.22 3.05 -23.62
HN62 ADN H . 10.54 3.36 -23.03
H2 ADN H . 9.76 6.35 -26.67
PA NAD I . 4.33 -10.15 20.44
O1A NAD I . 5.26 -11.02 21.17
O2A NAD I . 4.12 -10.89 19.20
O5B NAD I . 4.98 -8.67 20.10
C5B NAD I . 5.56 -7.93 21.13
C4B NAD I . 6.79 -7.33 20.58
O4B NAD I . 7.16 -6.13 21.37
C3B NAD I . 7.91 -8.31 20.66
O3B NAD I . 8.34 -8.65 19.32
C2B NAD I . 9.00 -7.67 21.40
O2B NAD I . 10.23 -7.78 20.64
C1B NAD I . 8.61 -6.22 21.55
N9A NAD I . 8.93 -5.62 22.80
C8A NAD I . 8.83 -6.26 23.91
N7A NAD I . 9.24 -5.35 24.96
C5A NAD I . 9.58 -4.11 24.11
C6A NAD I . 10.03 -2.83 24.31
N6A NAD I . 10.33 -2.40 25.67
N1A NAD I . 10.21 -2.03 23.28
C2A NAD I . 9.92 -2.51 22.07
N3A NAD I . 9.47 -3.71 21.74
C4A NAD I . 9.33 -4.46 22.82
O3 NAD I . 2.92 -9.93 21.24
PN NAD I . 1.62 -9.37 20.41
O1N NAD I . 0.89 -10.48 19.79
O2N NAD I . 2.08 -8.64 19.22
O5D NAD I . 0.66 -8.46 21.38
C5D NAD I . 1.26 -7.85 22.48
C4D NAD I . 0.26 -7.39 23.47
O4D NAD I . -1.04 -7.02 22.88
C3D NAD I . -0.04 -8.51 24.43
O3D NAD I . -0.23 -7.91 25.73
C2D NAD I . -1.29 -9.11 23.92
O2D NAD I . -1.95 -9.82 24.98
C1D NAD I . -2.08 -7.94 23.47
N1N NAD I . -3.07 -8.12 22.47
C2N NAD I . -4.13 -7.17 22.42
C3N NAD I . -5.14 -7.27 21.47
C7N NAD I . -6.27 -6.25 21.44
O7N NAD I . -7.13 -6.34 20.64
N7N NAD I . -6.31 -5.15 22.39
C4N NAD I . -5.10 -8.33 20.53
C5N NAD I . -4.05 -9.29 20.58
C6N NAD I . -3.05 -9.18 21.53
H51A NAD I . 5.79 -8.58 21.97
H52A NAD I . 4.87 -7.15 21.45
H4B NAD I . 6.64 -7.05 19.55
H3B NAD I . 7.60 -9.20 21.19
HO3A NAD I . 8.07 -7.98 18.73
H2B NAD I . 9.14 -8.13 22.38
HO2A NAD I . 10.66 -8.60 20.85
H1B NAD I . 9.17 -5.69 20.80
H8A NAD I . 8.14 -7.08 24.07
H61A NAD I . 10.33 -1.42 25.91
H62A NAD I . 10.54 -3.08 26.36
H2A NAD I . 10.07 -1.83 21.24
H51N NAD I . 1.83 -6.99 22.14
H52N NAD I . 1.93 -8.56 22.96
H4D NAD I . 0.69 -6.52 23.96
H3D NAD I . 0.74 -9.26 24.48
HO3N NAD I . 0.30 -7.13 25.79
H2D NAD I . -1.13 -9.82 23.12
HO2N NAD I . -1.64 -10.72 25.00
H1D NAD I . -2.62 -7.60 24.34
H2N NAD I . -4.14 -6.35 23.14
H71N NAD I . -5.60 -5.04 23.08
H72N NAD I . -7.07 -4.48 22.35
H4N NAD I . -5.88 -8.43 19.78
H5N NAD I . -4.03 -10.11 19.88
H6N NAD I . -2.24 -9.90 21.55
O5' ADN J . -7.13 -8.45 25.61
C5' ADN J . -7.01 -8.51 24.19
C4' ADN J . -7.78 -9.67 23.62
O4' ADN J . -9.12 -9.25 23.24
C3' ADN J . -7.17 -10.33 22.38
O3' ADN J . -6.84 -11.70 22.67
C2' ADN J . -8.28 -10.25 21.32
O2' ADN J . -8.40 -11.44 20.55
C1' ADN J . -9.53 -10.00 22.14
N9 ADN J . -10.58 -9.27 21.42
C8 ADN J . -10.45 -8.32 20.43
N7 ADN J . -11.58 -7.86 19.98
C5 ADN J . -12.53 -8.53 20.71
C6 ADN J . -13.95 -8.48 20.70
N6 ADN J . -14.65 -7.69 19.89
N1 ADN J . -14.59 -9.28 21.56
C2 ADN J . -13.88 -10.08 22.36
N3 ADN J . -12.57 -10.20 22.46
C4 ADN J . -11.94 -9.40 21.60
HO5' ADN J . -6.94 -9.22 25.92
H5'1 ADN J . -6.08 -8.61 23.91
H5'2 ADN J . -7.35 -7.71 23.77
H4' ADN J . -7.86 -10.34 24.32
H3' ADN J . -6.40 -9.82 22.08
HO3' ADN J . -7.47 -12.20 22.38
H2' ADN J . -8.12 -9.48 20.74
HO2' ADN J . -7.63 -11.76 20.43
H1' ADN J . -9.95 -10.83 22.41
H8 ADN J . -9.62 -8.05 20.11
HN61 ADN J . -14.85 -7.95 19.11
HN62 ADN J . -14.92 -6.92 20.15
H2 ADN J . -14.39 -10.61 22.93
PA NAD K . -16.29 14.05 -9.08
O1A NAD K . -16.78 14.56 -10.35
O2A NAD K . -14.86 14.30 -9.18
O5B NAD K . -16.60 12.43 -8.93
C5B NAD K . -17.80 11.90 -9.47
C4B NAD K . -17.47 10.87 -10.48
O4B NAD K . -18.58 9.85 -10.51
C3B NAD K . -17.33 11.42 -11.86
O3B NAD K . -15.95 11.27 -12.30
C2B NAD K . -18.25 10.69 -12.73
O2B NAD K . -17.63 10.17 -13.92
C1B NAD K . -18.77 9.51 -12.00
N9A NAD K . -20.12 9.18 -12.28
C8A NAD K . -21.01 10.05 -12.60
N7A NAD K . -22.26 9.37 -12.81
C5A NAD K . -21.81 7.92 -12.51
C6A NAD K . -22.36 6.67 -12.48
N6A NAD K . -23.77 6.47 -12.78
N1A NAD K . -21.60 5.63 -12.16
C2A NAD K . -20.31 5.87 -11.89
N3A NAD K . -19.66 7.03 -11.89
C4A NAD K . -20.49 8.01 -12.21
O3 NAD K . -16.96 14.86 -7.81
PN NAD K . -16.57 14.50 -6.25
O1N NAD K . -15.56 15.41 -5.70
O2N NAD K . -15.89 13.21 -6.17
O5D NAD K . -17.93 14.50 -5.35
C5D NAD K . -18.97 13.64 -5.73
C4D NAD K . -20.09 13.93 -4.80
O4D NAD K . -19.66 13.70 -3.41
C3D NAD K . -20.42 15.37 -4.93
O3D NAD K . -21.84 15.47 -4.92
C2D NAD K . -19.88 16.05 -3.73
O2D NAD K . -20.77 17.09 -3.29
C1D NAD K . -19.78 14.99 -2.69
N1N NAD K . -18.70 15.18 -1.78
C2N NAD K . -18.93 14.85 -0.43
C3N NAD K . -17.91 15.02 0.51
C7N NAD K . -18.19 14.65 1.97
O7N NAD K . -17.66 15.25 2.85
N7N NAD K . -19.11 13.56 2.29
C4N NAD K . -16.64 15.53 0.11
C5N NAD K . -16.43 15.86 -1.26
C6N NAD K . -17.44 15.68 -2.18
H51A NAD K . -18.36 12.70 -9.94
H52A NAD K . -18.39 11.47 -8.67
H4B NAD K . -16.53 10.43 -10.20
H3B NAD K . -17.60 12.47 -11.88
HO3A NAD K . -15.67 10.39 -12.17
H2B NAD K . -19.03 11.40 -12.99
HO2A NAD K . -18.08 9.39 -14.18
H1B NAD K . -18.20 8.64 -12.32
H8A NAD K . -20.77 11.00 -13.07
H61A NAD K . -24.20 5.59 -12.59
H62A NAD K . -24.30 7.22 -13.18
H2A NAD K . -19.71 4.99 -11.63
H51N NAD K . -18.65 12.61 -5.63
H52N NAD K . -19.27 13.84 -6.75
H4D NAD K . -20.94 13.30 -5.03
H3D NAD K . -19.98 15.82 -5.81
HO3N NAD K . -22.06 16.19 -4.36
H2D NAD K . -18.92 16.50 -3.95
HO2N NAD K . -20.33 17.62 -2.65
H1D NAD K . -20.68 15.01 -2.09
H2N NAD K . -19.89 14.46 -0.12
H71N NAD K . -19.29 13.32 3.23
H72N NAD K . -19.55 13.06 1.54
H4N NAD K . -15.86 15.66 0.84
H5N NAD K . -15.47 16.24 -1.57
H6N NAD K . -17.27 15.94 -3.22
#